data_3G27
# 
_entry.id   3G27 
# 
_audit_conform.dict_name       mmcif_pdbx.dic 
_audit_conform.dict_version    5.398 
_audit_conform.dict_location   http://mmcif.pdb.org/dictionaries/ascii/mmcif_pdbx.dic 
# 
loop_
_database_2.database_id 
_database_2.database_code 
_database_2.pdbx_database_accession 
_database_2.pdbx_DOI 
PDB   3G27         pdb_00003g27 10.2210/pdb3g27/pdb 
RCSB  RCSB051329   ?            ?                   
WWPDB D_1000051329 ?            ?                   
# 
loop_
_pdbx_audit_revision_history.ordinal 
_pdbx_audit_revision_history.data_content_type 
_pdbx_audit_revision_history.major_revision 
_pdbx_audit_revision_history.minor_revision 
_pdbx_audit_revision_history.revision_date 
1 'Structure model' 1 0 2009-03-24 
2 'Structure model' 1 1 2011-07-13 
3 'Structure model' 1 2 2017-11-01 
4 'Structure model' 1 3 2024-11-06 
# 
_pdbx_audit_revision_details.ordinal             1 
_pdbx_audit_revision_details.revision_ordinal    1 
_pdbx_audit_revision_details.data_content_type   'Structure model' 
_pdbx_audit_revision_details.provider            repository 
_pdbx_audit_revision_details.type                'Initial release' 
_pdbx_audit_revision_details.description         ? 
_pdbx_audit_revision_details.details             ? 
# 
loop_
_pdbx_audit_revision_group.ordinal 
_pdbx_audit_revision_group.revision_ordinal 
_pdbx_audit_revision_group.data_content_type 
_pdbx_audit_revision_group.group 
1 2 'Structure model' Advisory                    
2 2 'Structure model' 'Version format compliance' 
3 3 'Structure model' 'Refinement description'    
4 4 'Structure model' 'Data collection'           
5 4 'Structure model' 'Database references'       
6 4 'Structure model' 'Derived calculations'      
7 4 'Structure model' 'Structure summary'         
# 
loop_
_pdbx_audit_revision_category.ordinal 
_pdbx_audit_revision_category.revision_ordinal 
_pdbx_audit_revision_category.data_content_type 
_pdbx_audit_revision_category.category 
1 3 'Structure model' software                  
2 4 'Structure model' chem_comp_atom            
3 4 'Structure model' chem_comp_bond            
4 4 'Structure model' database_2                
5 4 'Structure model' pdbx_entry_details        
6 4 'Structure model' pdbx_modification_feature 
7 4 'Structure model' struct_conn               
8 4 'Structure model' struct_site               
# 
loop_
_pdbx_audit_revision_item.ordinal 
_pdbx_audit_revision_item.revision_ordinal 
_pdbx_audit_revision_item.data_content_type 
_pdbx_audit_revision_item.item 
1  4 'Structure model' '_database_2.pdbx_DOI'                
2  4 'Structure model' '_database_2.pdbx_database_accession' 
3  4 'Structure model' '_struct_conn.pdbx_dist_value'        
4  4 'Structure model' '_struct_conn.pdbx_leaving_atom_flag' 
5  4 'Structure model' '_struct_conn.ptnr1_label_atom_id'    
6  4 'Structure model' '_struct_conn.ptnr2_auth_comp_id'     
7  4 'Structure model' '_struct_conn.ptnr2_auth_seq_id'      
8  4 'Structure model' '_struct_conn.ptnr2_label_asym_id'    
9  4 'Structure model' '_struct_conn.ptnr2_label_atom_id'    
10 4 'Structure model' '_struct_conn.ptnr2_label_comp_id'    
11 4 'Structure model' '_struct_site.pdbx_auth_asym_id'      
12 4 'Structure model' '_struct_site.pdbx_auth_comp_id'      
13 4 'Structure model' '_struct_site.pdbx_auth_seq_id'       
# 
_pdbx_database_status.entry_id                        3G27 
_pdbx_database_status.deposit_site                    RCSB 
_pdbx_database_status.process_site                    RCSB 
_pdbx_database_status.recvd_initial_deposition_date   2009-01-30 
_pdbx_database_status.status_code                     REL 
_pdbx_database_status.status_code_sf                  REL 
_pdbx_database_status.status_code_mr                  ? 
_pdbx_database_status.SG_entry                        Y 
_pdbx_database_status.pdb_format_compatible           Y 
_pdbx_database_status.status_code_cs                  ? 
_pdbx_database_status.methods_development_category    ? 
_pdbx_database_status.status_code_nmr_data            ? 
# 
_pdbx_database_related.db_name        TargetDB 
_pdbx_database_related.db_id          apc7442 
_pdbx_database_related.details        . 
_pdbx_database_related.content_type   unspecified 
# 
loop_
_audit_author.name 
_audit_author.pdbx_ordinal 
'Cuff, M.E.'                                    1 
'Evdokimova, E.'                                2 
'Kudritska, M.'                                 3 
'Edwards, A.'                                   4 
'Savchenko, A.'                                 5 
'Joachimiak, A.'                                6 
'Midwest Center for Structural Genomics (MCSG)' 7 
# 
_citation.id                        primary 
_citation.title                     'Structure of a putative bacteriophage protein from Escherichia coli str. K-12 substr. MG1655' 
_citation.journal_abbrev            'TO BE PUBLISHED' 
_citation.journal_volume            ? 
_citation.page_first                ? 
_citation.page_last                 ? 
_citation.year                      ? 
_citation.journal_id_ASTM           ? 
_citation.country                   ? 
_citation.journal_id_ISSN           ? 
_citation.journal_id_CSD            0353 
_citation.book_publisher            ? 
_citation.pdbx_database_id_PubMed   ? 
_citation.pdbx_database_id_DOI      ? 
# 
loop_
_citation_author.citation_id 
_citation_author.name 
_citation_author.ordinal 
_citation_author.identifier_ORCID 
primary 'Cuff, M.E.'     1 ? 
primary 'Evdokimova, E.' 2 ? 
primary 'Kudritska, M.'  3 ? 
primary 'Edwards, A.'    4 ? 
primary 'Savchenko, A.'  5 ? 
primary 'Joachimiak, A.' 6 ? 
# 
loop_
_entity.id 
_entity.type 
_entity.src_method 
_entity.pdbx_description 
_entity.formula_weight 
_entity.pdbx_number_of_molecules 
_entity.pdbx_ec 
_entity.pdbx_mutation 
_entity.pdbx_fragment 
_entity.details 
1 polymer     man '82 prophage-derived uncharacterized protein ybcO' 10457.820 1  ? ? ? 'predicted prophage protein' 
2 non-polymer syn 'ZINC ION'                                         65.409    1  ? ? ? ?                            
3 non-polymer syn 'CALCIUM ION'                                      40.078    1  ? ? ? ?                            
4 non-polymer syn 1,2-ETHANEDIOL                                     62.068    1  ? ? ? ?                            
5 water       nat water                                              18.015    44 ? ? ? ?                            
# 
_entity_poly.entity_id                      1 
_entity_poly.type                           'polypeptide(L)' 
_entity_poly.nstd_linkage                   no 
_entity_poly.nstd_monomer                   yes 
_entity_poly.pdbx_seq_one_letter_code       
;(MSE)ADLRKAARGRECQVRIPGVCNGNPETSVLAHIRLTGLCGTGTKPPDLIATIACSACHDEIDRRTHFVDAGYAKEC
ALEG(MSE)ARTQVIWLKEGVIKA
;
_entity_poly.pdbx_seq_one_letter_code_can   
;MADLRKAARGRECQVRIPGVCNGNPETSVLAHIRLTGLCGTGTKPPDLIATIACSACHDEIDRRTHFVDAGYAKECALEG
MARTQVIWLKEGVIKA
;
_entity_poly.pdbx_strand_id                 A 
_entity_poly.pdbx_target_identifier         apc7442 
# 
loop_
_pdbx_entity_nonpoly.entity_id 
_pdbx_entity_nonpoly.name 
_pdbx_entity_nonpoly.comp_id 
2 'ZINC ION'     ZN  
3 'CALCIUM ION'  CA  
4 1,2-ETHANEDIOL EDO 
5 water          HOH 
# 
loop_
_entity_poly_seq.entity_id 
_entity_poly_seq.num 
_entity_poly_seq.mon_id 
_entity_poly_seq.hetero 
1 1  MSE n 
1 2  ALA n 
1 3  ASP n 
1 4  LEU n 
1 5  ARG n 
1 6  LYS n 
1 7  ALA n 
1 8  ALA n 
1 9  ARG n 
1 10 GLY n 
1 11 ARG n 
1 12 GLU n 
1 13 CYS n 
1 14 GLN n 
1 15 VAL n 
1 16 ARG n 
1 17 ILE n 
1 18 PRO n 
1 19 GLY n 
1 20 VAL n 
1 21 CYS n 
1 22 ASN n 
1 23 GLY n 
1 24 ASN n 
1 25 PRO n 
1 26 GLU n 
1 27 THR n 
1 28 SER n 
1 29 VAL n 
1 30 LEU n 
1 31 ALA n 
1 32 HIS n 
1 33 ILE n 
1 34 ARG n 
1 35 LEU n 
1 36 THR n 
1 37 GLY n 
1 38 LEU n 
1 39 CYS n 
1 40 GLY n 
1 41 THR n 
1 42 GLY n 
1 43 THR n 
1 44 LYS n 
1 45 PRO n 
1 46 PRO n 
1 47 ASP n 
1 48 LEU n 
1 49 ILE n 
1 50 ALA n 
1 51 THR n 
1 52 ILE n 
1 53 ALA n 
1 54 CYS n 
1 55 SER n 
1 56 ALA n 
1 57 CYS n 
1 58 HIS n 
1 59 ASP n 
1 60 GLU n 
1 61 ILE n 
1 62 ASP n 
1 63 ARG n 
1 64 ARG n 
1 65 THR n 
1 66 HIS n 
1 67 PHE n 
1 68 VAL n 
1 69 ASP n 
1 70 ALA n 
1 71 GLY n 
1 72 TYR n 
1 73 ALA n 
1 74 LYS n 
1 75 GLU n 
1 76 CYS n 
1 77 ALA n 
1 78 LEU n 
1 79 GLU n 
1 80 GLY n 
1 81 MSE n 
1 82 ALA n 
1 83 ARG n 
1 84 THR n 
1 85 GLN n 
1 86 VAL n 
1 87 ILE n 
1 88 TRP n 
1 89 LEU n 
1 90 LYS n 
1 91 GLU n 
1 92 GLY n 
1 93 VAL n 
1 94 ILE n 
1 95 LYS n 
1 96 ALA n 
# 
_entity_src_gen.entity_id                          1 
_entity_src_gen.pdbx_src_id                        1 
_entity_src_gen.pdbx_alt_source_flag               sample 
_entity_src_gen.pdbx_seq_type                      ? 
_entity_src_gen.pdbx_beg_seq_num                   ? 
_entity_src_gen.pdbx_end_seq_num                   ? 
_entity_src_gen.gene_src_common_name               ? 
_entity_src_gen.gene_src_genus                     ? 
_entity_src_gen.pdbx_gene_src_gene                 'b0549, JW0537, ybcO' 
_entity_src_gen.gene_src_species                   ? 
_entity_src_gen.gene_src_strain                    'K-12 substr. MG1655' 
_entity_src_gen.gene_src_tissue                    ? 
_entity_src_gen.gene_src_tissue_fraction           ? 
_entity_src_gen.gene_src_details                   ? 
_entity_src_gen.pdbx_gene_src_fragment             ? 
_entity_src_gen.pdbx_gene_src_scientific_name      'Escherichia coli K-12' 
_entity_src_gen.pdbx_gene_src_ncbi_taxonomy_id     83333 
_entity_src_gen.pdbx_gene_src_variant              ? 
_entity_src_gen.pdbx_gene_src_cell_line            ? 
_entity_src_gen.pdbx_gene_src_atcc                 ? 
_entity_src_gen.pdbx_gene_src_organ                ? 
_entity_src_gen.pdbx_gene_src_organelle            ? 
_entity_src_gen.pdbx_gene_src_cell                 ? 
_entity_src_gen.pdbx_gene_src_cellular_location    ? 
_entity_src_gen.host_org_common_name               ? 
_entity_src_gen.pdbx_host_org_scientific_name      'Escherichia coli' 
_entity_src_gen.pdbx_host_org_ncbi_taxonomy_id     562 
_entity_src_gen.host_org_genus                     ? 
_entity_src_gen.pdbx_host_org_gene                 ? 
_entity_src_gen.pdbx_host_org_organ                ? 
_entity_src_gen.host_org_species                   ? 
_entity_src_gen.pdbx_host_org_tissue               ? 
_entity_src_gen.pdbx_host_org_tissue_fraction      ? 
_entity_src_gen.pdbx_host_org_strain               'BL21(DE3)' 
_entity_src_gen.pdbx_host_org_variant              ? 
_entity_src_gen.pdbx_host_org_cell_line            ? 
_entity_src_gen.pdbx_host_org_atcc                 ? 
_entity_src_gen.pdbx_host_org_culture_collection   ? 
_entity_src_gen.pdbx_host_org_cell                 ? 
_entity_src_gen.pdbx_host_org_organelle            ? 
_entity_src_gen.pdbx_host_org_cellular_location    ? 
_entity_src_gen.pdbx_host_org_vector_type          plasmid 
_entity_src_gen.pdbx_host_org_vector               ? 
_entity_src_gen.host_org_details                   ? 
_entity_src_gen.expression_system_id               ? 
_entity_src_gen.plasmid_name                       'modified p11' 
_entity_src_gen.plasmid_details                    ? 
_entity_src_gen.pdbx_description                   ? 
# 
loop_
_chem_comp.id 
_chem_comp.type 
_chem_comp.mon_nstd_flag 
_chem_comp.name 
_chem_comp.pdbx_synonyms 
_chem_comp.formula 
_chem_comp.formula_weight 
ALA 'L-peptide linking' y ALANINE          ?                 'C3 H7 N O2'     89.093  
ARG 'L-peptide linking' y ARGININE         ?                 'C6 H15 N4 O2 1' 175.209 
ASN 'L-peptide linking' y ASPARAGINE       ?                 'C4 H8 N2 O3'    132.118 
ASP 'L-peptide linking' y 'ASPARTIC ACID'  ?                 'C4 H7 N O4'     133.103 
CA  non-polymer         . 'CALCIUM ION'    ?                 'Ca 2'           40.078  
CYS 'L-peptide linking' y CYSTEINE         ?                 'C3 H7 N O2 S'   121.158 
EDO non-polymer         . 1,2-ETHANEDIOL   'ETHYLENE GLYCOL' 'C2 H6 O2'       62.068  
GLN 'L-peptide linking' y GLUTAMINE        ?                 'C5 H10 N2 O3'   146.144 
GLU 'L-peptide linking' y 'GLUTAMIC ACID'  ?                 'C5 H9 N O4'     147.129 
GLY 'peptide linking'   y GLYCINE          ?                 'C2 H5 N O2'     75.067  
HIS 'L-peptide linking' y HISTIDINE        ?                 'C6 H10 N3 O2 1' 156.162 
HOH non-polymer         . WATER            ?                 'H2 O'           18.015  
ILE 'L-peptide linking' y ISOLEUCINE       ?                 'C6 H13 N O2'    131.173 
LEU 'L-peptide linking' y LEUCINE          ?                 'C6 H13 N O2'    131.173 
LYS 'L-peptide linking' y LYSINE           ?                 'C6 H15 N2 O2 1' 147.195 
MSE 'L-peptide linking' n SELENOMETHIONINE ?                 'C5 H11 N O2 Se' 196.106 
PHE 'L-peptide linking' y PHENYLALANINE    ?                 'C9 H11 N O2'    165.189 
PRO 'L-peptide linking' y PROLINE          ?                 'C5 H9 N O2'     115.130 
SER 'L-peptide linking' y SERINE           ?                 'C3 H7 N O3'     105.093 
THR 'L-peptide linking' y THREONINE        ?                 'C4 H9 N O3'     119.119 
TRP 'L-peptide linking' y TRYPTOPHAN       ?                 'C11 H12 N2 O2'  204.225 
TYR 'L-peptide linking' y TYROSINE         ?                 'C9 H11 N O3'    181.189 
VAL 'L-peptide linking' y VALINE           ?                 'C5 H11 N O2'    117.146 
ZN  non-polymer         . 'ZINC ION'       ?                 'Zn 2'           65.409  
# 
loop_
_pdbx_poly_seq_scheme.asym_id 
_pdbx_poly_seq_scheme.entity_id 
_pdbx_poly_seq_scheme.seq_id 
_pdbx_poly_seq_scheme.mon_id 
_pdbx_poly_seq_scheme.ndb_seq_num 
_pdbx_poly_seq_scheme.pdb_seq_num 
_pdbx_poly_seq_scheme.auth_seq_num 
_pdbx_poly_seq_scheme.pdb_mon_id 
_pdbx_poly_seq_scheme.auth_mon_id 
_pdbx_poly_seq_scheme.pdb_strand_id 
_pdbx_poly_seq_scheme.pdb_ins_code 
_pdbx_poly_seq_scheme.hetero 
A 1 1  MSE 1  1  ?  ?   ?   A . n 
A 1 2  ALA 2  2  ?  ?   ?   A . n 
A 1 3  ASP 3  3  ?  ?   ?   A . n 
A 1 4  LEU 4  4  ?  ?   ?   A . n 
A 1 5  ARG 5  5  5  ARG ARG A . n 
A 1 6  LYS 6  6  6  LYS LYS A . n 
A 1 7  ALA 7  7  7  ALA ALA A . n 
A 1 8  ALA 8  8  8  ALA ALA A . n 
A 1 9  ARG 9  9  9  ARG ARG A . n 
A 1 10 GLY 10 10 10 GLY GLY A . n 
A 1 11 ARG 11 11 11 ARG ARG A . n 
A 1 12 GLU 12 12 12 GLU GLU A . n 
A 1 13 CYS 13 13 13 CYS CYS A . n 
A 1 14 GLN 14 14 14 GLN GLN A . n 
A 1 15 VAL 15 15 15 VAL VAL A . n 
A 1 16 ARG 16 16 16 ARG ARG A . n 
A 1 17 ILE 17 17 17 ILE ILE A . n 
A 1 18 PRO 18 18 18 PRO PRO A . n 
A 1 19 GLY 19 19 19 GLY GLY A . n 
A 1 20 VAL 20 20 20 VAL VAL A . n 
A 1 21 CYS 21 21 21 CYS CYS A . n 
A 1 22 ASN 22 22 22 ASN ASN A . n 
A 1 23 GLY 23 23 23 GLY GLY A . n 
A 1 24 ASN 24 24 24 ASN ASN A . n 
A 1 25 PRO 25 25 25 PRO PRO A . n 
A 1 26 GLU 26 26 26 GLU GLU A . n 
A 1 27 THR 27 27 27 THR THR A . n 
A 1 28 SER 28 28 28 SER SER A . n 
A 1 29 VAL 29 29 29 VAL VAL A . n 
A 1 30 LEU 30 30 30 LEU LEU A . n 
A 1 31 ALA 31 31 31 ALA ALA A . n 
A 1 32 HIS 32 32 32 HIS HIS A . n 
A 1 33 ILE 33 33 33 ILE ILE A . n 
A 1 34 ARG 34 34 34 ARG ARG A . n 
A 1 35 LEU 35 35 ?  ?   ?   A . n 
A 1 36 THR 36 36 ?  ?   ?   A . n 
A 1 37 GLY 37 37 ?  ?   ?   A . n 
A 1 38 LEU 38 38 ?  ?   ?   A . n 
A 1 39 CYS 39 39 ?  ?   ?   A . n 
A 1 40 GLY 40 40 ?  ?   ?   A . n 
A 1 41 THR 41 41 ?  ?   ?   A . n 
A 1 42 GLY 42 42 ?  ?   ?   A . n 
A 1 43 THR 43 43 ?  ?   ?   A . n 
A 1 44 LYS 44 44 44 LYS LYS A . n 
A 1 45 PRO 45 45 45 PRO PRO A . n 
A 1 46 PRO 46 46 46 PRO PRO A . n 
A 1 47 ASP 47 47 47 ASP ASP A . n 
A 1 48 LEU 48 48 48 LEU LEU A . n 
A 1 49 ILE 49 49 49 ILE ILE A . n 
A 1 50 ALA 50 50 50 ALA ALA A . n 
A 1 51 THR 51 51 51 THR THR A . n 
A 1 52 ILE 52 52 52 ILE ILE A . n 
A 1 53 ALA 53 53 53 ALA ALA A . n 
A 1 54 CYS 54 54 54 CYS CYS A . n 
A 1 55 SER 55 55 55 SER SER A . n 
A 1 56 ALA 56 56 56 ALA ALA A . n 
A 1 57 CYS 57 57 57 CYS CYS A . n 
A 1 58 HIS 58 58 58 HIS HIS A . n 
A 1 59 ASP 59 59 59 ASP ASP A . n 
A 1 60 GLU 60 60 60 GLU GLU A . n 
A 1 61 ILE 61 61 61 ILE ILE A . n 
A 1 62 ASP 62 62 62 ASP ASP A . n 
A 1 63 ARG 63 63 63 ARG ARG A . n 
A 1 64 ARG 64 64 64 ARG ARG A . n 
A 1 65 THR 65 65 65 THR THR A . n 
A 1 66 HIS 66 66 66 HIS HIS A . n 
A 1 67 PHE 67 67 67 PHE PHE A . n 
A 1 68 VAL 68 68 68 VAL VAL A . n 
A 1 69 ASP 69 69 69 ASP ASP A . n 
A 1 70 ALA 70 70 70 ALA ALA A . n 
A 1 71 GLY 71 71 71 GLY GLY A . n 
A 1 72 TYR 72 72 72 TYR TYR A . n 
A 1 73 ALA 73 73 73 ALA ALA A . n 
A 1 74 LYS 74 74 74 LYS LYS A . n 
A 1 75 GLU 75 75 75 GLU GLU A . n 
A 1 76 CYS 76 76 76 CYS CYS A . n 
A 1 77 ALA 77 77 77 ALA ALA A . n 
A 1 78 LEU 78 78 78 LEU LEU A . n 
A 1 79 GLU 79 79 79 GLU GLU A . n 
A 1 80 GLY 80 80 80 GLY GLY A . n 
A 1 81 MSE 81 81 81 MSE MSE A . n 
A 1 82 ALA 82 82 82 ALA ALA A . n 
A 1 83 ARG 83 83 83 ARG ARG A . n 
A 1 84 THR 84 84 84 THR THR A . n 
A 1 85 GLN 85 85 85 GLN GLN A . n 
A 1 86 VAL 86 86 86 VAL VAL A . n 
A 1 87 ILE 87 87 87 ILE ILE A . n 
A 1 88 TRP 88 88 88 TRP TRP A . n 
A 1 89 LEU 89 89 89 LEU LEU A . n 
A 1 90 LYS 90 90 90 LYS LYS A . n 
A 1 91 GLU 91 91 91 GLU GLU A . n 
A 1 92 GLY 92 92 92 GLY GLY A . n 
A 1 93 VAL 93 93 93 VAL VAL A . n 
A 1 94 ILE 94 94 94 ILE ILE A . n 
A 1 95 LYS 95 95 ?  ?   ?   A . n 
A 1 96 ALA 96 96 ?  ?   ?   A . n 
# 
loop_
_pdbx_nonpoly_scheme.asym_id 
_pdbx_nonpoly_scheme.entity_id 
_pdbx_nonpoly_scheme.mon_id 
_pdbx_nonpoly_scheme.ndb_seq_num 
_pdbx_nonpoly_scheme.pdb_seq_num 
_pdbx_nonpoly_scheme.auth_seq_num 
_pdbx_nonpoly_scheme.pdb_mon_id 
_pdbx_nonpoly_scheme.auth_mon_id 
_pdbx_nonpoly_scheme.pdb_strand_id 
_pdbx_nonpoly_scheme.pdb_ins_code 
B 2 ZN  1  97  1  ZN  ZN  A . 
C 3 CA  1  98  1  CA  CA  A . 
D 4 EDO 1  99  1  EDO EDO A . 
E 5 HOH 1  100 1  HOH HOH A . 
E 5 HOH 2  101 2  HOH HOH A . 
E 5 HOH 3  102 3  HOH HOH A . 
E 5 HOH 4  103 4  HOH HOH A . 
E 5 HOH 5  104 5  HOH HOH A . 
E 5 HOH 6  105 6  HOH HOH A . 
E 5 HOH 7  106 7  HOH HOH A . 
E 5 HOH 8  107 8  HOH HOH A . 
E 5 HOH 9  108 9  HOH HOH A . 
E 5 HOH 10 109 10 HOH HOH A . 
E 5 HOH 11 110 11 HOH HOH A . 
E 5 HOH 12 111 12 HOH HOH A . 
E 5 HOH 13 112 13 HOH HOH A . 
E 5 HOH 14 113 14 HOH HOH A . 
E 5 HOH 15 114 15 HOH HOH A . 
E 5 HOH 16 115 16 HOH HOH A . 
E 5 HOH 17 116 17 HOH HOH A . 
E 5 HOH 18 117 18 HOH HOH A . 
E 5 HOH 19 118 19 HOH HOH A . 
E 5 HOH 20 119 20 HOH HOH A . 
E 5 HOH 21 120 21 HOH HOH A . 
E 5 HOH 22 121 22 HOH HOH A . 
E 5 HOH 23 122 23 HOH HOH A . 
E 5 HOH 24 123 24 HOH HOH A . 
E 5 HOH 25 124 25 HOH HOH A . 
E 5 HOH 26 125 26 HOH HOH A . 
E 5 HOH 27 126 27 HOH HOH A . 
E 5 HOH 28 127 28 HOH HOH A . 
E 5 HOH 29 128 29 HOH HOH A . 
E 5 HOH 30 129 30 HOH HOH A . 
E 5 HOH 31 130 31 HOH HOH A . 
E 5 HOH 32 131 32 HOH HOH A . 
E 5 HOH 33 132 33 HOH HOH A . 
E 5 HOH 34 133 34 HOH HOH A . 
E 5 HOH 35 134 35 HOH HOH A . 
E 5 HOH 36 135 36 HOH HOH A . 
E 5 HOH 37 136 37 HOH HOH A . 
E 5 HOH 38 137 38 HOH HOH A . 
E 5 HOH 39 138 39 HOH HOH A . 
E 5 HOH 40 139 40 HOH HOH A . 
E 5 HOH 41 140 41 HOH HOH A . 
E 5 HOH 42 141 42 HOH HOH A . 
E 5 HOH 43 142 43 HOH HOH A . 
E 5 HOH 44 143 44 HOH HOH A . 
# 
loop_
_pdbx_unobs_or_zero_occ_atoms.id 
_pdbx_unobs_or_zero_occ_atoms.PDB_model_num 
_pdbx_unobs_or_zero_occ_atoms.polymer_flag 
_pdbx_unobs_or_zero_occ_atoms.occupancy_flag 
_pdbx_unobs_or_zero_occ_atoms.auth_asym_id 
_pdbx_unobs_or_zero_occ_atoms.auth_comp_id 
_pdbx_unobs_or_zero_occ_atoms.auth_seq_id 
_pdbx_unobs_or_zero_occ_atoms.PDB_ins_code 
_pdbx_unobs_or_zero_occ_atoms.auth_atom_id 
_pdbx_unobs_or_zero_occ_atoms.label_alt_id 
_pdbx_unobs_or_zero_occ_atoms.label_asym_id 
_pdbx_unobs_or_zero_occ_atoms.label_comp_id 
_pdbx_unobs_or_zero_occ_atoms.label_seq_id 
_pdbx_unobs_or_zero_occ_atoms.label_atom_id 
1  1 Y 1 A ARG 5  ? CG  ? A ARG 5  CG  
2  1 Y 1 A ARG 5  ? CD  ? A ARG 5  CD  
3  1 Y 1 A ARG 5  ? NE  ? A ARG 5  NE  
4  1 Y 1 A ARG 5  ? CZ  ? A ARG 5  CZ  
5  1 Y 1 A ARG 5  ? NH1 ? A ARG 5  NH1 
6  1 Y 1 A ARG 5  ? NH2 ? A ARG 5  NH2 
7  1 Y 1 A ARG 9  ? CG  ? A ARG 9  CG  
8  1 Y 1 A ARG 9  ? CD  ? A ARG 9  CD  
9  1 Y 1 A ARG 9  ? NE  ? A ARG 9  NE  
10 1 Y 1 A ARG 9  ? CZ  ? A ARG 9  CZ  
11 1 Y 1 A ARG 9  ? NH1 ? A ARG 9  NH1 
12 1 Y 1 A ARG 9  ? NH2 ? A ARG 9  NH2 
13 1 Y 1 A LYS 44 ? CG  ? A LYS 44 CG  
14 1 Y 1 A LYS 44 ? CD  ? A LYS 44 CD  
15 1 Y 1 A LYS 44 ? CE  ? A LYS 44 CE  
16 1 Y 1 A LYS 44 ? NZ  ? A LYS 44 NZ  
17 1 Y 1 A LYS 74 ? CG  ? A LYS 74 CG  
18 1 Y 1 A LYS 74 ? CD  ? A LYS 74 CD  
19 1 Y 1 A LYS 74 ? CE  ? A LYS 74 CE  
20 1 Y 1 A LYS 74 ? NZ  ? A LYS 74 NZ  
21 1 Y 1 A GLU 91 ? CG  ? A GLU 91 CG  
22 1 Y 1 A GLU 91 ? CD  ? A GLU 91 CD  
23 1 Y 1 A GLU 91 ? OE1 ? A GLU 91 OE1 
24 1 Y 1 A GLU 91 ? OE2 ? A GLU 91 OE2 
# 
loop_
_software.name 
_software.version 
_software.date 
_software.type 
_software.contact_author 
_software.contact_author_email 
_software.classification 
_software.location 
_software.language 
_software.citation_id 
_software.pdbx_ordinal 
DENZO       .     ?               package 'Zbyszek Otwinowski' hkl@hkl-xray.com      'data reduction'  http://www.hkl-xray.com/ ? 
? 1  
SCALEPACK   .     ?               package 'Zbyszek Otwinowski' hkl@hkl-xray.com      'data scaling'    http://www.hkl-xray.com/ ? 
? 2  
REFMAC      .     ?               program 'Garib N. Murshudov' garib@ysbl.york.ac.uk refinement        
http://www.ccp4.ac.uk/dist/html/refmac5.html Fortran_77 ? 3  
PDB_EXTRACT 3.006 'June 11, 2008' package PDB                  help@deposit.rcsb.org 'data extraction' 
http://sw-tools.pdb.org/apps/PDB_EXTRACT/    C++        ? 4  
SBC-Collect .     ?               ?       ?                    ?                     'data collection' ? ?          ? 5  
HKL-3000    .     ?               ?       ?                    ?                     'data reduction'  ? ?          ? 6  
HKL-3000    .     ?               ?       ?                    ?                     'data scaling'    ? ?          ? 7  
HKL-3000    .     ?               ?       ?                    ?                     phasing           ? ?          ? 8  
SHELXD      .     ?               ?       ?                    ?                     phasing           ? ?          ? 9  
SHELXE      .     ?               ?       ?                    ?                     'model building'  ? ?          ? 10 
MLPHARE     .     ?               ?       ?                    ?                     phasing           ? ?          ? 11 
DM          .     ?               ?       ?                    ?                     phasing           ? ?          ? 12 
SOLVE       .     ?               ?       ?                    ?                     phasing           ? ?          ? 13 
RESOLVE     .     ?               ?       ?                    ?                     phasing           ? ?          ? 14 
ARP/wARP    .     ?               ?       ?                    ?                     'model building'  ? ?          ? 15 
CCP4        .     ?               ?       ?                    ?                     phasing           ? ?          ? 16 
O           .     ?               ?       ?                    ?                     'model building'  ? ?          ? 17 
Coot        .     ?               ?       ?                    ?                     'model building'  ? ?          ? 18 
# 
_cell.length_a           71.311 
_cell.length_b           71.311 
_cell.length_c           32.333 
_cell.angle_alpha        90.000 
_cell.angle_beta         90.000 
_cell.angle_gamma        120.000 
_cell.entry_id           3G27 
_cell.pdbx_unique_axis   ? 
_cell.Z_PDB              6 
_cell.length_a_esd       ? 
_cell.length_b_esd       ? 
_cell.length_c_esd       ? 
_cell.angle_alpha_esd    ? 
_cell.angle_beta_esd     ? 
_cell.angle_gamma_esd    ? 
# 
_symmetry.space_group_name_H-M             'P 31 2 1' 
_symmetry.entry_id                         3G27 
_symmetry.Int_Tables_number                152 
_symmetry.pdbx_full_space_group_name_H-M   ? 
_symmetry.cell_setting                     ? 
_symmetry.space_group_name_Hall            ? 
# 
_exptl.crystals_number   1 
_exptl.entry_id          3G27 
_exptl.method            'X-RAY DIFFRACTION' 
# 
_exptl_crystal.id                    1 
_exptl_crystal.density_Matthews      2.27 
_exptl_crystal.density_meas          ? 
_exptl_crystal.density_percent_sol   45.80 
_exptl_crystal.description           ? 
_exptl_crystal.F_000                 ? 
_exptl_crystal.preparation           ? 
# 
_exptl_crystal_grow.crystal_id      1 
_exptl_crystal_grow.method          'VAPOR DIFFUSION, HANGING DROP' 
_exptl_crystal_grow.pH              7 
_exptl_crystal_grow.temp            291 
_exptl_crystal_grow.temp_details    ? 
_exptl_crystal_grow.pdbx_details    '0.2M CaCl2, 20%PEG 3350, pH 7, VAPOR DIFFUSION, HANGING DROP, temperature 291K' 
_exptl_crystal_grow.pdbx_pH_range   ? 
# 
_diffrn.id                     1 
_diffrn.ambient_temp           100 
_diffrn.ambient_temp_details   ? 
_diffrn.crystal_id             1 
# 
_diffrn_detector.diffrn_id              1 
_diffrn_detector.detector               CCD 
_diffrn_detector.type                   CUSTOM-MADE 
_diffrn_detector.pdbx_collection_date   2007-03-24 
_diffrn_detector.details                ? 
# 
_diffrn_radiation.diffrn_id                        1 
_diffrn_radiation.wavelength_id                    1 
_diffrn_radiation.pdbx_diffrn_protocol             MAD 
_diffrn_radiation.monochromator                    'SAGITALLY FOCUSED Si(111)' 
_diffrn_radiation.pdbx_monochromatic_or_laue_m_l   M 
_diffrn_radiation.pdbx_scattering_type             x-ray 
# 
_diffrn_radiation_wavelength.id           1 
_diffrn_radiation_wavelength.wavelength   0.97921 
_diffrn_radiation_wavelength.wt           1.0 
# 
_diffrn_source.diffrn_id                   1 
_diffrn_source.source                      SYNCHROTRON 
_diffrn_source.type                        'APS BEAMLINE 19-BM' 
_diffrn_source.pdbx_wavelength             ? 
_diffrn_source.pdbx_wavelength_list        0.97921 
_diffrn_source.pdbx_synchrotron_site       APS 
_diffrn_source.pdbx_synchrotron_beamline   19-BM 
# 
_reflns.entry_id                     3G27 
_reflns.d_resolution_high            2.050 
_reflns.d_resolution_low             50.000 
_reflns.number_obs                   6049 
_reflns.pdbx_Rmerge_I_obs            0.065 
_reflns.pdbx_netI_over_sigmaI        48.638 
_reflns.pdbx_chi_squared             1.616 
_reflns.pdbx_redundancy              9.900 
_reflns.percent_possible_obs         98.600 
_reflns.observed_criterion_sigma_F   ? 
_reflns.observed_criterion_sigma_I   -3 
_reflns.number_all                   6049 
_reflns.pdbx_Rsym_value              ? 
_reflns.B_iso_Wilson_estimate        37.5 
_reflns.R_free_details               ? 
_reflns.limit_h_max                  ? 
_reflns.limit_h_min                  ? 
_reflns.limit_k_max                  ? 
_reflns.limit_k_min                  ? 
_reflns.limit_l_max                  ? 
_reflns.limit_l_min                  ? 
_reflns.observed_criterion_F_max     ? 
_reflns.observed_criterion_F_min     ? 
_reflns.pdbx_scaling_rejects         ? 
_reflns.pdbx_ordinal                 1 
_reflns.pdbx_diffrn_id               1 
# 
_reflns_shell.d_res_high             2.05 
_reflns_shell.d_res_low              2.10 
_reflns_shell.number_measured_obs    ? 
_reflns_shell.number_measured_all    ? 
_reflns_shell.number_unique_obs      ? 
_reflns_shell.Rmerge_I_obs           0.226 
_reflns_shell.meanI_over_sigI_obs    ? 
_reflns_shell.pdbx_Rsym_value        ? 
_reflns_shell.pdbx_chi_squared       1.069 
_reflns_shell.pdbx_redundancy        6.10 
_reflns_shell.percent_possible_obs   ? 
_reflns_shell.number_unique_all      341 
_reflns_shell.percent_possible_all   87.70 
_reflns_shell.pdbx_ordinal           1 
_reflns_shell.pdbx_diffrn_id         1 
# 
_refine.entry_id                                 3G27 
_refine.ls_d_res_high                            2.100 
_refine.ls_d_res_low                             30.880 
_refine.pdbx_ls_sigma_F                          0.00 
_refine.ls_percent_reflns_obs                    99.390 
_refine.ls_number_reflns_obs                     5697 
_refine.pdbx_ls_cross_valid_method               THROUGHOUT 
_refine.pdbx_R_Free_selection_details            RANDOM 
_refine.details                                  
;HYDROGENS HAVE BEEN ADDED IN THE RIDING POSITIONS 
 U VALUES      : RESIDUAL ONLY
;
_refine.ls_R_factor_obs                          0.188 
_refine.ls_R_factor_R_work                       0.186 
_refine.ls_wR_factor_R_work                      0.202 
_refine.ls_R_factor_R_free                       0.249 
_refine.ls_wR_factor_R_free                      0.260 
_refine.ls_percent_reflns_R_free                 4.600 
_refine.ls_number_reflns_R_free                  260 
_refine.B_iso_mean                               36.079 
_refine.aniso_B[1][1]                            2.220 
_refine.aniso_B[2][2]                            2.220 
_refine.aniso_B[3][3]                            -3.340 
_refine.aniso_B[1][2]                            1.110 
_refine.aniso_B[1][3]                            0.000 
_refine.aniso_B[2][3]                            0.000 
_refine.correlation_coeff_Fo_to_Fc               0.957 
_refine.correlation_coeff_Fo_to_Fc_free          0.922 
_refine.overall_SU_R_Cruickshank_DPI             0.207 
_refine.overall_SU_R_free                        0.196 
_refine.pdbx_overall_ESU_R                       0.192 
_refine.pdbx_overall_ESU_R_Free                  0.185 
_refine.overall_SU_ML                            0.120 
_refine.overall_SU_B                             8.773 
_refine.solvent_model_details                    MASK 
_refine.pdbx_solvent_vdw_probe_radii             1.200 
_refine.pdbx_solvent_ion_probe_radii             0.800 
_refine.pdbx_solvent_shrinkage_radii             0.800 
_refine.pdbx_method_to_determine_struct          ? 
_refine.pdbx_stereochemistry_target_values       'MAXIMUM LIKELIHOOD WITH PHASES' 
_refine.overall_FOM_work_R_set                   0.873 
_refine.B_iso_max                                74.59 
_refine.B_iso_min                                21.59 
_refine.occupancy_max                            1.00 
_refine.occupancy_min                            0.50 
_refine.pdbx_ls_sigma_I                          ? 
_refine.ls_number_reflns_all                     5697 
_refine.ls_R_factor_all                          0.188 
_refine.ls_redundancy_reflns_obs                 ? 
_refine.pdbx_data_cutoff_high_absF               ? 
_refine.pdbx_data_cutoff_low_absF                ? 
_refine.ls_number_parameters                     ? 
_refine.ls_number_restraints                     ? 
_refine.ls_R_factor_R_free_error                 ? 
_refine.ls_R_factor_R_free_error_details         ? 
_refine.pdbx_starting_model                      ? 
_refine.pdbx_stereochem_target_val_spec_case     ? 
_refine.solvent_model_param_bsol                 ? 
_refine.solvent_model_param_ksol                 ? 
_refine.pdbx_isotropic_thermal_model             ? 
_refine.pdbx_data_cutoff_high_rms_absF           ? 
_refine.overall_FOM_free_R_set                   ? 
_refine.pdbx_overall_phase_error                 ? 
_refine.pdbx_refine_id                           'X-RAY DIFFRACTION' 
_refine.pdbx_TLS_residual_ADP_flag               'LIKELY RESIDUAL' 
_refine.pdbx_diffrn_id                           1 
_refine.pdbx_overall_SU_R_free_Cruickshank_DPI   ? 
_refine.pdbx_overall_SU_R_Blow_DPI               ? 
_refine.pdbx_overall_SU_R_free_Blow_DPI          ? 
# 
_refine_hist.pdbx_refine_id                   'X-RAY DIFFRACTION' 
_refine_hist.cycle_id                         LAST 
_refine_hist.pdbx_number_atoms_protein        597 
_refine_hist.pdbx_number_atoms_nucleic_acid   0 
_refine_hist.pdbx_number_atoms_ligand         6 
_refine_hist.number_atoms_solvent             44 
_refine_hist.number_atoms_total               647 
_refine_hist.d_res_high                       2.100 
_refine_hist.d_res_low                        30.880 
# 
loop_
_refine_ls_restr.type 
_refine_ls_restr.number 
_refine_ls_restr.dev_ideal 
_refine_ls_restr.dev_ideal_target 
_refine_ls_restr.weight 
_refine_ls_restr.pdbx_refine_id 
_refine_ls_restr.pdbx_restraint_function 
r_bond_refined_d       621  0.015  0.021  ? 'X-RAY DIFFRACTION' ? 
r_bond_other_d         421  0.002  0.020  ? 'X-RAY DIFFRACTION' ? 
r_angle_refined_deg    841  1.403  1.948  ? 'X-RAY DIFFRACTION' ? 
r_angle_other_deg      1019 0.900  3.000  ? 'X-RAY DIFFRACTION' ? 
r_dihedral_angle_1_deg 81   6.625  5.000  ? 'X-RAY DIFFRACTION' ? 
r_dihedral_angle_2_deg 26   36.403 22.308 ? 'X-RAY DIFFRACTION' ? 
r_dihedral_angle_3_deg 97   17.821 15.000 ? 'X-RAY DIFFRACTION' ? 
r_dihedral_angle_4_deg 7    19.801 15.000 ? 'X-RAY DIFFRACTION' ? 
r_chiral_restr         97   0.081  0.200  ? 'X-RAY DIFFRACTION' ? 
r_gen_planes_refined   701  0.006  0.021  ? 'X-RAY DIFFRACTION' ? 
r_gen_planes_other     125  0.001  0.020  ? 'X-RAY DIFFRACTION' ? 
r_mcbond_it            407  0.795  1.500  ? 'X-RAY DIFFRACTION' ? 
r_mcbond_other         165  0.142  1.500  ? 'X-RAY DIFFRACTION' ? 
r_mcangle_it           649  1.501  2.000  ? 'X-RAY DIFFRACTION' ? 
r_scbond_it            214  2.285  3.000  ? 'X-RAY DIFFRACTION' ? 
r_scangle_it           192  3.804  4.500  ? 'X-RAY DIFFRACTION' ? 
# 
_refine_ls_shell.d_res_high                       2.100 
_refine_ls_shell.d_res_low                        2.154 
_refine_ls_shell.pdbx_total_number_of_bins_used   20 
_refine_ls_shell.percent_reflns_obs               95.320 
_refine_ls_shell.number_reflns_R_work             391 
_refine_ls_shell.R_factor_all                     ? 
_refine_ls_shell.R_factor_R_work                  0.220 
_refine_ls_shell.R_factor_R_free                  0.239 
_refine_ls_shell.percent_reflns_R_free            ? 
_refine_ls_shell.number_reflns_R_free             16 
_refine_ls_shell.R_factor_R_free_error            ? 
_refine_ls_shell.number_reflns_all                407 
_refine_ls_shell.number_reflns_obs                ? 
_refine_ls_shell.redundancy_reflns_obs            ? 
_refine_ls_shell.pdbx_refine_id                   'X-RAY DIFFRACTION' 
# 
_struct.entry_id                  3G27 
_struct.title                     'Structure of a putative bacteriophage protein from Escherichia coli str. K-12 substr. MG1655' 
_struct.pdbx_model_details        ? 
_struct.pdbx_CASP_flag            ? 
_struct.pdbx_model_type_details   ? 
# 
_struct_keywords.entry_id        3G27 
_struct_keywords.pdbx_keywords   'PROTEIN BINDING' 
_struct_keywords.text            
;E.coli, prophage-associated, Zinc-binding, Structural Genomics, PSI-2, Protein Structure Initiative, Midwest Center for Structural Genomics, MCSG, PROTEIN BINDING
;
# 
loop_
_struct_asym.id 
_struct_asym.pdbx_blank_PDB_chainid_flag 
_struct_asym.pdbx_modified 
_struct_asym.entity_id 
_struct_asym.details 
A N N 1 ? 
B N N 2 ? 
C N N 3 ? 
D N N 4 ? 
E N N 5 ? 
# 
_struct_ref.id                         1 
_struct_ref.db_name                    UNP 
_struct_ref.db_code                    YBCO_ECOLI 
_struct_ref.pdbx_db_accession          P68661 
_struct_ref.entity_id                  1 
_struct_ref.pdbx_seq_one_letter_code   
;MADLRKAARGRECQVRIPGVCNGNPETSVLAHIRLTGLCGTGTKPPDLIATIACSACHDEIDRRTHFVDAGYAKECALEG
MARTQVIWLKEGVIKA
;
_struct_ref.pdbx_align_begin           1 
_struct_ref.pdbx_db_isoform            ? 
# 
_struct_ref_seq.align_id                      1 
_struct_ref_seq.ref_id                        1 
_struct_ref_seq.pdbx_PDB_id_code              3G27 
_struct_ref_seq.pdbx_strand_id                A 
_struct_ref_seq.seq_align_beg                 1 
_struct_ref_seq.pdbx_seq_align_beg_ins_code   ? 
_struct_ref_seq.seq_align_end                 96 
_struct_ref_seq.pdbx_seq_align_end_ins_code   ? 
_struct_ref_seq.pdbx_db_accession             P68661 
_struct_ref_seq.db_align_beg                  1 
_struct_ref_seq.pdbx_db_align_beg_ins_code    ? 
_struct_ref_seq.db_align_end                  96 
_struct_ref_seq.pdbx_db_align_end_ins_code    ? 
_struct_ref_seq.pdbx_auth_seq_align_beg       1 
_struct_ref_seq.pdbx_auth_seq_align_end       96 
# 
_pdbx_struct_assembly.id                   1 
_pdbx_struct_assembly.details              software_defined_assembly 
_pdbx_struct_assembly.method_details       PISA 
_pdbx_struct_assembly.oligomeric_details   dimeric 
_pdbx_struct_assembly.oligomeric_count     2 
# 
loop_
_pdbx_struct_assembly_prop.biol_id 
_pdbx_struct_assembly_prop.type 
_pdbx_struct_assembly_prop.value 
_pdbx_struct_assembly_prop.details 
1 'ABSA (A^2)' 1370 ? 
1 MORE         -23  ? 
1 'SSA (A^2)'  8210 ? 
# 
_pdbx_struct_assembly_gen.assembly_id       1 
_pdbx_struct_assembly_gen.oper_expression   1,2 
_pdbx_struct_assembly_gen.asym_id_list      A,B,C,D,E 
# 
loop_
_pdbx_struct_oper_list.id 
_pdbx_struct_oper_list.type 
_pdbx_struct_oper_list.name 
_pdbx_struct_oper_list.symmetry_operation 
_pdbx_struct_oper_list.matrix[1][1] 
_pdbx_struct_oper_list.matrix[1][2] 
_pdbx_struct_oper_list.matrix[1][3] 
_pdbx_struct_oper_list.vector[1] 
_pdbx_struct_oper_list.matrix[2][1] 
_pdbx_struct_oper_list.matrix[2][2] 
_pdbx_struct_oper_list.matrix[2][3] 
_pdbx_struct_oper_list.vector[2] 
_pdbx_struct_oper_list.matrix[3][1] 
_pdbx_struct_oper_list.matrix[3][2] 
_pdbx_struct_oper_list.matrix[3][3] 
_pdbx_struct_oper_list.vector[3] 
1 'identity operation'         1_555 x,y,z  1.0000000000  0.0000000000 0.0000000000  0.0000000000   0.0000000000 1.0000000000 0.0000000000  0.0000000000 0.0000000000  0.0000000000  1.0000000000  0.0000000000  
2 'crystal symmetry operation' 4_555 y,x,-z -0.9999559660 0.0093842269 -0.0000493962 -16.8828914000 0.0093842269 0.9999005547 -0.0105269696 0.1489587437 -0.0000493962 -0.0105269696 -0.9999445887 13.2488072708 
# 
_struct_biol.id        1 
_struct_biol.details   ? 
# 
loop_
_struct_conf.conf_type_id 
_struct_conf.id 
_struct_conf.pdbx_PDB_helix_id 
_struct_conf.beg_label_comp_id 
_struct_conf.beg_label_asym_id 
_struct_conf.beg_label_seq_id 
_struct_conf.pdbx_beg_PDB_ins_code 
_struct_conf.end_label_comp_id 
_struct_conf.end_label_asym_id 
_struct_conf.end_label_seq_id 
_struct_conf.pdbx_end_PDB_ins_code 
_struct_conf.beg_auth_comp_id 
_struct_conf.beg_auth_asym_id 
_struct_conf.beg_auth_seq_id 
_struct_conf.end_auth_comp_id 
_struct_conf.end_auth_asym_id 
_struct_conf.end_auth_seq_id 
_struct_conf.pdbx_PDB_helix_class 
_struct_conf.details 
_struct_conf.pdbx_PDB_helix_length 
HELX_P HELX_P1 1 ASN A 24 ? SER A 28 ? ASN A 24 SER A 28 5 ? 5  
HELX_P HELX_P2 2 CYS A 54 ? ASP A 62 ? CYS A 54 ASP A 62 1 ? 9  
HELX_P HELX_P3 3 ASP A 69 ? GLU A 91 ? ASP A 69 GLU A 91 1 ? 23 
# 
_struct_conf_type.id          HELX_P 
_struct_conf_type.criteria    ? 
_struct_conf_type.reference   ? 
# 
loop_
_struct_conn.id 
_struct_conn.conn_type_id 
_struct_conn.pdbx_leaving_atom_flag 
_struct_conn.pdbx_PDB_id 
_struct_conn.ptnr1_label_asym_id 
_struct_conn.ptnr1_label_comp_id 
_struct_conn.ptnr1_label_seq_id 
_struct_conn.ptnr1_label_atom_id 
_struct_conn.pdbx_ptnr1_label_alt_id 
_struct_conn.pdbx_ptnr1_PDB_ins_code 
_struct_conn.pdbx_ptnr1_standard_comp_id 
_struct_conn.ptnr1_symmetry 
_struct_conn.ptnr2_label_asym_id 
_struct_conn.ptnr2_label_comp_id 
_struct_conn.ptnr2_label_seq_id 
_struct_conn.ptnr2_label_atom_id 
_struct_conn.pdbx_ptnr2_label_alt_id 
_struct_conn.pdbx_ptnr2_PDB_ins_code 
_struct_conn.ptnr1_auth_asym_id 
_struct_conn.ptnr1_auth_comp_id 
_struct_conn.ptnr1_auth_seq_id 
_struct_conn.ptnr2_auth_asym_id 
_struct_conn.ptnr2_auth_comp_id 
_struct_conn.ptnr2_auth_seq_id 
_struct_conn.ptnr2_symmetry 
_struct_conn.pdbx_ptnr3_label_atom_id 
_struct_conn.pdbx_ptnr3_label_seq_id 
_struct_conn.pdbx_ptnr3_label_comp_id 
_struct_conn.pdbx_ptnr3_label_asym_id 
_struct_conn.pdbx_ptnr3_label_alt_id 
_struct_conn.pdbx_ptnr3_PDB_ins_code 
_struct_conn.details 
_struct_conn.pdbx_dist_value 
_struct_conn.pdbx_value_order 
_struct_conn.pdbx_role 
covale1 covale both ? A GLY 80 C  ? ? ? 1_555 A MSE 81 N  ? ? A GLY 80 A MSE 81  1_555 ? ? ? ? ? ? ? 1.336 ? ? 
covale2 covale both ? A MSE 81 C  ? ? ? 1_555 A ALA 82 N  ? ? A MSE 81 A ALA 82  1_555 ? ? ? ? ? ? ? 1.329 ? ? 
metalc1 metalc ?    ? A CYS 13 SG ? ? ? 1_555 B ZN  .  ZN ? ? A CYS 13 A ZN  97  1_555 ? ? ? ? ? ? ? 2.384 ? ? 
metalc2 metalc ?    ? A GLY 19 O  ? ? ? 1_555 C CA  .  CA ? ? A GLY 19 A CA  98  1_555 ? ? ? ? ? ? ? 2.399 ? ? 
metalc3 metalc ?    ? A CYS 21 SG ? ? ? 1_555 B ZN  .  ZN ? ? A CYS 21 A ZN  97  1_555 ? ? ? ? ? ? ? 2.332 ? ? 
metalc4 metalc ?    ? A CYS 21 O  ? ? ? 1_555 C CA  .  CA ? ? A CYS 21 A CA  98  1_555 ? ? ? ? ? ? ? 2.464 ? ? 
metalc5 metalc ?    ? A CYS 54 SG ? ? ? 1_555 B ZN  .  ZN ? ? A CYS 54 A ZN  97  1_555 ? ? ? ? ? ? ? 2.338 ? ? 
metalc6 metalc ?    ? A CYS 57 SG ? ? ? 1_555 B ZN  .  ZN ? ? A CYS 57 A ZN  97  1_555 ? ? ? ? ? ? ? 2.384 ? ? 
metalc7 metalc ?    ? C CA  .  CA ? ? ? 1_555 E HOH .  O  ? ? A CA  98 A HOH 108 1_555 ? ? ? ? ? ? ? 2.574 ? ? 
metalc8 metalc ?    ? C CA  .  CA ? ? ? 1_555 E HOH .  O  ? ? A CA  98 A HOH 110 1_555 ? ? ? ? ? ? ? 2.622 ? ? 
metalc9 metalc ?    ? C CA  .  CA ? ? ? 1_555 E HOH .  O  ? ? A CA  98 A HOH 118 1_555 ? ? ? ? ? ? ? 2.370 ? ? 
# 
loop_
_struct_conn_type.id 
_struct_conn_type.criteria 
_struct_conn_type.reference 
covale ? ? 
metalc ? ? 
# 
loop_
_pdbx_struct_conn_angle.id 
_pdbx_struct_conn_angle.ptnr1_label_atom_id 
_pdbx_struct_conn_angle.ptnr1_label_alt_id 
_pdbx_struct_conn_angle.ptnr1_label_asym_id 
_pdbx_struct_conn_angle.ptnr1_label_comp_id 
_pdbx_struct_conn_angle.ptnr1_label_seq_id 
_pdbx_struct_conn_angle.ptnr1_auth_atom_id 
_pdbx_struct_conn_angle.ptnr1_auth_asym_id 
_pdbx_struct_conn_angle.ptnr1_auth_comp_id 
_pdbx_struct_conn_angle.ptnr1_auth_seq_id 
_pdbx_struct_conn_angle.ptnr1_PDB_ins_code 
_pdbx_struct_conn_angle.ptnr1_symmetry 
_pdbx_struct_conn_angle.ptnr2_label_atom_id 
_pdbx_struct_conn_angle.ptnr2_label_alt_id 
_pdbx_struct_conn_angle.ptnr2_label_asym_id 
_pdbx_struct_conn_angle.ptnr2_label_comp_id 
_pdbx_struct_conn_angle.ptnr2_label_seq_id 
_pdbx_struct_conn_angle.ptnr2_auth_atom_id 
_pdbx_struct_conn_angle.ptnr2_auth_asym_id 
_pdbx_struct_conn_angle.ptnr2_auth_comp_id 
_pdbx_struct_conn_angle.ptnr2_auth_seq_id 
_pdbx_struct_conn_angle.ptnr2_PDB_ins_code 
_pdbx_struct_conn_angle.ptnr2_symmetry 
_pdbx_struct_conn_angle.ptnr3_label_atom_id 
_pdbx_struct_conn_angle.ptnr3_label_alt_id 
_pdbx_struct_conn_angle.ptnr3_label_asym_id 
_pdbx_struct_conn_angle.ptnr3_label_comp_id 
_pdbx_struct_conn_angle.ptnr3_label_seq_id 
_pdbx_struct_conn_angle.ptnr3_auth_atom_id 
_pdbx_struct_conn_angle.ptnr3_auth_asym_id 
_pdbx_struct_conn_angle.ptnr3_auth_comp_id 
_pdbx_struct_conn_angle.ptnr3_auth_seq_id 
_pdbx_struct_conn_angle.ptnr3_PDB_ins_code 
_pdbx_struct_conn_angle.ptnr3_symmetry 
_pdbx_struct_conn_angle.value 
_pdbx_struct_conn_angle.value_esd 
1  SG ? A CYS 13 ? A CYS 13  ? 1_555 ZN ? B ZN . ? A ZN 97 ? 1_555 SG ? A CYS 21 ? A CYS 21  ? 1_555 109.7 ? 
2  SG ? A CYS 13 ? A CYS 13  ? 1_555 ZN ? B ZN . ? A ZN 97 ? 1_555 SG ? A CYS 54 ? A CYS 54  ? 1_555 112.7 ? 
3  SG ? A CYS 21 ? A CYS 21  ? 1_555 ZN ? B ZN . ? A ZN 97 ? 1_555 SG ? A CYS 54 ? A CYS 54  ? 1_555 109.7 ? 
4  SG ? A CYS 13 ? A CYS 13  ? 1_555 ZN ? B ZN . ? A ZN 97 ? 1_555 SG ? A CYS 57 ? A CYS 57  ? 1_555 107.8 ? 
5  SG ? A CYS 21 ? A CYS 21  ? 1_555 ZN ? B ZN . ? A ZN 97 ? 1_555 SG ? A CYS 57 ? A CYS 57  ? 1_555 113.7 ? 
6  SG ? A CYS 54 ? A CYS 54  ? 1_555 ZN ? B ZN . ? A ZN 97 ? 1_555 SG ? A CYS 57 ? A CYS 57  ? 1_555 103.3 ? 
7  O  ? A GLY 19 ? A GLY 19  ? 1_555 CA ? C CA . ? A CA 98 ? 1_555 O  ? A CYS 21 ? A CYS 21  ? 1_555 85.9  ? 
8  O  ? A GLY 19 ? A GLY 19  ? 1_555 CA ? C CA . ? A CA 98 ? 1_555 O  ? E HOH .  ? A HOH 108 ? 1_555 88.2  ? 
9  O  ? A CYS 21 ? A CYS 21  ? 1_555 CA ? C CA . ? A CA 98 ? 1_555 O  ? E HOH .  ? A HOH 108 ? 1_555 72.8  ? 
10 O  ? A GLY 19 ? A GLY 19  ? 1_555 CA ? C CA . ? A CA 98 ? 1_555 O  ? E HOH .  ? A HOH 110 ? 1_555 76.4  ? 
11 O  ? A CYS 21 ? A CYS 21  ? 1_555 CA ? C CA . ? A CA 98 ? 1_555 O  ? E HOH .  ? A HOH 110 ? 1_555 67.8  ? 
12 O  ? E HOH .  ? A HOH 108 ? 1_555 CA ? C CA . ? A CA 98 ? 1_555 O  ? E HOH .  ? A HOH 110 ? 1_555 138.4 ? 
13 O  ? A GLY 19 ? A GLY 19  ? 1_555 CA ? C CA . ? A CA 98 ? 1_555 O  ? E HOH .  ? A HOH 118 ? 1_555 154.0 ? 
14 O  ? A CYS 21 ? A CYS 21  ? 1_555 CA ? C CA . ? A CA 98 ? 1_555 O  ? E HOH .  ? A HOH 118 ? 1_555 76.7  ? 
15 O  ? E HOH .  ? A HOH 108 ? 1_555 CA ? C CA . ? A CA 98 ? 1_555 O  ? E HOH .  ? A HOH 118 ? 1_555 104.5 ? 
16 O  ? E HOH .  ? A HOH 110 ? 1_555 CA ? C CA . ? A CA 98 ? 1_555 O  ? E HOH .  ? A HOH 118 ? 1_555 79.1  ? 
# 
_pdbx_modification_feature.ordinal                            1 
_pdbx_modification_feature.label_comp_id                      MSE 
_pdbx_modification_feature.label_asym_id                      A 
_pdbx_modification_feature.label_seq_id                       81 
_pdbx_modification_feature.label_alt_id                       ? 
_pdbx_modification_feature.modified_residue_label_comp_id     . 
_pdbx_modification_feature.modified_residue_label_asym_id     . 
_pdbx_modification_feature.modified_residue_label_seq_id      . 
_pdbx_modification_feature.modified_residue_label_alt_id      . 
_pdbx_modification_feature.auth_comp_id                       MSE 
_pdbx_modification_feature.auth_asym_id                       A 
_pdbx_modification_feature.auth_seq_id                        81 
_pdbx_modification_feature.PDB_ins_code                       ? 
_pdbx_modification_feature.symmetry                           1_555 
_pdbx_modification_feature.modified_residue_auth_comp_id      . 
_pdbx_modification_feature.modified_residue_auth_asym_id      . 
_pdbx_modification_feature.modified_residue_auth_seq_id       . 
_pdbx_modification_feature.modified_residue_PDB_ins_code      . 
_pdbx_modification_feature.modified_residue_symmetry          . 
_pdbx_modification_feature.comp_id_linking_atom               . 
_pdbx_modification_feature.modified_residue_id_linking_atom   . 
_pdbx_modification_feature.modified_residue_id                MET 
_pdbx_modification_feature.ref_pcm_id                         1 
_pdbx_modification_feature.ref_comp_id                        MSE 
_pdbx_modification_feature.type                               Selenomethionine 
_pdbx_modification_feature.category                           'Named protein modification' 
# 
_struct_sheet.id               A 
_struct_sheet.type             ? 
_struct_sheet.number_strands   2 
_struct_sheet.details          ? 
# 
_struct_sheet_order.sheet_id     A 
_struct_sheet_order.range_id_1   1 
_struct_sheet_order.range_id_2   2 
_struct_sheet_order.offset       ? 
_struct_sheet_order.sense        anti-parallel 
# 
loop_
_struct_sheet_range.sheet_id 
_struct_sheet_range.id 
_struct_sheet_range.beg_label_comp_id 
_struct_sheet_range.beg_label_asym_id 
_struct_sheet_range.beg_label_seq_id 
_struct_sheet_range.pdbx_beg_PDB_ins_code 
_struct_sheet_range.end_label_comp_id 
_struct_sheet_range.end_label_asym_id 
_struct_sheet_range.end_label_seq_id 
_struct_sheet_range.pdbx_end_PDB_ins_code 
_struct_sheet_range.beg_auth_comp_id 
_struct_sheet_range.beg_auth_asym_id 
_struct_sheet_range.beg_auth_seq_id 
_struct_sheet_range.end_auth_comp_id 
_struct_sheet_range.end_auth_asym_id 
_struct_sheet_range.end_auth_seq_id 
A 1 VAL A 29 ? HIS A 32 ? VAL A 29 HIS A 32 
A 2 ALA A 50 ? ALA A 53 ? ALA A 50 ALA A 53 
# 
_pdbx_struct_sheet_hbond.sheet_id                A 
_pdbx_struct_sheet_hbond.range_id_1              1 
_pdbx_struct_sheet_hbond.range_id_2              2 
_pdbx_struct_sheet_hbond.range_1_label_atom_id   N 
_pdbx_struct_sheet_hbond.range_1_label_comp_id   ALA 
_pdbx_struct_sheet_hbond.range_1_label_asym_id   A 
_pdbx_struct_sheet_hbond.range_1_label_seq_id    31 
_pdbx_struct_sheet_hbond.range_1_PDB_ins_code    ? 
_pdbx_struct_sheet_hbond.range_1_auth_atom_id    N 
_pdbx_struct_sheet_hbond.range_1_auth_comp_id    ALA 
_pdbx_struct_sheet_hbond.range_1_auth_asym_id    A 
_pdbx_struct_sheet_hbond.range_1_auth_seq_id     31 
_pdbx_struct_sheet_hbond.range_2_label_atom_id   O 
_pdbx_struct_sheet_hbond.range_2_label_comp_id   THR 
_pdbx_struct_sheet_hbond.range_2_label_asym_id   A 
_pdbx_struct_sheet_hbond.range_2_label_seq_id    51 
_pdbx_struct_sheet_hbond.range_2_PDB_ins_code    ? 
_pdbx_struct_sheet_hbond.range_2_auth_atom_id    O 
_pdbx_struct_sheet_hbond.range_2_auth_comp_id    THR 
_pdbx_struct_sheet_hbond.range_2_auth_asym_id    A 
_pdbx_struct_sheet_hbond.range_2_auth_seq_id     51 
# 
loop_
_struct_site.id 
_struct_site.pdbx_evidence_code 
_struct_site.pdbx_auth_asym_id 
_struct_site.pdbx_auth_comp_id 
_struct_site.pdbx_auth_seq_id 
_struct_site.pdbx_auth_ins_code 
_struct_site.pdbx_num_residues 
_struct_site.details 
AC1 Software A ZN  97 ? 4 'BINDING SITE FOR RESIDUE ZN A 97'  
AC2 Software A CA  98 ? 7 'BINDING SITE FOR RESIDUE CA A 98'  
AC3 Software A EDO 99 ? 3 'BINDING SITE FOR RESIDUE EDO A 99' 
# 
loop_
_struct_site_gen.id 
_struct_site_gen.site_id 
_struct_site_gen.pdbx_num_res 
_struct_site_gen.label_comp_id 
_struct_site_gen.label_asym_id 
_struct_site_gen.label_seq_id 
_struct_site_gen.pdbx_auth_ins_code 
_struct_site_gen.auth_comp_id 
_struct_site_gen.auth_asym_id 
_struct_site_gen.auth_seq_id 
_struct_site_gen.label_atom_id 
_struct_site_gen.label_alt_id 
_struct_site_gen.symmetry 
_struct_site_gen.details 
1  AC1 4 CYS A 13 ? CYS A 13  . ? 1_555 ? 
2  AC1 4 CYS A 21 ? CYS A 21  . ? 1_555 ? 
3  AC1 4 CYS A 54 ? CYS A 54  . ? 1_555 ? 
4  AC1 4 CYS A 57 ? CYS A 57  . ? 1_555 ? 
5  AC2 7 GLY A 19 ? GLY A 19  . ? 1_555 ? 
6  AC2 7 CYS A 21 ? CYS A 21  . ? 1_555 ? 
7  AC2 7 ASP A 59 ? ASP A 59  . ? 2_665 ? 
8  AC2 7 HOH E .  ? HOH A 108 . ? 1_555 ? 
9  AC2 7 HOH E .  ? HOH A 110 . ? 1_555 ? 
10 AC2 7 HOH E .  ? HOH A 118 . ? 1_555 ? 
11 AC2 7 HOH E .  ? HOH A 137 . ? 2_665 ? 
12 AC3 3 ARG A 34 ? ARG A 34  . ? 2_665 ? 
13 AC3 3 THR A 65 ? THR A 65  . ? 1_555 ? 
14 AC3 3 HIS A 66 ? HIS A 66  . ? 1_555 ? 
# 
_pdbx_entry_details.entry_id                   3G27 
_pdbx_entry_details.compound_details           ? 
_pdbx_entry_details.source_details             ? 
_pdbx_entry_details.nonpolymer_details         ? 
_pdbx_entry_details.sequence_details           ? 
_pdbx_entry_details.has_ligand_of_interest     ? 
_pdbx_entry_details.has_protein_modification   Y 
# 
_pdbx_SG_project.id                    1 
_pdbx_SG_project.project_name          'PSI, Protein Structure Initiative' 
_pdbx_SG_project.full_name_of_center   'Midwest Center for Structural Genomics' 
_pdbx_SG_project.initial_of_center     MCSG 
# 
_pdbx_struct_mod_residue.id               1 
_pdbx_struct_mod_residue.label_asym_id    A 
_pdbx_struct_mod_residue.label_comp_id    MSE 
_pdbx_struct_mod_residue.label_seq_id     81 
_pdbx_struct_mod_residue.auth_asym_id     A 
_pdbx_struct_mod_residue.auth_comp_id     MSE 
_pdbx_struct_mod_residue.auth_seq_id      81 
_pdbx_struct_mod_residue.PDB_ins_code     ? 
_pdbx_struct_mod_residue.parent_comp_id   MET 
_pdbx_struct_mod_residue.details          SELENOMETHIONINE 
# 
_diffrn_reflns.diffrn_id                   1 
_diffrn_reflns.pdbx_d_res_high             2.050 
_diffrn_reflns.pdbx_d_res_low              50.000 
_diffrn_reflns.pdbx_number_obs             6049 
_diffrn_reflns.pdbx_Rmerge_I_obs           0.065 
_diffrn_reflns.pdbx_Rsym_value             ? 
_diffrn_reflns.pdbx_chi_squared            1.62 
_diffrn_reflns.av_sigmaI_over_netI         48.64 
_diffrn_reflns.pdbx_redundancy             9.90 
_diffrn_reflns.pdbx_percent_possible_obs   98.60 
_diffrn_reflns.number                      59799 
_diffrn_reflns.pdbx_observed_criterion     ? 
_diffrn_reflns.limit_h_max                 ? 
_diffrn_reflns.limit_h_min                 ? 
_diffrn_reflns.limit_k_max                 ? 
_diffrn_reflns.limit_k_min                 ? 
_diffrn_reflns.limit_l_max                 ? 
_diffrn_reflns.limit_l_min                 ? 
# 
loop_
_pdbx_diffrn_reflns_shell.diffrn_id 
_pdbx_diffrn_reflns_shell.d_res_high 
_pdbx_diffrn_reflns_shell.d_res_low 
_pdbx_diffrn_reflns_shell.number_obs 
_pdbx_diffrn_reflns_shell.rejects 
_pdbx_diffrn_reflns_shell.Rmerge_I_obs 
_pdbx_diffrn_reflns_shell.Rsym_value 
_pdbx_diffrn_reflns_shell.chi_squared 
_pdbx_diffrn_reflns_shell.redundancy 
_pdbx_diffrn_reflns_shell.percent_possible_obs 
1 5.05 50.00 ? ? 0.057 ? 4.281 9.50  98.20  
1 4.01 5.05  ? ? 0.048 ? 2.745 9.90  99.30  
1 3.51 4.01  ? ? 0.049 ? 1.930 10.90 99.50  
1 3.18 3.51  ? ? 0.058 ? 1.638 11.10 100.00 
1 2.96 3.18  ? ? 0.074 ? 1.564 11.10 100.00 
1 2.78 2.96  ? ? 0.080 ? 1.401 11.40 100.00 
1 2.64 2.78  ? ? 0.110 ? 1.253 11.30 100.00 
1 2.53 2.64  ? ? 0.119 ? 1.180 11.20 100.00 
1 2.43 2.53  ? ? 0.123 ? 1.078 11.10 100.00 
1 2.35 2.43  ? ? 0.172 ? 1.096 10.30 100.00 
1 2.27 2.35  ? ? 0.185 ? 1.133 9.60  100.00 
1 2.21 2.27  ? ? 0.181 ? 1.135 8.80  99.70  
1 2.15 2.21  ? ? 0.246 ? 1.083 7.50  99.50  
1 2.10 2.15  ? ? 0.177 ? 1.034 7.70  95.30  
1 2.05 2.10  ? ? 0.226 ? 1.069 6.10  87.70  
# 
_pdbx_refine_tls.id               1 
_pdbx_refine_tls.details          ? 
_pdbx_refine_tls.method           refined 
_pdbx_refine_tls.origin_x         -0.1037 
_pdbx_refine_tls.origin_y         -0.9237 
_pdbx_refine_tls.origin_z         -0.3387 
_pdbx_refine_tls.T[1][1]          0.0092 
_pdbx_refine_tls.T[2][2]          0.1799 
_pdbx_refine_tls.T[3][3]          0.1216 
_pdbx_refine_tls.T[1][2]          -0.0083 
_pdbx_refine_tls.T[1][3]          -0.0012 
_pdbx_refine_tls.T[2][3]          -0.0655 
_pdbx_refine_tls.L[1][1]          4.3492 
_pdbx_refine_tls.L[2][2]          3.5109 
_pdbx_refine_tls.L[3][3]          3.4864 
_pdbx_refine_tls.L[1][2]          -0.8466 
_pdbx_refine_tls.L[1][3]          -0.9174 
_pdbx_refine_tls.L[2][3]          0.9251 
_pdbx_refine_tls.S[1][1]          0.0745 
_pdbx_refine_tls.S[2][2]          0.0640 
_pdbx_refine_tls.S[3][3]          -0.1385 
_pdbx_refine_tls.S[1][2]          -0.4396 
_pdbx_refine_tls.S[1][3]          0.5275 
_pdbx_refine_tls.S[2][3]          -0.0417 
_pdbx_refine_tls.S[2][1]          0.0546 
_pdbx_refine_tls.S[3][1]          -0.0847 
_pdbx_refine_tls.S[3][2]          -0.2149 
_pdbx_refine_tls.pdbx_refine_id   'X-RAY DIFFRACTION' 
# 
_pdbx_refine_tls_group.id                  1 
_pdbx_refine_tls_group.refine_tls_id       1 
_pdbx_refine_tls_group.beg_auth_asym_id    A 
_pdbx_refine_tls_group.beg_auth_seq_id     6 
_pdbx_refine_tls_group.end_auth_asym_id    A 
_pdbx_refine_tls_group.end_auth_seq_id     91 
_pdbx_refine_tls_group.selection           ? 
_pdbx_refine_tls_group.beg_label_asym_id   . 
_pdbx_refine_tls_group.beg_label_seq_id    . 
_pdbx_refine_tls_group.end_label_asym_id   . 
_pdbx_refine_tls_group.end_label_seq_id    . 
_pdbx_refine_tls_group.pdbx_refine_id      'X-RAY DIFFRACTION' 
_pdbx_refine_tls_group.selection_details   ? 
# 
loop_
_pdbx_unobs_or_zero_occ_residues.id 
_pdbx_unobs_or_zero_occ_residues.PDB_model_num 
_pdbx_unobs_or_zero_occ_residues.polymer_flag 
_pdbx_unobs_or_zero_occ_residues.occupancy_flag 
_pdbx_unobs_or_zero_occ_residues.auth_asym_id 
_pdbx_unobs_or_zero_occ_residues.auth_comp_id 
_pdbx_unobs_or_zero_occ_residues.auth_seq_id 
_pdbx_unobs_or_zero_occ_residues.PDB_ins_code 
_pdbx_unobs_or_zero_occ_residues.label_asym_id 
_pdbx_unobs_or_zero_occ_residues.label_comp_id 
_pdbx_unobs_or_zero_occ_residues.label_seq_id 
1  1 Y 1 A MSE 1  ? A MSE 1  
2  1 Y 1 A ALA 2  ? A ALA 2  
3  1 Y 1 A ASP 3  ? A ASP 3  
4  1 Y 1 A LEU 4  ? A LEU 4  
5  1 Y 1 A LEU 35 ? A LEU 35 
6  1 Y 1 A THR 36 ? A THR 36 
7  1 Y 1 A GLY 37 ? A GLY 37 
8  1 Y 1 A LEU 38 ? A LEU 38 
9  1 Y 1 A CYS 39 ? A CYS 39 
10 1 Y 1 A GLY 40 ? A GLY 40 
11 1 Y 1 A THR 41 ? A THR 41 
12 1 Y 1 A GLY 42 ? A GLY 42 
13 1 Y 1 A THR 43 ? A THR 43 
14 1 Y 1 A LYS 95 ? A LYS 95 
15 1 Y 1 A ALA 96 ? A ALA 96 
# 
loop_
_chem_comp_atom.comp_id 
_chem_comp_atom.atom_id 
_chem_comp_atom.type_symbol 
_chem_comp_atom.pdbx_aromatic_flag 
_chem_comp_atom.pdbx_stereo_config 
_chem_comp_atom.pdbx_ordinal 
ALA N    N  N N 1   
ALA CA   C  N S 2   
ALA C    C  N N 3   
ALA O    O  N N 4   
ALA CB   C  N N 5   
ALA OXT  O  N N 6   
ALA H    H  N N 7   
ALA H2   H  N N 8   
ALA HA   H  N N 9   
ALA HB1  H  N N 10  
ALA HB2  H  N N 11  
ALA HB3  H  N N 12  
ALA HXT  H  N N 13  
ARG N    N  N N 14  
ARG CA   C  N S 15  
ARG C    C  N N 16  
ARG O    O  N N 17  
ARG CB   C  N N 18  
ARG CG   C  N N 19  
ARG CD   C  N N 20  
ARG NE   N  N N 21  
ARG CZ   C  N N 22  
ARG NH1  N  N N 23  
ARG NH2  N  N N 24  
ARG OXT  O  N N 25  
ARG H    H  N N 26  
ARG H2   H  N N 27  
ARG HA   H  N N 28  
ARG HB2  H  N N 29  
ARG HB3  H  N N 30  
ARG HG2  H  N N 31  
ARG HG3  H  N N 32  
ARG HD2  H  N N 33  
ARG HD3  H  N N 34  
ARG HE   H  N N 35  
ARG HH11 H  N N 36  
ARG HH12 H  N N 37  
ARG HH21 H  N N 38  
ARG HH22 H  N N 39  
ARG HXT  H  N N 40  
ASN N    N  N N 41  
ASN CA   C  N S 42  
ASN C    C  N N 43  
ASN O    O  N N 44  
ASN CB   C  N N 45  
ASN CG   C  N N 46  
ASN OD1  O  N N 47  
ASN ND2  N  N N 48  
ASN OXT  O  N N 49  
ASN H    H  N N 50  
ASN H2   H  N N 51  
ASN HA   H  N N 52  
ASN HB2  H  N N 53  
ASN HB3  H  N N 54  
ASN HD21 H  N N 55  
ASN HD22 H  N N 56  
ASN HXT  H  N N 57  
ASP N    N  N N 58  
ASP CA   C  N S 59  
ASP C    C  N N 60  
ASP O    O  N N 61  
ASP CB   C  N N 62  
ASP CG   C  N N 63  
ASP OD1  O  N N 64  
ASP OD2  O  N N 65  
ASP OXT  O  N N 66  
ASP H    H  N N 67  
ASP H2   H  N N 68  
ASP HA   H  N N 69  
ASP HB2  H  N N 70  
ASP HB3  H  N N 71  
ASP HD2  H  N N 72  
ASP HXT  H  N N 73  
CA  CA   CA N N 74  
CYS N    N  N N 75  
CYS CA   C  N R 76  
CYS C    C  N N 77  
CYS O    O  N N 78  
CYS CB   C  N N 79  
CYS SG   S  N N 80  
CYS OXT  O  N N 81  
CYS H    H  N N 82  
CYS H2   H  N N 83  
CYS HA   H  N N 84  
CYS HB2  H  N N 85  
CYS HB3  H  N N 86  
CYS HG   H  N N 87  
CYS HXT  H  N N 88  
EDO C1   C  N N 89  
EDO O1   O  N N 90  
EDO C2   C  N N 91  
EDO O2   O  N N 92  
EDO H11  H  N N 93  
EDO H12  H  N N 94  
EDO HO1  H  N N 95  
EDO H21  H  N N 96  
EDO H22  H  N N 97  
EDO HO2  H  N N 98  
GLN N    N  N N 99  
GLN CA   C  N S 100 
GLN C    C  N N 101 
GLN O    O  N N 102 
GLN CB   C  N N 103 
GLN CG   C  N N 104 
GLN CD   C  N N 105 
GLN OE1  O  N N 106 
GLN NE2  N  N N 107 
GLN OXT  O  N N 108 
GLN H    H  N N 109 
GLN H2   H  N N 110 
GLN HA   H  N N 111 
GLN HB2  H  N N 112 
GLN HB3  H  N N 113 
GLN HG2  H  N N 114 
GLN HG3  H  N N 115 
GLN HE21 H  N N 116 
GLN HE22 H  N N 117 
GLN HXT  H  N N 118 
GLU N    N  N N 119 
GLU CA   C  N S 120 
GLU C    C  N N 121 
GLU O    O  N N 122 
GLU CB   C  N N 123 
GLU CG   C  N N 124 
GLU CD   C  N N 125 
GLU OE1  O  N N 126 
GLU OE2  O  N N 127 
GLU OXT  O  N N 128 
GLU H    H  N N 129 
GLU H2   H  N N 130 
GLU HA   H  N N 131 
GLU HB2  H  N N 132 
GLU HB3  H  N N 133 
GLU HG2  H  N N 134 
GLU HG3  H  N N 135 
GLU HE2  H  N N 136 
GLU HXT  H  N N 137 
GLY N    N  N N 138 
GLY CA   C  N N 139 
GLY C    C  N N 140 
GLY O    O  N N 141 
GLY OXT  O  N N 142 
GLY H    H  N N 143 
GLY H2   H  N N 144 
GLY HA2  H  N N 145 
GLY HA3  H  N N 146 
GLY HXT  H  N N 147 
HIS N    N  N N 148 
HIS CA   C  N S 149 
HIS C    C  N N 150 
HIS O    O  N N 151 
HIS CB   C  N N 152 
HIS CG   C  Y N 153 
HIS ND1  N  Y N 154 
HIS CD2  C  Y N 155 
HIS CE1  C  Y N 156 
HIS NE2  N  Y N 157 
HIS OXT  O  N N 158 
HIS H    H  N N 159 
HIS H2   H  N N 160 
HIS HA   H  N N 161 
HIS HB2  H  N N 162 
HIS HB3  H  N N 163 
HIS HD1  H  N N 164 
HIS HD2  H  N N 165 
HIS HE1  H  N N 166 
HIS HE2  H  N N 167 
HIS HXT  H  N N 168 
HOH O    O  N N 169 
HOH H1   H  N N 170 
HOH H2   H  N N 171 
ILE N    N  N N 172 
ILE CA   C  N S 173 
ILE C    C  N N 174 
ILE O    O  N N 175 
ILE CB   C  N S 176 
ILE CG1  C  N N 177 
ILE CG2  C  N N 178 
ILE CD1  C  N N 179 
ILE OXT  O  N N 180 
ILE H    H  N N 181 
ILE H2   H  N N 182 
ILE HA   H  N N 183 
ILE HB   H  N N 184 
ILE HG12 H  N N 185 
ILE HG13 H  N N 186 
ILE HG21 H  N N 187 
ILE HG22 H  N N 188 
ILE HG23 H  N N 189 
ILE HD11 H  N N 190 
ILE HD12 H  N N 191 
ILE HD13 H  N N 192 
ILE HXT  H  N N 193 
LEU N    N  N N 194 
LEU CA   C  N S 195 
LEU C    C  N N 196 
LEU O    O  N N 197 
LEU CB   C  N N 198 
LEU CG   C  N N 199 
LEU CD1  C  N N 200 
LEU CD2  C  N N 201 
LEU OXT  O  N N 202 
LEU H    H  N N 203 
LEU H2   H  N N 204 
LEU HA   H  N N 205 
LEU HB2  H  N N 206 
LEU HB3  H  N N 207 
LEU HG   H  N N 208 
LEU HD11 H  N N 209 
LEU HD12 H  N N 210 
LEU HD13 H  N N 211 
LEU HD21 H  N N 212 
LEU HD22 H  N N 213 
LEU HD23 H  N N 214 
LEU HXT  H  N N 215 
LYS N    N  N N 216 
LYS CA   C  N S 217 
LYS C    C  N N 218 
LYS O    O  N N 219 
LYS CB   C  N N 220 
LYS CG   C  N N 221 
LYS CD   C  N N 222 
LYS CE   C  N N 223 
LYS NZ   N  N N 224 
LYS OXT  O  N N 225 
LYS H    H  N N 226 
LYS H2   H  N N 227 
LYS HA   H  N N 228 
LYS HB2  H  N N 229 
LYS HB3  H  N N 230 
LYS HG2  H  N N 231 
LYS HG3  H  N N 232 
LYS HD2  H  N N 233 
LYS HD3  H  N N 234 
LYS HE2  H  N N 235 
LYS HE3  H  N N 236 
LYS HZ1  H  N N 237 
LYS HZ2  H  N N 238 
LYS HZ3  H  N N 239 
LYS HXT  H  N N 240 
MSE N    N  N N 241 
MSE CA   C  N S 242 
MSE C    C  N N 243 
MSE O    O  N N 244 
MSE OXT  O  N N 245 
MSE CB   C  N N 246 
MSE CG   C  N N 247 
MSE SE   SE N N 248 
MSE CE   C  N N 249 
MSE H    H  N N 250 
MSE H2   H  N N 251 
MSE HA   H  N N 252 
MSE HXT  H  N N 253 
MSE HB2  H  N N 254 
MSE HB3  H  N N 255 
MSE HG2  H  N N 256 
MSE HG3  H  N N 257 
MSE HE1  H  N N 258 
MSE HE2  H  N N 259 
MSE HE3  H  N N 260 
PHE N    N  N N 261 
PHE CA   C  N S 262 
PHE C    C  N N 263 
PHE O    O  N N 264 
PHE CB   C  N N 265 
PHE CG   C  Y N 266 
PHE CD1  C  Y N 267 
PHE CD2  C  Y N 268 
PHE CE1  C  Y N 269 
PHE CE2  C  Y N 270 
PHE CZ   C  Y N 271 
PHE OXT  O  N N 272 
PHE H    H  N N 273 
PHE H2   H  N N 274 
PHE HA   H  N N 275 
PHE HB2  H  N N 276 
PHE HB3  H  N N 277 
PHE HD1  H  N N 278 
PHE HD2  H  N N 279 
PHE HE1  H  N N 280 
PHE HE2  H  N N 281 
PHE HZ   H  N N 282 
PHE HXT  H  N N 283 
PRO N    N  N N 284 
PRO CA   C  N S 285 
PRO C    C  N N 286 
PRO O    O  N N 287 
PRO CB   C  N N 288 
PRO CG   C  N N 289 
PRO CD   C  N N 290 
PRO OXT  O  N N 291 
PRO H    H  N N 292 
PRO HA   H  N N 293 
PRO HB2  H  N N 294 
PRO HB3  H  N N 295 
PRO HG2  H  N N 296 
PRO HG3  H  N N 297 
PRO HD2  H  N N 298 
PRO HD3  H  N N 299 
PRO HXT  H  N N 300 
SER N    N  N N 301 
SER CA   C  N S 302 
SER C    C  N N 303 
SER O    O  N N 304 
SER CB   C  N N 305 
SER OG   O  N N 306 
SER OXT  O  N N 307 
SER H    H  N N 308 
SER H2   H  N N 309 
SER HA   H  N N 310 
SER HB2  H  N N 311 
SER HB3  H  N N 312 
SER HG   H  N N 313 
SER HXT  H  N N 314 
THR N    N  N N 315 
THR CA   C  N S 316 
THR C    C  N N 317 
THR O    O  N N 318 
THR CB   C  N R 319 
THR OG1  O  N N 320 
THR CG2  C  N N 321 
THR OXT  O  N N 322 
THR H    H  N N 323 
THR H2   H  N N 324 
THR HA   H  N N 325 
THR HB   H  N N 326 
THR HG1  H  N N 327 
THR HG21 H  N N 328 
THR HG22 H  N N 329 
THR HG23 H  N N 330 
THR HXT  H  N N 331 
TRP N    N  N N 332 
TRP CA   C  N S 333 
TRP C    C  N N 334 
TRP O    O  N N 335 
TRP CB   C  N N 336 
TRP CG   C  Y N 337 
TRP CD1  C  Y N 338 
TRP CD2  C  Y N 339 
TRP NE1  N  Y N 340 
TRP CE2  C  Y N 341 
TRP CE3  C  Y N 342 
TRP CZ2  C  Y N 343 
TRP CZ3  C  Y N 344 
TRP CH2  C  Y N 345 
TRP OXT  O  N N 346 
TRP H    H  N N 347 
TRP H2   H  N N 348 
TRP HA   H  N N 349 
TRP HB2  H  N N 350 
TRP HB3  H  N N 351 
TRP HD1  H  N N 352 
TRP HE1  H  N N 353 
TRP HE3  H  N N 354 
TRP HZ2  H  N N 355 
TRP HZ3  H  N N 356 
TRP HH2  H  N N 357 
TRP HXT  H  N N 358 
TYR N    N  N N 359 
TYR CA   C  N S 360 
TYR C    C  N N 361 
TYR O    O  N N 362 
TYR CB   C  N N 363 
TYR CG   C  Y N 364 
TYR CD1  C  Y N 365 
TYR CD2  C  Y N 366 
TYR CE1  C  Y N 367 
TYR CE2  C  Y N 368 
TYR CZ   C  Y N 369 
TYR OH   O  N N 370 
TYR OXT  O  N N 371 
TYR H    H  N N 372 
TYR H2   H  N N 373 
TYR HA   H  N N 374 
TYR HB2  H  N N 375 
TYR HB3  H  N N 376 
TYR HD1  H  N N 377 
TYR HD2  H  N N 378 
TYR HE1  H  N N 379 
TYR HE2  H  N N 380 
TYR HH   H  N N 381 
TYR HXT  H  N N 382 
VAL N    N  N N 383 
VAL CA   C  N S 384 
VAL C    C  N N 385 
VAL O    O  N N 386 
VAL CB   C  N N 387 
VAL CG1  C  N N 388 
VAL CG2  C  N N 389 
VAL OXT  O  N N 390 
VAL H    H  N N 391 
VAL H2   H  N N 392 
VAL HA   H  N N 393 
VAL HB   H  N N 394 
VAL HG11 H  N N 395 
VAL HG12 H  N N 396 
VAL HG13 H  N N 397 
VAL HG21 H  N N 398 
VAL HG22 H  N N 399 
VAL HG23 H  N N 400 
VAL HXT  H  N N 401 
ZN  ZN   ZN N N 402 
# 
loop_
_chem_comp_bond.comp_id 
_chem_comp_bond.atom_id_1 
_chem_comp_bond.atom_id_2 
_chem_comp_bond.value_order 
_chem_comp_bond.pdbx_aromatic_flag 
_chem_comp_bond.pdbx_stereo_config 
_chem_comp_bond.pdbx_ordinal 
ALA N   CA   sing N N 1   
ALA N   H    sing N N 2   
ALA N   H2   sing N N 3   
ALA CA  C    sing N N 4   
ALA CA  CB   sing N N 5   
ALA CA  HA   sing N N 6   
ALA C   O    doub N N 7   
ALA C   OXT  sing N N 8   
ALA CB  HB1  sing N N 9   
ALA CB  HB2  sing N N 10  
ALA CB  HB3  sing N N 11  
ALA OXT HXT  sing N N 12  
ARG N   CA   sing N N 13  
ARG N   H    sing N N 14  
ARG N   H2   sing N N 15  
ARG CA  C    sing N N 16  
ARG CA  CB   sing N N 17  
ARG CA  HA   sing N N 18  
ARG C   O    doub N N 19  
ARG C   OXT  sing N N 20  
ARG CB  CG   sing N N 21  
ARG CB  HB2  sing N N 22  
ARG CB  HB3  sing N N 23  
ARG CG  CD   sing N N 24  
ARG CG  HG2  sing N N 25  
ARG CG  HG3  sing N N 26  
ARG CD  NE   sing N N 27  
ARG CD  HD2  sing N N 28  
ARG CD  HD3  sing N N 29  
ARG NE  CZ   sing N N 30  
ARG NE  HE   sing N N 31  
ARG CZ  NH1  sing N N 32  
ARG CZ  NH2  doub N N 33  
ARG NH1 HH11 sing N N 34  
ARG NH1 HH12 sing N N 35  
ARG NH2 HH21 sing N N 36  
ARG NH2 HH22 sing N N 37  
ARG OXT HXT  sing N N 38  
ASN N   CA   sing N N 39  
ASN N   H    sing N N 40  
ASN N   H2   sing N N 41  
ASN CA  C    sing N N 42  
ASN CA  CB   sing N N 43  
ASN CA  HA   sing N N 44  
ASN C   O    doub N N 45  
ASN C   OXT  sing N N 46  
ASN CB  CG   sing N N 47  
ASN CB  HB2  sing N N 48  
ASN CB  HB3  sing N N 49  
ASN CG  OD1  doub N N 50  
ASN CG  ND2  sing N N 51  
ASN ND2 HD21 sing N N 52  
ASN ND2 HD22 sing N N 53  
ASN OXT HXT  sing N N 54  
ASP N   CA   sing N N 55  
ASP N   H    sing N N 56  
ASP N   H2   sing N N 57  
ASP CA  C    sing N N 58  
ASP CA  CB   sing N N 59  
ASP CA  HA   sing N N 60  
ASP C   O    doub N N 61  
ASP C   OXT  sing N N 62  
ASP CB  CG   sing N N 63  
ASP CB  HB2  sing N N 64  
ASP CB  HB3  sing N N 65  
ASP CG  OD1  doub N N 66  
ASP CG  OD2  sing N N 67  
ASP OD2 HD2  sing N N 68  
ASP OXT HXT  sing N N 69  
CYS N   CA   sing N N 70  
CYS N   H    sing N N 71  
CYS N   H2   sing N N 72  
CYS CA  C    sing N N 73  
CYS CA  CB   sing N N 74  
CYS CA  HA   sing N N 75  
CYS C   O    doub N N 76  
CYS C   OXT  sing N N 77  
CYS CB  SG   sing N N 78  
CYS CB  HB2  sing N N 79  
CYS CB  HB3  sing N N 80  
CYS SG  HG   sing N N 81  
CYS OXT HXT  sing N N 82  
EDO C1  O1   sing N N 83  
EDO C1  C2   sing N N 84  
EDO C1  H11  sing N N 85  
EDO C1  H12  sing N N 86  
EDO O1  HO1  sing N N 87  
EDO C2  O2   sing N N 88  
EDO C2  H21  sing N N 89  
EDO C2  H22  sing N N 90  
EDO O2  HO2  sing N N 91  
GLN N   CA   sing N N 92  
GLN N   H    sing N N 93  
GLN N   H2   sing N N 94  
GLN CA  C    sing N N 95  
GLN CA  CB   sing N N 96  
GLN CA  HA   sing N N 97  
GLN C   O    doub N N 98  
GLN C   OXT  sing N N 99  
GLN CB  CG   sing N N 100 
GLN CB  HB2  sing N N 101 
GLN CB  HB3  sing N N 102 
GLN CG  CD   sing N N 103 
GLN CG  HG2  sing N N 104 
GLN CG  HG3  sing N N 105 
GLN CD  OE1  doub N N 106 
GLN CD  NE2  sing N N 107 
GLN NE2 HE21 sing N N 108 
GLN NE2 HE22 sing N N 109 
GLN OXT HXT  sing N N 110 
GLU N   CA   sing N N 111 
GLU N   H    sing N N 112 
GLU N   H2   sing N N 113 
GLU CA  C    sing N N 114 
GLU CA  CB   sing N N 115 
GLU CA  HA   sing N N 116 
GLU C   O    doub N N 117 
GLU C   OXT  sing N N 118 
GLU CB  CG   sing N N 119 
GLU CB  HB2  sing N N 120 
GLU CB  HB3  sing N N 121 
GLU CG  CD   sing N N 122 
GLU CG  HG2  sing N N 123 
GLU CG  HG3  sing N N 124 
GLU CD  OE1  doub N N 125 
GLU CD  OE2  sing N N 126 
GLU OE2 HE2  sing N N 127 
GLU OXT HXT  sing N N 128 
GLY N   CA   sing N N 129 
GLY N   H    sing N N 130 
GLY N   H2   sing N N 131 
GLY CA  C    sing N N 132 
GLY CA  HA2  sing N N 133 
GLY CA  HA3  sing N N 134 
GLY C   O    doub N N 135 
GLY C   OXT  sing N N 136 
GLY OXT HXT  sing N N 137 
HIS N   CA   sing N N 138 
HIS N   H    sing N N 139 
HIS N   H2   sing N N 140 
HIS CA  C    sing N N 141 
HIS CA  CB   sing N N 142 
HIS CA  HA   sing N N 143 
HIS C   O    doub N N 144 
HIS C   OXT  sing N N 145 
HIS CB  CG   sing N N 146 
HIS CB  HB2  sing N N 147 
HIS CB  HB3  sing N N 148 
HIS CG  ND1  sing Y N 149 
HIS CG  CD2  doub Y N 150 
HIS ND1 CE1  doub Y N 151 
HIS ND1 HD1  sing N N 152 
HIS CD2 NE2  sing Y N 153 
HIS CD2 HD2  sing N N 154 
HIS CE1 NE2  sing Y N 155 
HIS CE1 HE1  sing N N 156 
HIS NE2 HE2  sing N N 157 
HIS OXT HXT  sing N N 158 
HOH O   H1   sing N N 159 
HOH O   H2   sing N N 160 
ILE N   CA   sing N N 161 
ILE N   H    sing N N 162 
ILE N   H2   sing N N 163 
ILE CA  C    sing N N 164 
ILE CA  CB   sing N N 165 
ILE CA  HA   sing N N 166 
ILE C   O    doub N N 167 
ILE C   OXT  sing N N 168 
ILE CB  CG1  sing N N 169 
ILE CB  CG2  sing N N 170 
ILE CB  HB   sing N N 171 
ILE CG1 CD1  sing N N 172 
ILE CG1 HG12 sing N N 173 
ILE CG1 HG13 sing N N 174 
ILE CG2 HG21 sing N N 175 
ILE CG2 HG22 sing N N 176 
ILE CG2 HG23 sing N N 177 
ILE CD1 HD11 sing N N 178 
ILE CD1 HD12 sing N N 179 
ILE CD1 HD13 sing N N 180 
ILE OXT HXT  sing N N 181 
LEU N   CA   sing N N 182 
LEU N   H    sing N N 183 
LEU N   H2   sing N N 184 
LEU CA  C    sing N N 185 
LEU CA  CB   sing N N 186 
LEU CA  HA   sing N N 187 
LEU C   O    doub N N 188 
LEU C   OXT  sing N N 189 
LEU CB  CG   sing N N 190 
LEU CB  HB2  sing N N 191 
LEU CB  HB3  sing N N 192 
LEU CG  CD1  sing N N 193 
LEU CG  CD2  sing N N 194 
LEU CG  HG   sing N N 195 
LEU CD1 HD11 sing N N 196 
LEU CD1 HD12 sing N N 197 
LEU CD1 HD13 sing N N 198 
LEU CD2 HD21 sing N N 199 
LEU CD2 HD22 sing N N 200 
LEU CD2 HD23 sing N N 201 
LEU OXT HXT  sing N N 202 
LYS N   CA   sing N N 203 
LYS N   H    sing N N 204 
LYS N   H2   sing N N 205 
LYS CA  C    sing N N 206 
LYS CA  CB   sing N N 207 
LYS CA  HA   sing N N 208 
LYS C   O    doub N N 209 
LYS C   OXT  sing N N 210 
LYS CB  CG   sing N N 211 
LYS CB  HB2  sing N N 212 
LYS CB  HB3  sing N N 213 
LYS CG  CD   sing N N 214 
LYS CG  HG2  sing N N 215 
LYS CG  HG3  sing N N 216 
LYS CD  CE   sing N N 217 
LYS CD  HD2  sing N N 218 
LYS CD  HD3  sing N N 219 
LYS CE  NZ   sing N N 220 
LYS CE  HE2  sing N N 221 
LYS CE  HE3  sing N N 222 
LYS NZ  HZ1  sing N N 223 
LYS NZ  HZ2  sing N N 224 
LYS NZ  HZ3  sing N N 225 
LYS OXT HXT  sing N N 226 
MSE N   CA   sing N N 227 
MSE N   H    sing N N 228 
MSE N   H2   sing N N 229 
MSE CA  C    sing N N 230 
MSE CA  CB   sing N N 231 
MSE CA  HA   sing N N 232 
MSE C   O    doub N N 233 
MSE C   OXT  sing N N 234 
MSE OXT HXT  sing N N 235 
MSE CB  CG   sing N N 236 
MSE CB  HB2  sing N N 237 
MSE CB  HB3  sing N N 238 
MSE CG  SE   sing N N 239 
MSE CG  HG2  sing N N 240 
MSE CG  HG3  sing N N 241 
MSE SE  CE   sing N N 242 
MSE CE  HE1  sing N N 243 
MSE CE  HE2  sing N N 244 
MSE CE  HE3  sing N N 245 
PHE N   CA   sing N N 246 
PHE N   H    sing N N 247 
PHE N   H2   sing N N 248 
PHE CA  C    sing N N 249 
PHE CA  CB   sing N N 250 
PHE CA  HA   sing N N 251 
PHE C   O    doub N N 252 
PHE C   OXT  sing N N 253 
PHE CB  CG   sing N N 254 
PHE CB  HB2  sing N N 255 
PHE CB  HB3  sing N N 256 
PHE CG  CD1  doub Y N 257 
PHE CG  CD2  sing Y N 258 
PHE CD1 CE1  sing Y N 259 
PHE CD1 HD1  sing N N 260 
PHE CD2 CE2  doub Y N 261 
PHE CD2 HD2  sing N N 262 
PHE CE1 CZ   doub Y N 263 
PHE CE1 HE1  sing N N 264 
PHE CE2 CZ   sing Y N 265 
PHE CE2 HE2  sing N N 266 
PHE CZ  HZ   sing N N 267 
PHE OXT HXT  sing N N 268 
PRO N   CA   sing N N 269 
PRO N   CD   sing N N 270 
PRO N   H    sing N N 271 
PRO CA  C    sing N N 272 
PRO CA  CB   sing N N 273 
PRO CA  HA   sing N N 274 
PRO C   O    doub N N 275 
PRO C   OXT  sing N N 276 
PRO CB  CG   sing N N 277 
PRO CB  HB2  sing N N 278 
PRO CB  HB3  sing N N 279 
PRO CG  CD   sing N N 280 
PRO CG  HG2  sing N N 281 
PRO CG  HG3  sing N N 282 
PRO CD  HD2  sing N N 283 
PRO CD  HD3  sing N N 284 
PRO OXT HXT  sing N N 285 
SER N   CA   sing N N 286 
SER N   H    sing N N 287 
SER N   H2   sing N N 288 
SER CA  C    sing N N 289 
SER CA  CB   sing N N 290 
SER CA  HA   sing N N 291 
SER C   O    doub N N 292 
SER C   OXT  sing N N 293 
SER CB  OG   sing N N 294 
SER CB  HB2  sing N N 295 
SER CB  HB3  sing N N 296 
SER OG  HG   sing N N 297 
SER OXT HXT  sing N N 298 
THR N   CA   sing N N 299 
THR N   H    sing N N 300 
THR N   H2   sing N N 301 
THR CA  C    sing N N 302 
THR CA  CB   sing N N 303 
THR CA  HA   sing N N 304 
THR C   O    doub N N 305 
THR C   OXT  sing N N 306 
THR CB  OG1  sing N N 307 
THR CB  CG2  sing N N 308 
THR CB  HB   sing N N 309 
THR OG1 HG1  sing N N 310 
THR CG2 HG21 sing N N 311 
THR CG2 HG22 sing N N 312 
THR CG2 HG23 sing N N 313 
THR OXT HXT  sing N N 314 
TRP N   CA   sing N N 315 
TRP N   H    sing N N 316 
TRP N   H2   sing N N 317 
TRP CA  C    sing N N 318 
TRP CA  CB   sing N N 319 
TRP CA  HA   sing N N 320 
TRP C   O    doub N N 321 
TRP C   OXT  sing N N 322 
TRP CB  CG   sing N N 323 
TRP CB  HB2  sing N N 324 
TRP CB  HB3  sing N N 325 
TRP CG  CD1  doub Y N 326 
TRP CG  CD2  sing Y N 327 
TRP CD1 NE1  sing Y N 328 
TRP CD1 HD1  sing N N 329 
TRP CD2 CE2  doub Y N 330 
TRP CD2 CE3  sing Y N 331 
TRP NE1 CE2  sing Y N 332 
TRP NE1 HE1  sing N N 333 
TRP CE2 CZ2  sing Y N 334 
TRP CE3 CZ3  doub Y N 335 
TRP CE3 HE3  sing N N 336 
TRP CZ2 CH2  doub Y N 337 
TRP CZ2 HZ2  sing N N 338 
TRP CZ3 CH2  sing Y N 339 
TRP CZ3 HZ3  sing N N 340 
TRP CH2 HH2  sing N N 341 
TRP OXT HXT  sing N N 342 
TYR N   CA   sing N N 343 
TYR N   H    sing N N 344 
TYR N   H2   sing N N 345 
TYR CA  C    sing N N 346 
TYR CA  CB   sing N N 347 
TYR CA  HA   sing N N 348 
TYR C   O    doub N N 349 
TYR C   OXT  sing N N 350 
TYR CB  CG   sing N N 351 
TYR CB  HB2  sing N N 352 
TYR CB  HB3  sing N N 353 
TYR CG  CD1  doub Y N 354 
TYR CG  CD2  sing Y N 355 
TYR CD1 CE1  sing Y N 356 
TYR CD1 HD1  sing N N 357 
TYR CD2 CE2  doub Y N 358 
TYR CD2 HD2  sing N N 359 
TYR CE1 CZ   doub Y N 360 
TYR CE1 HE1  sing N N 361 
TYR CE2 CZ   sing Y N 362 
TYR CE2 HE2  sing N N 363 
TYR CZ  OH   sing N N 364 
TYR OH  HH   sing N N 365 
TYR OXT HXT  sing N N 366 
VAL N   CA   sing N N 367 
VAL N   H    sing N N 368 
VAL N   H2   sing N N 369 
VAL CA  C    sing N N 370 
VAL CA  CB   sing N N 371 
VAL CA  HA   sing N N 372 
VAL C   O    doub N N 373 
VAL C   OXT  sing N N 374 
VAL CB  CG1  sing N N 375 
VAL CB  CG2  sing N N 376 
VAL CB  HB   sing N N 377 
VAL CG1 HG11 sing N N 378 
VAL CG1 HG12 sing N N 379 
VAL CG1 HG13 sing N N 380 
VAL CG2 HG21 sing N N 381 
VAL CG2 HG22 sing N N 382 
VAL CG2 HG23 sing N N 383 
VAL OXT HXT  sing N N 384 
# 
_atom_sites.entry_id                    3G27 
_atom_sites.fract_transf_matrix[1][1]   -0.00339765 
_atom_sites.fract_transf_matrix[1][2]   -0.01396802 
_atom_sites.fract_transf_matrix[1][3]   0.00745253 
_atom_sites.fract_transf_matrix[2][1]   0.00326594 
_atom_sites.fract_transf_matrix[2][2]   -0.01407681 
_atom_sites.fract_transf_matrix[2][3]   -0.00730465 
_atom_sites.fract_transf_matrix[3][1]   0.02818730 
_atom_sites.fract_transf_matrix[3][2]   -0.00006527 
_atom_sites.fract_transf_matrix[3][3]   0.01272844 
_atom_sites.fract_transf_vector[1]      0.299145 
_atom_sites.fract_transf_vector[2]      0.453157 
_atom_sites.fract_transf_vector[3]      0.153628 
# 
loop_
_atom_type.symbol 
C  
CA 
N  
O  
S  
SE 
ZN 
# 
loop_
_atom_site.group_PDB 
_atom_site.id 
_atom_site.type_symbol 
_atom_site.label_atom_id 
_atom_site.label_alt_id 
_atom_site.label_comp_id 
_atom_site.label_asym_id 
_atom_site.label_entity_id 
_atom_site.label_seq_id 
_atom_site.pdbx_PDB_ins_code 
_atom_site.Cartn_x 
_atom_site.Cartn_y 
_atom_site.Cartn_z 
_atom_site.occupancy 
_atom_site.B_iso_or_equiv 
_atom_site.pdbx_formal_charge 
_atom_site.auth_seq_id 
_atom_site.auth_comp_id 
_atom_site.auth_asym_id 
_atom_site.auth_atom_id 
_atom_site.pdbx_PDB_model_num 
ATOM   1   N  N   . ARG A 1 5  ? -0.641  13.777  -1.679  1.00 57.37 ? 5   ARG A N   1 
ATOM   2   C  CA  . ARG A 1 5  ? -0.574  12.454  -0.978  1.00 56.78 ? 5   ARG A CA  1 
ATOM   3   C  C   . ARG A 1 5  ? 0.026   11.412  -1.956  1.00 56.12 ? 5   ARG A C   1 
ATOM   4   O  O   . ARG A 1 5  ? 0.729   10.481  -1.530  1.00 56.11 ? 5   ARG A O   1 
ATOM   5   C  CB  . ARG A 1 5  ? -1.949  12.040  -0.402  1.00 56.83 ? 5   ARG A CB  1 
ATOM   6   N  N   . LYS A 1 6  ? -0.207  11.602  -3.256  1.00 54.69 ? 6   LYS A N   1 
ATOM   7   C  CA  . LYS A 1 6  ? 0.451   10.786  -4.270  1.00 53.93 ? 6   LYS A CA  1 
ATOM   8   C  C   . LYS A 1 6  ? 1.975   10.930  -4.197  1.00 53.21 ? 6   LYS A C   1 
ATOM   9   O  O   . LYS A 1 6  ? 2.678   10.121  -4.792  1.00 53.25 ? 6   LYS A O   1 
ATOM   10  C  CB  . LYS A 1 6  ? -0.079  11.088  -5.684  1.00 53.91 ? 6   LYS A CB  1 
ATOM   11  C  CG  . LYS A 1 6  ? -1.211  10.156  -6.167  1.00 54.40 ? 6   LYS A CG  1 
ATOM   12  C  CD  . LYS A 1 6  ? -2.289  10.916  -6.965  1.00 55.24 ? 6   LYS A CD  1 
ATOM   13  C  CE  . LYS A 1 6  ? -3.205  9.967   -7.752  1.00 56.15 ? 6   LYS A CE  1 
ATOM   14  N  NZ  . LYS A 1 6  ? -4.610  10.477  -7.986  1.00 56.06 ? 6   LYS A NZ  1 
ATOM   15  N  N   . ALA A 1 7  ? 2.482   11.936  -3.466  1.00 52.41 ? 7   ALA A N   1 
ATOM   16  C  CA  . ALA A 1 7  ? 3.883   11.930  -2.962  1.00 51.65 ? 7   ALA A CA  1 
ATOM   17  C  C   . ALA A 1 7  ? 4.087   11.005  -1.710  1.00 50.92 ? 7   ALA A C   1 
ATOM   18  O  O   . ALA A 1 7  ? 4.449   11.465  -0.615  1.00 51.09 ? 7   ALA A O   1 
ATOM   19  C  CB  . ALA A 1 7  ? 4.325   13.302  -2.662  1.00 51.54 ? 7   ALA A CB  1 
ATOM   20  N  N   . ALA A 1 8  ? 3.771   9.717   -1.912  1.00 49.02 ? 8   ALA A N   1 
ATOM   21  C  CA  . ALA A 1 8  ? 4.197   8.574   -1.100  1.00 47.69 ? 8   ALA A CA  1 
ATOM   22  C  C   . ALA A 1 8  ? 5.306   7.833   -1.852  1.00 46.31 ? 8   ALA A C   1 
ATOM   23  O  O   . ALA A 1 8  ? 5.802   6.810   -1.392  1.00 45.92 ? 8   ALA A O   1 
ATOM   24  C  CB  . ALA A 1 8  ? 3.021   7.621   -0.892  1.00 47.50 ? 8   ALA A CB  1 
ATOM   25  N  N   . ARG A 1 9  ? 5.675   8.351   -3.025  1.00 44.97 ? 9   ARG A N   1 
ATOM   26  C  CA  . ARG A 1 9  ? 6.709   7.758   -3.850  1.00 44.25 ? 9   ARG A CA  1 
ATOM   27  C  C   . ARG A 1 9  ? 8.014   7.740   -3.053  1.00 43.43 ? 9   ARG A C   1 
ATOM   28  O  O   . ARG A 1 9  ? 8.335   8.714   -2.375  1.00 43.17 ? 9   ARG A O   1 
ATOM   29  C  CB  . ARG A 1 9  ? 6.851   8.532   -5.165  1.00 43.75 ? 9   ARG A CB  1 
ATOM   30  N  N   . GLY A 1 10 ? 8.731   6.611   -3.082  1.00 42.64 ? 10  GLY A N   1 
ATOM   31  C  CA  . GLY A 1 10 ? 10.018  6.509   -2.378  1.00 42.12 ? 10  GLY A CA  1 
ATOM   32  C  C   . GLY A 1 10 ? 9.939   6.307   -0.873  1.00 41.25 ? 10  GLY A C   1 
ATOM   33  O  O   . GLY A 1 10 ? 10.965  6.323   -0.171  1.00 41.13 ? 10  GLY A O   1 
ATOM   34  N  N   . ARG A 1 11 ? 8.729   6.125   -0.371  1.00 40.20 ? 11  ARG A N   1 
ATOM   35  C  CA  . ARG A 1 11 ? 8.542   5.740   1.005   1.00 39.85 ? 11  ARG A CA  1 
ATOM   36  C  C   . ARG A 1 11 ? 8.465   4.227   1.100   1.00 38.82 ? 11  ARG A C   1 
ATOM   37  O  O   . ARG A 1 11 ? 8.207   3.522   0.128   1.00 38.53 ? 11  ARG A O   1 
ATOM   38  C  CB  . ARG A 1 11 ? 7.242   6.317   1.549   1.00 40.32 ? 11  ARG A CB  1 
ATOM   39  C  CG  . ARG A 1 11 ? 7.202   7.807   1.695   1.00 42.87 ? 11  ARG A CG  1 
ATOM   40  C  CD  . ARG A 1 11 ? 7.297   8.181   3.137   1.00 46.51 ? 11  ARG A CD  1 
ATOM   41  N  NE  . ARG A 1 11 ? 6.797   9.525   3.397   1.00 49.81 ? 11  ARG A NE  1 
ATOM   42  C  CZ  . ARG A 1 11 ? 6.755   10.064  4.608   1.00 52.26 ? 11  ARG A CZ  1 
ATOM   43  N  NH1 . ARG A 1 11 ? 6.300   11.306  4.777   1.00 53.11 ? 11  ARG A NH1 1 
ATOM   44  N  NH2 . ARG A 1 11 ? 7.182   9.352   5.659   1.00 53.90 ? 11  ARG A NH2 1 
ATOM   45  N  N   . GLU A 1 12 ? 8.624   3.749   2.318   1.00 38.04 ? 12  GLU A N   1 
ATOM   46  C  CA  . GLU A 1 12 ? 8.496   2.340   2.639   1.00 38.29 ? 12  GLU A CA  1 
ATOM   47  C  C   . GLU A 1 12 ? 7.087   1.770   2.432   1.00 36.36 ? 12  GLU A C   1 
ATOM   48  O  O   . GLU A 1 12 ? 6.090   2.391   2.799   1.00 35.38 ? 12  GLU A O   1 
ATOM   49  C  CB  . GLU A 1 12 ? 8.901   2.143   4.103   1.00 39.42 ? 12  GLU A CB  1 
ATOM   50  C  CG  . GLU A 1 12 ? 9.087   0.697   4.508   1.00 43.96 ? 12  GLU A CG  1 
ATOM   51  C  CD  . GLU A 1 12 ? 10.356  0.483   5.323   1.00 50.72 ? 12  GLU A CD  1 
ATOM   52  O  OE1 . GLU A 1 12 ? 10.353  0.762   6.569   1.00 53.51 ? 12  GLU A OE1 1 
ATOM   53  O  OE2 . GLU A 1 12 ? 11.356  0.038   4.686   1.00 55.06 ? 12  GLU A OE2 1 
ATOM   54  N  N   . CYS A 1 13 ? 7.020   0.556   1.877   1.00 34.45 ? 13  CYS A N   1 
ATOM   55  C  CA  . CYS A 1 13 ? 5.754   -0.147  1.690   1.00 32.66 ? 13  CYS A CA  1 
ATOM   56  C  C   . CYS A 1 13 ? 5.110   -0.364  3.042   1.00 32.16 ? 13  CYS A C   1 
ATOM   57  O  O   . CYS A 1 13 ? 5.761   -0.826  3.965   1.00 30.96 ? 13  CYS A O   1 
ATOM   58  C  CB  . CYS A 1 13 ? 5.995   -1.498  1.017   1.00 32.44 ? 13  CYS A CB  1 
ATOM   59  S  SG  . CYS A 1 13 ? 4.522   -2.428  0.601   1.00 30.09 ? 13  CYS A SG  1 
ATOM   60  N  N   . GLN A 1 14 ? 3.829   -0.016  3.152   1.00 31.93 ? 14  GLN A N   1 
ATOM   61  C  CA  . GLN A 1 14 ? 3.055   -0.252  4.367   1.00 31.42 ? 14  GLN A CA  1 
ATOM   62  C  C   . GLN A 1 14 ? 2.180   -1.496  4.284   1.00 30.93 ? 14  GLN A C   1 
ATOM   63  O  O   . GLN A 1 14 ? 1.549   -1.845  5.267   1.00 29.57 ? 14  GLN A O   1 
ATOM   64  C  CB  . GLN A 1 14 ? 2.197   0.964   4.687   1.00 31.98 ? 14  GLN A CB  1 
ATOM   65  C  CG  . GLN A 1 14 ? 2.993   2.223   4.943   1.00 32.11 ? 14  GLN A CG  1 
ATOM   66  C  CD  . GLN A 1 14 ? 3.956   2.049   6.123   1.00 34.89 ? 14  GLN A CD  1 
ATOM   67  O  OE1 . GLN A 1 14 ? 3.540   1.695   7.222   1.00 36.16 ? 14  GLN A OE1 1 
ATOM   68  N  NE2 . GLN A 1 14 ? 5.251   2.274   5.883   1.00 33.06 ? 14  GLN A NE2 1 
ATOM   69  N  N   . VAL A 1 15 ? 2.154   -2.167  3.127   1.00 31.31 ? 15  VAL A N   1 
ATOM   70  C  CA  . VAL A 1 15 ? 1.295   -3.358  2.925   1.00 31.58 ? 15  VAL A CA  1 
ATOM   71  C  C   . VAL A 1 15 ? 2.076   -4.588  3.390   1.00 32.35 ? 15  VAL A C   1 
ATOM   72  O  O   . VAL A 1 15 ? 1.596   -5.379  4.196   1.00 33.07 ? 15  VAL A O   1 
ATOM   73  C  CB  . VAL A 1 15 ? 0.885   -3.554  1.442   1.00 31.05 ? 15  VAL A CB  1 
ATOM   74  C  CG1 . VAL A 1 15 ? 0.114   -4.845  1.273   1.00 31.16 ? 15  VAL A CG1 1 
ATOM   75  C  CG2 . VAL A 1 15 ? 0.073   -2.393  0.926   1.00 30.33 ? 15  VAL A CG2 1 
ATOM   76  N  N   A ARG A 1 16 ? 3.280   -4.745  2.853   0.50 32.30 ? 16  ARG A N   1 
ATOM   77  N  N   B ARG A 1 16 ? 3.276   -4.745  2.845   0.50 32.26 ? 16  ARG A N   1 
ATOM   78  C  CA  A ARG A 1 16 ? 4.224   -5.769  3.303   0.50 32.95 ? 16  ARG A CA  1 
ATOM   79  C  CA  B ARG A 1 16 ? 4.222   -5.774  3.275   0.50 32.88 ? 16  ARG A CA  1 
ATOM   80  C  C   A ARG A 1 16 ? 3.662   -7.193  3.372   0.50 32.78 ? 16  ARG A C   1 
ATOM   81  C  C   B ARG A 1 16 ? 3.657   -7.191  3.371   0.50 32.75 ? 16  ARG A C   1 
ATOM   82  O  O   A ARG A 1 16 ? 3.797   -7.860  4.402   0.50 32.80 ? 16  ARG A O   1 
ATOM   83  O  O   B ARG A 1 16 ? 3.789   -7.849  4.408   0.50 32.76 ? 16  ARG A O   1 
ATOM   84  C  CB  A ARG A 1 16 ? 4.795   -5.379  4.671   0.50 33.18 ? 16  ARG A CB  1 
ATOM   85  C  CB  B ARG A 1 16 ? 4.858   -5.357  4.604   0.50 33.09 ? 16  ARG A CB  1 
ATOM   86  C  CG  A ARG A 1 16 ? 4.973   -3.868  4.858   0.50 34.96 ? 16  ARG A CG  1 
ATOM   87  C  CG  B ARG A 1 16 ? 5.492   -3.968  4.522   0.50 34.69 ? 16  ARG A CG  1 
ATOM   88  C  CD  A ARG A 1 16 ? 5.992   -3.559  5.943   0.50 38.41 ? 16  ARG A CD  1 
ATOM   89  C  CD  B ARG A 1 16 ? 6.651   -3.817  5.493   0.50 38.04 ? 16  ARG A CD  1 
ATOM   90  N  NE  A ARG A 1 16 ? 5.787   -2.255  6.570   0.50 40.82 ? 16  ARG A NE  1 
ATOM   91  N  NE  B ARG A 1 16 ? 7.720   -2.991  4.943   0.50 39.49 ? 16  ARG A NE  1 
ATOM   92  C  CZ  A ARG A 1 16 ? 5.199   -2.091  7.747   0.50 43.31 ? 16  ARG A CZ  1 
ATOM   93  C  CZ  B ARG A 1 16 ? 8.685   -3.453  4.165   0.50 41.69 ? 16  ARG A CZ  1 
ATOM   94  N  NH1 A ARG A 1 16 ? 5.058   -0.875  8.259   0.50 44.79 ? 16  ARG A NH1 1 
ATOM   95  N  NH1 B ARG A 1 16 ? 9.607   -2.629  3.718   0.50 43.38 ? 16  ARG A NH1 1 
ATOM   96  N  NH2 A ARG A 1 16 ? 4.755   -3.150  8.415   0.50 44.83 ? 16  ARG A NH2 1 
ATOM   97  N  NH2 B ARG A 1 16 ? 8.726   -4.737  3.827   0.50 43.18 ? 16  ARG A NH2 1 
ATOM   98  N  N   . ILE A 1 17 ? 3.063   -7.670  2.280   1.00 32.48 ? 17  ILE A N   1 
ATOM   99  C  CA  . ILE A 1 17 ? 2.623   -9.056  2.211   1.00 31.95 ? 17  ILE A CA  1 
ATOM   100 C  C   . ILE A 1 17 ? 3.888   -9.916  2.191   1.00 31.07 ? 17  ILE A C   1 
ATOM   101 O  O   . ILE A 1 17 ? 4.771   -9.737  1.327   1.00 31.87 ? 17  ILE A O   1 
ATOM   102 C  CB  . ILE A 1 17 ? 1.764   -9.361  0.967   1.00 31.85 ? 17  ILE A CB  1 
ATOM   103 C  CG1 . ILE A 1 17 ? 0.490   -8.521  0.979   1.00 32.96 ? 17  ILE A CG1 1 
ATOM   104 C  CG2 . ILE A 1 17 ? 1.431   -10.847 0.939   1.00 31.53 ? 17  ILE A CG2 1 
ATOM   105 C  CD1 . ILE A 1 17 ? -0.283  -8.498  -0.310  1.00 30.28 ? 17  ILE A CD1 1 
ATOM   106 N  N   . PRO A 1 18 ? 4.006   -10.845 3.140   1.00 30.42 ? 18  PRO A N   1 
ATOM   107 C  CA  . PRO A 1 18 ? 5.214   -11.648 3.127   1.00 30.14 ? 18  PRO A CA  1 
ATOM   108 C  C   . PRO A 1 18 ? 5.458   -12.346 1.799   1.00 29.70 ? 18  PRO A C   1 
ATOM   109 O  O   . PRO A 1 18 ? 4.529   -12.823 1.179   1.00 29.27 ? 18  PRO A O   1 
ATOM   110 C  CB  . PRO A 1 18 ? 4.961   -12.671 4.236   1.00 30.51 ? 18  PRO A CB  1 
ATOM   111 C  CG  . PRO A 1 18 ? 4.032   -11.958 5.183   1.00 29.83 ? 18  PRO A CG  1 
ATOM   112 C  CD  . PRO A 1 18 ? 3.149   -11.160 4.306   1.00 30.29 ? 18  PRO A CD  1 
ATOM   113 N  N   . GLY A 1 19 ? 6.718   -12.386 1.373   1.00 29.06 ? 19  GLY A N   1 
ATOM   114 C  CA  . GLY A 1 19 ? 7.096   -13.056 0.140   1.00 28.83 ? 19  GLY A CA  1 
ATOM   115 C  C   . GLY A 1 19 ? 6.875   -12.131 -1.027  1.00 28.75 ? 19  GLY A C   1 
ATOM   116 O  O   . GLY A 1 19 ? 7.821   -11.760 -1.738  1.00 28.83 ? 19  GLY A O   1 
ATOM   117 N  N   . VAL A 1 20 ? 5.621   -11.735 -1.188  1.00 28.56 ? 20  VAL A N   1 
ATOM   118 C  CA  . VAL A 1 20 ? 5.206   -10.834 -2.253  1.00 28.78 ? 20  VAL A CA  1 
ATOM   119 C  C   . VAL A 1 20 ? 5.940   -9.472  -2.230  1.00 28.84 ? 20  VAL A C   1 
ATOM   120 O  O   . VAL A 1 20 ? 6.403   -8.973  -3.267  1.00 30.41 ? 20  VAL A O   1 
ATOM   121 C  CB  . VAL A 1 20 ? 3.624   -10.641 -2.227  1.00 28.77 ? 20  VAL A CB  1 
ATOM   122 C  CG1 . VAL A 1 20 ? 3.214   -9.570  -3.190  1.00 26.85 ? 20  VAL A CG1 1 
ATOM   123 C  CG2 . VAL A 1 20 ? 2.894   -11.949 -2.489  1.00 26.36 ? 20  VAL A CG2 1 
ATOM   124 N  N   . CYS A 1 21 ? 6.049   -8.880  -1.054  1.00 28.61 ? 21  CYS A N   1 
ATOM   125 C  CA  . CYS A 1 21 ? 6.705   -7.596  -0.911  1.00 28.75 ? 21  CYS A CA  1 
ATOM   126 C  C   . CYS A 1 21 ? 8.089   -7.658  -1.494  1.00 28.41 ? 21  CYS A C   1 
ATOM   127 O  O   . CYS A 1 21 ? 8.821   -8.633  -1.275  1.00 29.37 ? 21  CYS A O   1 
ATOM   128 C  CB  . CYS A 1 21 ? 6.806   -7.179  0.566   1.00 28.16 ? 21  CYS A CB  1 
ATOM   129 S  SG  . CYS A 1 21 ? 7.043   -5.334  0.841   1.00 30.33 ? 21  CYS A SG  1 
ATOM   130 N  N   . ASN A 1 22 ? 8.470   -6.617  -2.218  1.00 28.47 ? 22  ASN A N   1 
ATOM   131 C  CA  . ASN A 1 22 ? 9.849   -6.485  -2.629  1.00 28.62 ? 22  ASN A CA  1 
ATOM   132 C  C   . ASN A 1 22 ? 10.704  -5.654  -1.644  1.00 29.35 ? 22  ASN A C   1 
ATOM   133 O  O   . ASN A 1 22 ? 11.908  -5.657  -1.719  1.00 29.28 ? 22  ASN A O   1 
ATOM   134 C  CB  . ASN A 1 22 ? 9.980   -6.002  -4.091  1.00 28.77 ? 22  ASN A CB  1 
ATOM   135 C  CG  . ASN A 1 22 ? 9.462   -4.594  -4.328  1.00 27.74 ? 22  ASN A CG  1 
ATOM   136 O  OD1 . ASN A 1 22 ? 9.606   -3.697  -3.500  1.00 29.97 ? 22  ASN A OD1 1 
ATOM   137 N  ND2 . ASN A 1 22 ? 8.877   -4.393  -5.486  1.00 25.38 ? 22  ASN A ND2 1 
ATOM   138 N  N   . GLY A 1 23 ? 10.069  -4.935  -0.730  1.00 29.84 ? 23  GLY A N   1 
ATOM   139 C  CA  . GLY A 1 23 ? 10.779  -4.134  0.256   1.00 30.36 ? 23  GLY A CA  1 
ATOM   140 C  C   . GLY A 1 23 ? 11.605  -2.975  -0.282  1.00 30.38 ? 23  GLY A C   1 
ATOM   141 O  O   . GLY A 1 23 ? 12.485  -2.458  0.426   1.00 30.79 ? 23  GLY A O   1 
ATOM   142 N  N   . ASN A 1 24 ? 11.342  -2.566  -1.517  1.00 30.22 ? 24  ASN A N   1 
ATOM   143 C  CA  . ASN A 1 24 ? 12.160  -1.578  -2.185  1.00 30.29 ? 24  ASN A CA  1 
ATOM   144 C  C   . ASN A 1 24 ? 11.363  -0.283  -2.325  1.00 30.76 ? 24  ASN A C   1 
ATOM   145 O  O   . ASN A 1 24 ? 10.513  -0.149  -3.202  1.00 30.57 ? 24  ASN A O   1 
ATOM   146 C  CB  . ASN A 1 24 ? 12.639  -2.105  -3.528  1.00 29.86 ? 24  ASN A CB  1 
ATOM   147 C  CG  . ASN A 1 24 ? 13.619  -1.192  -4.193  1.00 30.20 ? 24  ASN A CG  1 
ATOM   148 O  OD1 . ASN A 1 24 ? 13.983  -0.120  -3.672  1.00 32.10 ? 24  ASN A OD1 1 
ATOM   149 N  ND2 . ASN A 1 24 ? 14.053  -1.590  -5.366  1.00 30.13 ? 24  ASN A ND2 1 
ATOM   150 N  N   . PRO A 1 25 ? 11.644  0.684   -1.448  1.00 31.71 ? 25  PRO A N   1 
ATOM   151 C  CA  . PRO A 1 25 ? 10.871  1.914   -1.428  1.00 32.25 ? 25  PRO A CA  1 
ATOM   152 C  C   . PRO A 1 25 ? 10.931  2.715   -2.727  1.00 32.23 ? 25  PRO A C   1 
ATOM   153 O  O   . PRO A 1 25 ? 10.034  3.477   -2.991  1.00 33.80 ? 25  PRO A O   1 
ATOM   154 C  CB  . PRO A 1 25 ? 11.478  2.695   -0.257  1.00 32.34 ? 25  PRO A CB  1 
ATOM   155 C  CG  . PRO A 1 25 ? 12.818  2.207   -0.126  1.00 32.42 ? 25  PRO A CG  1 
ATOM   156 C  CD  . PRO A 1 25 ? 12.835  0.769   -0.586  1.00 32.22 ? 25  PRO A CD  1 
ATOM   157 N  N   . GLU A 1 26 ? 11.953  2.541   -3.540  1.00 32.28 ? 26  GLU A N   1 
ATOM   158 C  CA  . GLU A 1 26 ? 11.974  3.189   -4.839  1.00 32.78 ? 26  GLU A CA  1 
ATOM   159 C  C   . GLU A 1 26 ? 10.761  2.796   -5.686  1.00 32.17 ? 26  GLU A C   1 
ATOM   160 O  O   . GLU A 1 26 ? 10.375  3.535   -6.579  1.00 32.11 ? 26  GLU A O   1 
ATOM   161 C  CB  . GLU A 1 26 ? 13.273  2.879   -5.614  1.00 33.25 ? 26  GLU A CB  1 
ATOM   162 C  CG  . GLU A 1 26 ? 13.243  1.571   -6.460  1.00 36.55 ? 26  GLU A CG  1 
ATOM   163 C  CD  . GLU A 1 26 ? 14.611  1.111   -6.988  1.00 41.05 ? 26  GLU A CD  1 
ATOM   164 O  OE1 . GLU A 1 26 ? 14.761  0.903   -8.220  1.00 42.57 ? 26  GLU A OE1 1 
ATOM   165 O  OE2 . GLU A 1 26 ? 15.535  0.973   -6.166  1.00 45.29 ? 26  GLU A OE2 1 
ATOM   166 N  N   . THR A 1 27 ? 10.173  1.627   -5.444  1.00 31.70 ? 27  THR A N   1 
ATOM   167 C  CA  . THR A 1 27 ? 9.055   1.184   -6.283  1.00 31.01 ? 27  THR A CA  1 
ATOM   168 C  C   . THR A 1 27 ? 7.701   1.627   -5.704  1.00 31.74 ? 27  THR A C   1 
ATOM   169 O  O   . THR A 1 27 ? 6.664   1.325   -6.288  1.00 31.65 ? 27  THR A O   1 
ATOM   170 C  CB  . THR A 1 27 ? 9.088   -0.333  -6.501  1.00 30.60 ? 27  THR A CB  1 
ATOM   171 O  OG1 . THR A 1 27 ? 8.768   -1.002  -5.280  1.00 28.56 ? 27  THR A OG1 1 
ATOM   172 C  CG2 . THR A 1 27 ? 10.471  -0.760  -6.954  1.00 28.70 ? 27  THR A CG2 1 
ATOM   173 N  N   . SER A 1 28 ? 7.708   2.350   -4.575  1.00 31.67 ? 28  SER A N   1 
ATOM   174 C  CA  . SER A 1 28 ? 6.470   2.594   -3.838  1.00 32.04 ? 28  SER A CA  1 
ATOM   175 C  C   . SER A 1 28 ? 5.618   3.583   -4.549  1.00 31.76 ? 28  SER A C   1 
ATOM   176 O  O   . SER A 1 28 ? 6.139   4.557   -5.082  1.00 31.59 ? 28  SER A O   1 
ATOM   177 C  CB  . SER A 1 28 ? 6.746   3.140   -2.447  1.00 32.17 ? 28  SER A CB  1 
ATOM   178 O  OG  . SER A 1 28 ? 7.102   2.068   -1.601  1.00 34.91 ? 28  SER A OG  1 
ATOM   179 N  N   . VAL A 1 29 ? 4.308   3.345   -4.538  1.00 31.30 ? 29  VAL A N   1 
ATOM   180 C  CA  . VAL A 1 29 ? 3.349   4.334   -5.030  1.00 30.96 ? 29  VAL A CA  1 
ATOM   181 C  C   . VAL A 1 29 ? 2.159   4.439   -4.070  1.00 31.06 ? 29  VAL A C   1 
ATOM   182 O  O   . VAL A 1 29 ? 2.000   3.614   -3.178  1.00 31.79 ? 29  VAL A O   1 
ATOM   183 C  CB  . VAL A 1 29 ? 2.840   3.959   -6.449  1.00 30.97 ? 29  VAL A CB  1 
ATOM   184 C  CG1 . VAL A 1 29 ? 4.019   3.859   -7.450  1.00 31.30 ? 29  VAL A CG1 1 
ATOM   185 C  CG2 . VAL A 1 29 ? 2.062   2.648   -6.403  1.00 29.09 ? 29  VAL A CG2 1 
ATOM   186 N  N   . LEU A 1 30 ? 1.315   5.441   -4.279  1.00 30.65 ? 30  LEU A N   1 
ATOM   187 C  CA  . LEU A 1 30 ? 0.039   5.527   -3.576  1.00 31.18 ? 30  LEU A CA  1 
ATOM   188 C  C   . LEU A 1 30 ? -0.974  4.599   -4.274  1.00 32.05 ? 30  LEU A C   1 
ATOM   189 O  O   . LEU A 1 30 ? -1.433  4.898   -5.356  1.00 32.43 ? 30  LEU A O   1 
ATOM   190 C  CB  . LEU A 1 30 ? -0.465  6.981   -3.547  1.00 30.39 ? 30  LEU A CB  1 
ATOM   191 C  CG  . LEU A 1 30 ? -1.615  7.223   -2.586  1.00 29.20 ? 30  LEU A CG  1 
ATOM   192 C  CD1 . LEU A 1 30 ? -1.132  7.003   -1.185  1.00 28.11 ? 30  LEU A CD1 1 
ATOM   193 C  CD2 . LEU A 1 30 ? -2.152  8.602   -2.743  1.00 26.98 ? 30  LEU A CD2 1 
ATOM   194 N  N   . ALA A 1 31 ? -1.285  3.464   -3.649  1.00 32.82 ? 31  ALA A N   1 
ATOM   195 C  CA  . ALA A 1 31 ? -2.143  2.456   -4.218  1.00 33.35 ? 31  ALA A CA  1 
ATOM   196 C  C   . ALA A 1 31 ? -3.539  2.612   -3.598  1.00 34.91 ? 31  ALA A C   1 
ATOM   197 O  O   . ALA A 1 31 ? -3.719  2.391   -2.408  1.00 34.90 ? 31  ALA A O   1 
ATOM   198 C  CB  . ALA A 1 31 ? -1.577  1.080   -3.911  1.00 32.98 ? 31  ALA A CB  1 
ATOM   199 N  N   . HIS A 1 32 ? -4.519  2.982   -4.418  1.00 36.14 ? 32  HIS A N   1 
ATOM   200 C  CA  . HIS A 1 32 ? -5.881  3.153   -3.959  1.00 37.23 ? 32  HIS A CA  1 
ATOM   201 C  C   . HIS A 1 32 ? -6.530  1.849   -3.538  1.00 37.90 ? 32  HIS A C   1 
ATOM   202 O  O   . HIS A 1 32 ? -6.363  0.822   -4.188  1.00 37.43 ? 32  HIS A O   1 
ATOM   203 C  CB  . HIS A 1 32 ? -6.721  3.791   -5.060  1.00 37.59 ? 32  HIS A CB  1 
ATOM   204 C  CG  . HIS A 1 32 ? -6.380  5.217   -5.301  1.00 39.15 ? 32  HIS A CG  1 
ATOM   205 N  ND1 . HIS A 1 32 ? -5.399  5.606   -6.187  1.00 41.13 ? 32  HIS A ND1 1 
ATOM   206 C  CD2 . HIS A 1 32 ? -6.867  6.354   -4.747  1.00 41.66 ? 32  HIS A CD2 1 
ATOM   207 C  CE1 . HIS A 1 32 ? -5.300  6.924   -6.174  1.00 42.92 ? 32  HIS A CE1 1 
ATOM   208 N  NE2 . HIS A 1 32 ? -6.177  7.404   -5.307  1.00 42.55 ? 32  HIS A NE2 1 
ATOM   209 N  N   . ILE A 1 33 ? -7.280  1.906   -2.445  1.00 39.12 ? 33  ILE A N   1 
ATOM   210 C  CA  . ILE A 1 33 ? -8.010  0.762   -1.956  1.00 40.29 ? 33  ILE A CA  1 
ATOM   211 C  C   . ILE A 1 33 ? -9.356  0.759   -2.674  1.00 42.04 ? 33  ILE A C   1 
ATOM   212 O  O   . ILE A 1 33 ? -10.017 1.788   -2.760  1.00 41.25 ? 33  ILE A O   1 
ATOM   213 C  CB  . ILE A 1 33 ? -8.250  0.883   -0.450  1.00 40.38 ? 33  ILE A CB  1 
ATOM   214 C  CG1 . ILE A 1 33 ? -6.922  0.918   0.326   1.00 40.72 ? 33  ILE A CG1 1 
ATOM   215 C  CG2 . ILE A 1 33 ? -9.207  -0.219  0.039   1.00 40.55 ? 33  ILE A CG2 1 
ATOM   216 C  CD1 . ILE A 1 33 ? -6.000  -0.176  0.072   1.00 39.60 ? 33  ILE A CD1 1 
ATOM   217 N  N   . ARG A 1 34 ? -9.765  -0.410  -3.149  1.00 44.59 ? 34  ARG A N   1 
ATOM   218 C  CA  . ARG A 1 34 ? -10.953 -0.556  -4.014  1.00 46.76 ? 34  ARG A CA  1 
ATOM   219 C  C   . ARG A 1 34 ? -12.225 -0.993  -3.248  1.00 47.18 ? 34  ARG A C   1 
ATOM   220 O  O   . ARG A 1 34 ? -12.246 -2.004  -2.531  1.00 48.29 ? 34  ARG A O   1 
ATOM   221 C  CB  . ARG A 1 34 ? -10.627 -1.528  -5.159  1.00 47.56 ? 34  ARG A CB  1 
ATOM   222 C  CG  . ARG A 1 34 ? -9.116  -1.447  -5.608  1.00 51.92 ? 34  ARG A CG  1 
ATOM   223 C  CD  . ARG A 1 34 ? -8.868  -1.872  -7.080  1.00 55.34 ? 34  ARG A CD  1 
ATOM   224 N  NE  . ARG A 1 34 ? -7.924  -0.950  -7.723  1.00 58.44 ? 34  ARG A NE  1 
ATOM   225 C  CZ  . ARG A 1 34 ? -8.224  -0.035  -8.657  1.00 60.92 ? 34  ARG A CZ  1 
ATOM   226 N  NH1 . ARG A 1 34 ? -9.470  0.099   -9.146  1.00 62.16 ? 34  ARG A NH1 1 
ATOM   227 N  NH2 . ARG A 1 34 ? -7.250  0.742   -9.143  1.00 61.51 ? 34  ARG A NH2 1 
ATOM   228 N  N   . LYS A 1 44 ? -12.730 6.964   -9.847  1.00 48.67 ? 44  LYS A N   1 
ATOM   229 C  CA  . LYS A 1 44 ? -12.007 8.096   -9.261  1.00 48.42 ? 44  LYS A CA  1 
ATOM   230 C  C   . LYS A 1 44 ? -11.979 8.069   -7.711  1.00 48.13 ? 44  LYS A C   1 
ATOM   231 O  O   . LYS A 1 44 ? -12.500 8.998   -7.071  1.00 48.87 ? 44  LYS A O   1 
ATOM   232 C  CB  . LYS A 1 44 ? -12.638 9.416   -9.747  1.00 48.28 ? 44  LYS A CB  1 
ATOM   233 N  N   . PRO A 1 45 ? -11.369 7.024   -7.092  1.00 47.32 ? 45  PRO A N   1 
ATOM   234 C  CA  . PRO A 1 45 ? -11.414 6.965   -5.622  1.00 46.47 ? 45  PRO A CA  1 
ATOM   235 C  C   . PRO A 1 45 ? -10.421 7.923   -4.944  1.00 45.23 ? 45  PRO A C   1 
ATOM   236 O  O   . PRO A 1 45 ? -9.369  8.260   -5.529  1.00 45.13 ? 45  PRO A O   1 
ATOM   237 C  CB  . PRO A 1 45 ? -11.086 5.496   -5.299  1.00 46.69 ? 45  PRO A CB  1 
ATOM   238 C  CG  . PRO A 1 45 ? -10.300 4.995   -6.479  1.00 47.35 ? 45  PRO A CG  1 
ATOM   239 C  CD  . PRO A 1 45 ? -10.498 5.972   -7.648  1.00 47.75 ? 45  PRO A CD  1 
ATOM   240 N  N   . PRO A 1 46 ? -10.751 8.351   -3.714  1.00 43.40 ? 46  PRO A N   1 
ATOM   241 C  CA  . PRO A 1 46 ? -9.990  9.404   -3.052  1.00 42.43 ? 46  PRO A CA  1 
ATOM   242 C  C   . PRO A 1 46 ? -8.639  8.887   -2.580  1.00 41.07 ? 46  PRO A C   1 
ATOM   243 O  O   . PRO A 1 46 ? -8.520  7.707   -2.284  1.00 40.87 ? 46  PRO A O   1 
ATOM   244 C  CB  . PRO A 1 46 ? -10.885 9.801   -1.872  1.00 42.57 ? 46  PRO A CB  1 
ATOM   245 C  CG  . PRO A 1 46 ? -11.885 8.677   -1.713  1.00 42.70 ? 46  PRO A CG  1 
ATOM   246 C  CD  . PRO A 1 46 ? -11.638 7.650   -2.772  1.00 43.18 ? 46  PRO A CD  1 
ATOM   247 N  N   . ASP A 1 47 ? -7.638  9.769   -2.554  1.00 40.04 ? 47  ASP A N   1 
ATOM   248 C  CA  . ASP A 1 47 ? -6.245  9.423   -2.199  1.00 39.20 ? 47  ASP A CA  1 
ATOM   249 C  C   . ASP A 1 47 ? -6.068  9.103   -0.714  1.00 38.18 ? 47  ASP A C   1 
ATOM   250 O  O   . ASP A 1 47 ? -5.092  8.444   -0.334  1.00 38.86 ? 47  ASP A O   1 
ATOM   251 C  CB  . ASP A 1 47 ? -5.282  10.562  -2.555  1.00 39.18 ? 47  ASP A CB  1 
ATOM   252 C  CG  . ASP A 1 47 ? -5.139  10.786  -4.063  1.00 40.55 ? 47  ASP A CG  1 
ATOM   253 O  OD1 . ASP A 1 47 ? -5.472  9.890   -4.879  1.00 41.89 ? 47  ASP A OD1 1 
ATOM   254 O  OD2 . ASP A 1 47 ? -4.677  11.889  -4.433  1.00 42.83 ? 47  ASP A OD2 1 
ATOM   255 N  N   . LEU A 1 48 ? -6.989  9.600   0.117   1.00 36.49 ? 48  LEU A N   1 
ATOM   256 C  CA  . LEU A 1 48 ? -7.067  9.224   1.521   1.00 34.97 ? 48  LEU A CA  1 
ATOM   257 C  C   . LEU A 1 48 ? -7.246  7.712   1.635   1.00 33.65 ? 48  LEU A C   1 
ATOM   258 O  O   . LEU A 1 48 ? -6.572  7.062   2.419   1.00 33.53 ? 48  LEU A O   1 
ATOM   259 C  CB  . LEU A 1 48 ? -8.231  9.970   2.207   1.00 34.83 ? 48  LEU A CB  1 
ATOM   260 C  CG  . LEU A 1 48 ? -8.401  9.750   3.713   1.00 34.88 ? 48  LEU A CG  1 
ATOM   261 C  CD1 . LEU A 1 48 ? -7.229  10.391  4.488   1.00 34.53 ? 48  LEU A CD1 1 
ATOM   262 C  CD2 . LEU A 1 48 ? -9.776  10.227  4.237   1.00 33.47 ? 48  LEU A CD2 1 
ATOM   263 N  N   . ILE A 1 49 ? -8.134  7.162   0.816   1.00 32.39 ? 49  ILE A N   1 
ATOM   264 C  CA  . ILE A 1 49 ? -8.467  5.744   0.854   1.00 31.59 ? 49  ILE A CA  1 
ATOM   265 C  C   . ILE A 1 49 ? -7.465  4.983   -0.028  1.00 31.05 ? 49  ILE A C   1 
ATOM   266 O  O   . ILE A 1 49 ? -7.800  4.393   -1.058  1.00 30.19 ? 49  ILE A O   1 
ATOM   267 C  CB  . ILE A 1 49 ? -9.952  5.504   0.457   1.00 31.32 ? 49  ILE A CB  1 
ATOM   268 C  CG1 . ILE A 1 49 ? -10.912 6.047   1.530   1.00 31.73 ? 49  ILE A CG1 1 
ATOM   269 C  CG2 . ILE A 1 49 ? -10.243 4.009   0.337   1.00 30.46 ? 49  ILE A CG2 1 
ATOM   270 C  CD1 . ILE A 1 49 ? -10.778 7.472   1.872   1.00 31.47 ? 49  ILE A CD1 1 
ATOM   271 N  N   . ALA A 1 50 ? -6.215  5.017   0.417   1.00 30.84 ? 50  ALA A N   1 
ATOM   272 C  CA  . ALA A 1 50 ? -5.081  4.480   -0.332  1.00 30.96 ? 50  ALA A CA  1 
ATOM   273 C  C   . ALA A 1 50 ? -3.953  4.129   0.649   1.00 30.61 ? 50  ALA A C   1 
ATOM   274 O  O   . ALA A 1 50 ? -3.936  4.613   1.790   1.00 30.50 ? 50  ALA A O   1 
ATOM   275 C  CB  . ALA A 1 50 ? -4.592  5.490   -1.377  1.00 30.08 ? 50  ALA A CB  1 
ATOM   276 N  N   . THR A 1 51 ? -3.053  3.260   0.196   1.00 30.24 ? 51  THR A N   1 
ATOM   277 C  CA  . THR A 1 51 ? -1.856  2.875   0.943   1.00 29.82 ? 51  THR A CA  1 
ATOM   278 C  C   . THR A 1 51 ? -0.604  3.045   0.091   1.00 29.47 ? 51  THR A C   1 
ATOM   279 O  O   . THR A 1 51 ? -0.660  2.946   -1.123  1.00 29.49 ? 51  THR A O   1 
ATOM   280 C  CB  . THR A 1 51 ? -1.940  1.404   1.428   1.00 30.31 ? 51  THR A CB  1 
ATOM   281 O  OG1 . THR A 1 51 ? -0.806  1.109   2.259   1.00 29.29 ? 51  THR A OG1 1 
ATOM   282 C  CG2 . THR A 1 51 ? -2.027  0.403   0.240   1.00 28.46 ? 51  THR A CG2 1 
ATOM   283 N  N   . ILE A 1 52 ? 0.525   3.318   0.757   1.00 29.38 ? 52  ILE A N   1 
ATOM   284 C  CA  . ILE A 1 52 ? 1.854   3.260   0.151   1.00 28.48 ? 52  ILE A CA  1 
ATOM   285 C  C   . ILE A 1 52 ? 2.080   1.772   -0.073  1.00 27.90 ? 52  ILE A C   1 
ATOM   286 O  O   . ILE A 1 52 ? 1.907   0.967   0.848   1.00 26.57 ? 52  ILE A O   1 
ATOM   287 C  CB  . ILE A 1 52 ? 2.985   3.786   1.110   1.00 28.72 ? 52  ILE A CB  1 
ATOM   288 C  CG1 . ILE A 1 52 ? 2.688   5.205   1.661   1.00 29.42 ? 52  ILE A CG1 1 
ATOM   289 C  CG2 . ILE A 1 52 ? 4.301   3.816   0.415   1.00 29.32 ? 52  ILE A CG2 1 
ATOM   290 C  CD1 . ILE A 1 52 ? 3.518   5.571   2.908   1.00 26.64 ? 52  ILE A CD1 1 
ATOM   291 N  N   . ALA A 1 53 ? 2.448   1.404   -1.285  1.00 27.73 ? 53  ALA A N   1 
ATOM   292 C  CA  . ALA A 1 53 ? 2.648   0.014   -1.615  1.00 27.96 ? 53  ALA A CA  1 
ATOM   293 C  C   . ALA A 1 53 ? 3.782   -0.047  -2.613  1.00 28.02 ? 53  ALA A C   1 
ATOM   294 O  O   . ALA A 1 53 ? 3.842   0.779   -3.511  1.00 27.94 ? 53  ALA A O   1 
ATOM   295 C  CB  . ALA A 1 53 ? 1.351   -0.571  -2.216  1.00 27.89 ? 53  ALA A CB  1 
ATOM   296 N  N   . CYS A 1 54 ? 4.686   -1.009  -2.428  1.00 28.61 ? 54  CYS A N   1 
ATOM   297 C  CA  . CYS A 1 54 ? 5.711   -1.350  -3.419  1.00 28.85 ? 54  CYS A CA  1 
ATOM   298 C  C   . CYS A 1 54 ? 5.042   -1.974  -4.616  1.00 28.81 ? 54  CYS A C   1 
ATOM   299 O  O   . CYS A 1 54 ? 3.891   -2.367  -4.535  1.00 30.11 ? 54  CYS A O   1 
ATOM   300 C  CB  . CYS A 1 54 ? 6.717   -2.347  -2.865  1.00 29.22 ? 54  CYS A CB  1 
ATOM   301 S  SG  . CYS A 1 54 ? 6.070   -4.057  -2.623  1.00 29.65 ? 54  CYS A SG  1 
ATOM   302 N  N   . SER A 1 55 ? 5.772   -2.069  -5.727  1.00 28.56 ? 55  SER A N   1 
ATOM   303 C  CA  . SER A 1 55 ? 5.195   -2.474  -6.989  1.00 27.97 ? 55  SER A CA  1 
ATOM   304 C  C   . SER A 1 55 ? 4.523   -3.845  -6.920  1.00 28.05 ? 55  SER A C   1 
ATOM   305 O  O   . SER A 1 55 ? 3.460   -4.061  -7.501  1.00 27.94 ? 55  SER A O   1 
ATOM   306 C  CB  . SER A 1 55 ? 6.257   -2.437  -8.094  1.00 28.57 ? 55  SER A CB  1 
ATOM   307 O  OG  . SER A 1 55 ? 7.429   -3.182  -7.767  1.00 28.02 ? 55  SER A OG  1 
ATOM   308 N  N   . ALA A 1 56 ? 5.145   -4.746  -6.173  1.00 27.84 ? 56  ALA A N   1 
ATOM   309 C  CA  . ALA A 1 56 ? 4.671   -6.118  -6.004  1.00 28.35 ? 56  ALA A CA  1 
ATOM   310 C  C   . ALA A 1 56 ? 3.404   -6.192  -5.184  1.00 28.27 ? 56  ALA A C   1 
ATOM   311 O  O   . ALA A 1 56 ? 2.444   -6.863  -5.531  1.00 27.70 ? 56  ALA A O   1 
ATOM   312 C  CB  . ALA A 1 56 ? 5.760   -6.940  -5.337  1.00 28.33 ? 56  ALA A CB  1 
ATOM   313 N  N   . CYS A 1 57 ? 3.415   -5.513  -4.057  1.00 29.42 ? 57  CYS A N   1 
ATOM   314 C  CA  . CYS A 1 57 ? 2.231   -5.500  -3.193  1.00 29.68 ? 57  CYS A CA  1 
ATOM   315 C  C   . CYS A 1 57 ? 1.071   -4.802  -3.881  1.00 29.34 ? 57  CYS A C   1 
ATOM   316 O  O   . CYS A 1 57 ? -0.061  -5.213  -3.770  1.00 29.54 ? 57  CYS A O   1 
ATOM   317 C  CB  . CYS A 1 57 ? 2.562   -4.826  -1.857  1.00 29.53 ? 57  CYS A CB  1 
ATOM   318 S  SG  . CYS A 1 57 ? 3.463   -5.883  -0.732  1.00 30.22 ? 57  CYS A SG  1 
ATOM   319 N  N   . HIS A 1 58 ? 1.362   -3.753  -4.646  1.00 29.33 ? 58  HIS A N   1 
ATOM   320 C  CA  . HIS A 1 58 ? 0.337   -3.070  -5.392  1.00 28.28 ? 58  HIS A CA  1 
ATOM   321 C  C   . HIS A 1 58 ? -0.351  -4.032  -6.367  1.00 27.83 ? 58  HIS A C   1 
ATOM   322 O  O   . HIS A 1 58 ? -1.563  -4.117  -6.399  1.00 28.00 ? 58  HIS A O   1 
ATOM   323 C  CB  . HIS A 1 58 ? 0.997   -1.928  -6.137  1.00 28.97 ? 58  HIS A CB  1 
ATOM   324 C  CG  . HIS A 1 58 ? 0.053   -1.030  -6.846  1.00 29.75 ? 58  HIS A CG  1 
ATOM   325 N  ND1 . HIS A 1 58 ? 0.464   -0.187  -7.853  1.00 31.80 ? 58  HIS A ND1 1 
ATOM   326 C  CD2 . HIS A 1 58 ? -1.276  -0.813  -6.679  1.00 31.59 ? 58  HIS A CD2 1 
ATOM   327 C  CE1 . HIS A 1 58 ? -0.580  0.515   -8.275  1.00 31.38 ? 58  HIS A CE1 1 
ATOM   328 N  NE2 . HIS A 1 58 ? -1.644  0.149   -7.583  1.00 29.96 ? 58  HIS A NE2 1 
ATOM   329 N  N   . ASP A 1 59 ? 0.420   -4.765  -7.165  1.00 26.98 ? 59  ASP A N   1 
ATOM   330 C  CA  . ASP A 1 59 ? -0.164  -5.709  -8.125  1.00 26.39 ? 59  ASP A CA  1 
ATOM   331 C  C   . ASP A 1 59 ? -0.996  -6.787  -7.431  1.00 25.90 ? 59  ASP A C   1 
ATOM   332 O  O   . ASP A 1 59 ? -2.044  -7.157  -7.908  1.00 26.30 ? 59  ASP A O   1 
ATOM   333 C  CB  . ASP A 1 59 ? 0.910   -6.330  -8.973  1.00 26.21 ? 59  ASP A CB  1 
ATOM   334 C  CG  . ASP A 1 59 ? 1.573   -5.328  -9.920  1.00 27.36 ? 59  ASP A CG  1 
ATOM   335 O  OD1 . ASP A 1 59 ? 0.977   -4.265  -10.159 1.00 27.96 ? 59  ASP A OD1 1 
ATOM   336 O  OD2 . ASP A 1 59 ? 2.687   -5.612  -10.453 1.00 28.80 ? 59  ASP A OD2 1 
ATOM   337 N  N   . GLU A 1 60 ? -0.554  -7.224  -6.270  1.00 26.57 ? 60  GLU A N   1 
ATOM   338 C  CA  . GLU A 1 60 ? -1.271  -8.250  -5.476  1.00 26.24 ? 60  GLU A CA  1 
ATOM   339 C  C   . GLU A 1 60 ? -2.538  -7.733  -4.846  1.00 26.61 ? 60  GLU A C   1 
ATOM   340 O  O   . GLU A 1 60 ? -3.566  -8.409  -4.894  1.00 27.12 ? 60  GLU A O   1 
ATOM   341 C  CB  . GLU A 1 60 ? -0.378  -8.822  -4.394  1.00 25.47 ? 60  GLU A CB  1 
ATOM   342 C  CG  . GLU A 1 60 ? -0.975  -10.010 -3.578  1.00 25.41 ? 60  GLU A CG  1 
ATOM   343 C  CD  . GLU A 1 60 ? -1.046  -11.329 -4.334  1.00 25.73 ? 60  GLU A CD  1 
ATOM   344 O  OE1 . GLU A 1 60 ? -0.310  -11.527 -5.331  1.00 26.79 ? 60  GLU A OE1 1 
ATOM   345 O  OE2 . GLU A 1 60 ? -1.852  -12.184 -3.919  1.00 26.91 ? 60  GLU A OE2 1 
ATOM   346 N  N   . ILE A 1 61 ? -2.495  -6.548  -4.251  1.00 27.24 ? 61  ILE A N   1 
ATOM   347 C  CA  . ILE A 1 61 ? -3.696  -6.027  -3.610  1.00 27.75 ? 61  ILE A CA  1 
ATOM   348 C  C   . ILE A 1 61 ? -4.763  -5.696  -4.661  1.00 28.03 ? 61  ILE A C   1 
ATOM   349 O  O   . ILE A 1 61 ? -5.947  -5.789  -4.372  1.00 27.69 ? 61  ILE A O   1 
ATOM   350 C  CB  . ILE A 1 61 ? -3.430  -4.833  -2.613  1.00 28.28 ? 61  ILE A CB  1 
ATOM   351 C  CG1 . ILE A 1 61 ? -3.001  -3.539  -3.338  1.00 29.17 ? 61  ILE A CG1 1 
ATOM   352 C  CG2 . ILE A 1 61 ? -2.459  -5.254  -1.518  1.00 28.01 ? 61  ILE A CG2 1 
ATOM   353 C  CD1 . ILE A 1 61 ? -2.901  -2.266  -2.405  1.00 30.31 ? 61  ILE A CD1 1 
ATOM   354 N  N   . ASP A 1 62 ? -4.339  -5.312  -5.875  1.00 27.59 ? 62  ASP A N   1 
ATOM   355 C  CA  . ASP A 1 62 ? -5.253  -5.076  -6.998  1.00 27.37 ? 62  ASP A CA  1 
ATOM   356 C  C   . ASP A 1 62 ? -5.730  -6.366  -7.692  1.00 26.58 ? 62  ASP A C   1 
ATOM   357 O  O   . ASP A 1 62 ? -6.603  -6.327  -8.543  1.00 25.95 ? 62  ASP A O   1 
ATOM   358 C  CB  . ASP A 1 62 ? -4.576  -4.189  -8.056  1.00 27.94 ? 62  ASP A CB  1 
ATOM   359 C  CG  . ASP A 1 62 ? -4.510  -2.720  -7.655  1.00 29.84 ? 62  ASP A CG  1 
ATOM   360 O  OD1 . ASP A 1 62 ? -4.918  -2.380  -6.527  1.00 30.23 ? 62  ASP A OD1 1 
ATOM   361 O  OD2 . ASP A 1 62 ? -4.047  -1.907  -8.492  1.00 31.28 ? 62  ASP A OD2 1 
ATOM   362 N  N   . ARG A 1 63 ? -5.161  -7.498  -7.307  1.00 26.89 ? 63  ARG A N   1 
ATOM   363 C  CA  . ARG A 1 63 ? -5.457  -8.847  -7.857  1.00 26.02 ? 63  ARG A CA  1 
ATOM   364 C  C   . ARG A 1 63 ? -4.973  -9.041  -9.281  1.00 25.17 ? 63  ARG A C   1 
ATOM   365 O  O   . ARG A 1 63 ? -5.422  -9.943  -9.968  1.00 24.84 ? 63  ARG A O   1 
ATOM   366 C  CB  . ARG A 1 63 ? -6.937  -9.256  -7.706  1.00 26.38 ? 63  ARG A CB  1 
ATOM   367 C  CG  . ARG A 1 63 ? -7.561  -8.967  -6.330  1.00 27.44 ? 63  ARG A CG  1 
ATOM   368 C  CD  . ARG A 1 63 ? -6.683  -9.430  -5.151  1.00 26.28 ? 63  ARG A CD  1 
ATOM   369 N  NE  . ARG A 1 63 ? -6.656  -10.888 -5.047  1.00 30.22 ? 63  ARG A NE  1 
ATOM   370 C  CZ  . ARG A 1 63 ? -5.669  -11.599 -4.501  1.00 31.39 ? 63  ARG A CZ  1 
ATOM   371 N  NH1 . ARG A 1 63 ? -5.766  -12.922 -4.448  1.00 30.99 ? 63  ARG A NH1 1 
ATOM   372 N  NH2 . ARG A 1 63 ? -4.581  -11.001 -4.013  1.00 33.04 ? 63  ARG A NH2 1 
ATOM   373 N  N   . ARG A 1 64 ? -4.024  -8.218  -9.711  1.00 25.47 ? 64  ARG A N   1 
ATOM   374 C  CA  . ARG A 1 64 ? -3.296  -8.488  -10.958 1.00 24.62 ? 64  ARG A CA  1 
ATOM   375 C  C   . ARG A 1 64 ? -2.419  -9.730  -10.784 1.00 25.21 ? 64  ARG A C   1 
ATOM   376 O  O   . ARG A 1 64 ? -2.166  -10.480 -11.750 1.00 26.52 ? 64  ARG A O   1 
ATOM   377 C  CB  . ARG A 1 64 ? -2.481  -7.273  -11.389 1.00 24.23 ? 64  ARG A CB  1 
ATOM   378 C  CG  . ARG A 1 64 ? -3.332  -6.192  -12.009 1.00 24.11 ? 64  ARG A CG  1 
ATOM   379 C  CD  . ARG A 1 64 ? -2.482  -5.081  -12.662 1.00 25.69 ? 64  ARG A CD  1 
ATOM   380 N  NE  . ARG A 1 64 ? -1.746  -4.332  -11.655 1.00 24.40 ? 64  ARG A NE  1 
ATOM   381 C  CZ  . ARG A 1 64 ? -2.262  -3.361  -10.895 1.00 25.94 ? 64  ARG A CZ  1 
ATOM   382 N  NH1 . ARG A 1 64 ? -3.520  -2.972  -11.019 1.00 26.14 ? 64  ARG A NH1 1 
ATOM   383 N  NH2 . ARG A 1 64 ? -1.510  -2.769  -9.991  1.00 26.98 ? 64  ARG A NH2 1 
ATOM   384 N  N   . THR A 1 65 ? -1.995  -9.969  -9.544  1.00 25.71 ? 65  THR A N   1 
ATOM   385 C  CA  . THR A 1 65 ? -1.410  -11.248 -9.136  1.00 24.96 ? 65  THR A CA  1 
ATOM   386 C  C   . THR A 1 65 ? -2.258  -11.769 -8.017  1.00 25.29 ? 65  THR A C   1 
ATOM   387 O  O   . THR A 1 65 ? -2.956  -11.006 -7.349  1.00 25.34 ? 65  THR A O   1 
ATOM   388 C  CB  . THR A 1 65 ? 0.084   -11.127 -8.683  1.00 24.57 ? 65  THR A CB  1 
ATOM   389 O  OG1 . THR A 1 65 ? 0.228   -10.223 -7.561  1.00 23.71 ? 65  THR A OG1 1 
ATOM   390 C  CG2 . THR A 1 65 ? 0.963   -10.680 -9.843  1.00 23.37 ? 65  THR A CG2 1 
ATOM   391 N  N   . HIS A 1 66 ? -2.207  -13.073 -7.815  1.00 25.35 ? 66  HIS A N   1 
ATOM   392 C  CA  . HIS A 1 66 ? -2.947  -13.701 -6.742  1.00 25.83 ? 66  HIS A CA  1 
ATOM   393 C  C   . HIS A 1 66 ? -2.069  -14.740 -6.022  1.00 26.03 ? 66  HIS A C   1 
ATOM   394 O  O   . HIS A 1 66 ? -2.467  -15.886 -5.811  1.00 26.17 ? 66  HIS A O   1 
ATOM   395 C  CB  . HIS A 1 66 ? -4.237  -14.311 -7.290  1.00 25.98 ? 66  HIS A CB  1 
ATOM   396 C  CG  . HIS A 1 66 ? -4.021  -15.125 -8.523  1.00 25.48 ? 66  HIS A CG  1 
ATOM   397 N  ND1 . HIS A 1 66 ? -3.998  -14.566 -9.781  1.00 25.80 ? 66  HIS A ND1 1 
ATOM   398 C  CD2 . HIS A 1 66 ? -3.773  -16.445 -8.690  1.00 23.65 ? 66  HIS A CD2 1 
ATOM   399 C  CE1 . HIS A 1 66 ? -3.752  -15.507 -10.673 1.00 25.55 ? 66  HIS A CE1 1 
ATOM   400 N  NE2 . HIS A 1 66 ? -3.609  -16.659 -10.037 1.00 25.15 ? 66  HIS A NE2 1 
ATOM   401 N  N   . PHE A 1 67 ? -0.875  -14.311 -5.628  1.00 26.65 ? 67  PHE A N   1 
ATOM   402 C  CA  . PHE A 1 67 ? 0.035   -15.168 -4.889  1.00 26.61 ? 67  PHE A CA  1 
ATOM   403 C  C   . PHE A 1 67 ? -0.537  -15.573 -3.554  1.00 27.41 ? 67  PHE A C   1 
ATOM   404 O  O   . PHE A 1 67 ? -0.304  -16.670 -3.106  1.00 27.58 ? 67  PHE A O   1 
ATOM   405 C  CB  . PHE A 1 67 ? 1.373   -14.468 -4.668  1.00 26.74 ? 67  PHE A CB  1 
ATOM   406 C  CG  . PHE A 1 67 ? 2.152   -14.265 -5.917  1.00 24.45 ? 67  PHE A CG  1 
ATOM   407 C  CD1 . PHE A 1 67 ? 2.614   -15.359 -6.642  1.00 23.80 ? 67  PHE A CD1 1 
ATOM   408 C  CD2 . PHE A 1 67 ? 2.472   -13.003 -6.335  1.00 23.26 ? 67  PHE A CD2 1 
ATOM   409 C  CE1 . PHE A 1 67 ? 3.345   -15.207 -7.799  1.00 23.47 ? 67  PHE A CE1 1 
ATOM   410 C  CE2 . PHE A 1 67 ? 3.208   -12.814 -7.516  1.00 24.91 ? 67  PHE A CE2 1 
ATOM   411 C  CZ  . PHE A 1 67 ? 3.644   -13.925 -8.249  1.00 25.59 ? 67  PHE A CZ  1 
ATOM   412 N  N   . VAL A 1 68 ? -1.273  -14.685 -2.900  1.00 28.33 ? 68  VAL A N   1 
ATOM   413 C  CA  . VAL A 1 68 ? -1.902  -15.030 -1.650  1.00 28.66 ? 68  VAL A CA  1 
ATOM   414 C  C   . VAL A 1 68 ? -3.421  -14.935 -1.743  1.00 30.41 ? 68  VAL A C   1 
ATOM   415 O  O   . VAL A 1 68 ? -3.987  -14.366 -2.684  1.00 30.84 ? 68  VAL A O   1 
ATOM   416 C  CB  . VAL A 1 68 ? -1.394  -14.140 -0.475  1.00 29.16 ? 68  VAL A CB  1 
ATOM   417 C  CG1 . VAL A 1 68 ? 0.147   -14.110 -0.450  1.00 27.31 ? 68  VAL A CG1 1 
ATOM   418 C  CG2 . VAL A 1 68 ? -1.961  -12.733 -0.560  1.00 26.67 ? 68  VAL A CG2 1 
ATOM   419 N  N   . ASP A 1 69 ? -4.052  -15.537 -0.748  1.00 30.62 ? 69  ASP A N   1 
ATOM   420 C  CA  . ASP A 1 69 ? -5.484  -15.466 -0.510  1.00 31.45 ? 69  ASP A CA  1 
ATOM   421 C  C   . ASP A 1 69 ? -6.024  -14.005 -0.543  1.00 30.38 ? 69  ASP A C   1 
ATOM   422 O  O   . ASP A 1 69 ? -5.407  -13.111 -0.009  1.00 30.42 ? 69  ASP A O   1 
ATOM   423 C  CB  . ASP A 1 69 ? -5.692  -16.198 0.831   1.00 32.26 ? 69  ASP A CB  1 
ATOM   424 C  CG  . ASP A 1 69 ? -7.066  -16.061 1.392   1.00 35.39 ? 69  ASP A CG  1 
ATOM   425 O  OD1 . ASP A 1 69 ? -7.825  -17.058 1.345   1.00 40.46 ? 69  ASP A OD1 1 
ATOM   426 O  OD2 . ASP A 1 69 ? -7.359  -14.971 1.946   1.00 41.16 ? 69  ASP A OD2 1 
ATOM   427 N  N   . ALA A 1 70 ? -7.168  -13.780 -1.198  1.00 29.99 ? 70  ALA A N   1 
ATOM   428 C  CA  . ALA A 1 70 ? -7.711  -12.435 -1.398  1.00 29.39 ? 70  ALA A CA  1 
ATOM   429 C  C   . ALA A 1 70 ? -8.137  -11.749 -0.110  1.00 29.29 ? 70  ALA A C   1 
ATOM   430 O  O   . ALA A 1 70 ? -8.086  -10.534 -0.004  1.00 29.03 ? 70  ALA A O   1 
ATOM   431 C  CB  . ALA A 1 70 ? -8.906  -12.483 -2.325  1.00 30.39 ? 70  ALA A CB  1 
ATOM   432 N  N   . GLY A 1 71 ? -8.611  -12.526 0.853   1.00 29.01 ? 71  GLY A N   1 
ATOM   433 C  CA  . GLY A 1 71 ? -8.928  -11.982 2.176   1.00 29.03 ? 71  GLY A CA  1 
ATOM   434 C  C   . GLY A 1 71 ? -7.692  -11.481 2.904   1.00 28.65 ? 71  GLY A C   1 
ATOM   435 O  O   . GLY A 1 71 ? -7.684  -10.400 3.471   1.00 28.68 ? 71  GLY A O   1 
ATOM   436 N  N   . TYR A 1 72 ? -6.631  -12.256 2.842   1.00 29.08 ? 72  TYR A N   1 
ATOM   437 C  CA  . TYR A 1 72 ? -5.356  -11.846 3.437   1.00 29.80 ? 72  TYR A CA  1 
ATOM   438 C  C   . TYR A 1 72 ? -4.744  -10.621 2.738   1.00 28.85 ? 72  TYR A C   1 
ATOM   439 O  O   . TYR A 1 72 ? -4.320  -9.665  3.378   1.00 30.06 ? 72  TYR A O   1 
ATOM   440 C  CB  . TYR A 1 72 ? -4.402  -13.027 3.425   1.00 30.26 ? 72  TYR A CB  1 
ATOM   441 C  CG  . TYR A 1 72 ? -3.084  -12.748 4.078   1.00 31.97 ? 72  TYR A CG  1 
ATOM   442 C  CD1 . TYR A 1 72 ? -3.015  -12.448 5.422   1.00 33.81 ? 72  TYR A CD1 1 
ATOM   443 C  CD2 . TYR A 1 72 ? -1.910  -12.794 3.345   1.00 33.99 ? 72  TYR A CD2 1 
ATOM   444 C  CE1 . TYR A 1 72 ? -1.808  -12.205 6.025   1.00 36.99 ? 72  TYR A CE1 1 
ATOM   445 C  CE2 . TYR A 1 72 ? -0.680  -12.558 3.939   1.00 35.33 ? 72  TYR A CE2 1 
ATOM   446 C  CZ  . TYR A 1 72 ? -0.633  -12.259 5.272   1.00 37.04 ? 72  TYR A CZ  1 
ATOM   447 O  OH  . TYR A 1 72 ? 0.578   -12.022 5.884   1.00 36.31 ? 72  TYR A OH  1 
ATOM   448 N  N   . ALA A 1 73 ? -4.712  -10.634 1.425   1.00 28.80 ? 73  ALA A N   1 
ATOM   449 C  CA  . ALA A 1 73 ? -4.289  -9.459  0.673   1.00 28.11 ? 73  ALA A CA  1 
ATOM   450 C  C   . ALA A 1 73 ? -5.069  -8.225  1.103   1.00 28.48 ? 73  ALA A C   1 
ATOM   451 O  O   . ALA A 1 73 ? -4.491  -7.165  1.294   1.00 28.64 ? 73  ALA A O   1 
ATOM   452 C  CB  . ALA A 1 73 ? -4.495  -9.697  -0.795  1.00 28.18 ? 73  ALA A CB  1 
ATOM   453 N  N   . LYS A 1 74 ? -6.387  -8.370  1.256   1.00 29.63 ? 74  LYS A N   1 
ATOM   454 C  CA  . LYS A 1 74 ? -7.261  -7.248  1.618   1.00 29.79 ? 74  LYS A CA  1 
ATOM   455 C  C   . LYS A 1 74 ? -6.931  -6.759  2.990   1.00 29.95 ? 74  LYS A C   1 
ATOM   456 O  O   . LYS A 1 74 ? -6.804  -5.577  3.224   1.00 30.15 ? 74  LYS A O   1 
ATOM   457 C  CB  . LYS A 1 74 ? -8.754  -7.618  1.585   1.00 29.47 ? 74  LYS A CB  1 
ATOM   458 N  N   . GLU A 1 75 ? -6.839  -7.685  3.916   1.00 30.82 ? 75  GLU A N   1 
ATOM   459 C  CA  . GLU A 1 75 ? -6.398  -7.357  5.242   1.00 31.15 ? 75  GLU A CA  1 
ATOM   460 C  C   . GLU A 1 75 ? -5.091  -6.543  5.254   1.00 30.58 ? 75  GLU A C   1 
ATOM   461 O  O   . GLU A 1 75 ? -5.029  -5.477  5.859   1.00 29.43 ? 75  GLU A O   1 
ATOM   462 C  CB  . GLU A 1 75 ? -6.232  -8.640  6.000   1.00 31.84 ? 75  GLU A CB  1 
ATOM   463 C  CG  . GLU A 1 75 ? -5.603  -8.452  7.294   1.00 34.97 ? 75  GLU A CG  1 
ATOM   464 C  CD  . GLU A 1 75 ? -5.854  -9.594  8.222   1.00 38.15 ? 75  GLU A CD  1 
ATOM   465 O  OE1 . GLU A 1 75 ? -6.269  -10.708 7.779   1.00 41.78 ? 75  GLU A OE1 1 
ATOM   466 O  OE2 . GLU A 1 75 ? -5.639  -9.340  9.418   1.00 42.04 ? 75  GLU A OE2 1 
ATOM   467 N  N   . CYS A 1 76 ? -4.069  -7.020  4.545   1.00 30.40 ? 76  CYS A N   1 
ATOM   468 C  CA  . CYS A 1 76 ? -2.794  -6.292  4.456   1.00 29.70 ? 76  CYS A CA  1 
ATOM   469 C  C   . CYS A 1 76 ? -2.916  -4.922  3.805   1.00 29.16 ? 76  CYS A C   1 
ATOM   470 O  O   . CYS A 1 76 ? -2.305  -3.966  4.248   1.00 28.17 ? 76  CYS A O   1 
ATOM   471 C  CB  . CYS A 1 76 ? -1.785  -7.129  3.681   1.00 30.32 ? 76  CYS A CB  1 
ATOM   472 S  SG  . CYS A 1 76 ? -1.355  -8.656  4.574   1.00 32.84 ? 76  CYS A SG  1 
ATOM   473 N  N   . ALA A 1 77 ? -3.729  -4.828  2.760   1.00 29.29 ? 77  ALA A N   1 
ATOM   474 C  CA  . ALA A 1 77 ? -3.958  -3.562  2.044   1.00 29.31 ? 77  ALA A CA  1 
ATOM   475 C  C   . ALA A 1 77 ? -4.506  -2.474  3.001   1.00 29.68 ? 77  ALA A C   1 
ATOM   476 O  O   . ALA A 1 77 ? -4.043  -1.310  3.029   1.00 30.21 ? 77  ALA A O   1 
ATOM   477 C  CB  . ALA A 1 77 ? -4.946  -3.810  0.887   1.00 28.84 ? 77  ALA A CB  1 
ATOM   478 N  N   . LEU A 1 78 ? -5.511  -2.876  3.772   1.00 29.29 ? 78  LEU A N   1 
ATOM   479 C  CA  . LEU A 1 78 ? -6.266  -1.961  4.610   1.00 29.19 ? 78  LEU A CA  1 
ATOM   480 C  C   . LEU A 1 78 ? -5.456  -1.589  5.844   1.00 29.14 ? 78  LEU A C   1 
ATOM   481 O  O   . LEU A 1 78 ? -5.433  -0.419  6.261   1.00 29.11 ? 78  LEU A O   1 
ATOM   482 C  CB  . LEU A 1 78 ? -7.603  -2.598  4.961   1.00 28.68 ? 78  LEU A CB  1 
ATOM   483 C  CG  . LEU A 1 78 ? -8.708  -2.612  3.887   1.00 27.21 ? 78  LEU A CG  1 
ATOM   484 C  CD1 . LEU A 1 78 ? -9.873  -3.439  4.350   1.00 22.83 ? 78  LEU A CD1 1 
ATOM   485 C  CD2 . LEU A 1 78 ? -9.161  -1.204  3.597   1.00 26.82 ? 78  LEU A CD2 1 
ATOM   486 N  N   . GLU A 1 79 ? -4.753  -2.577  6.397   1.00 30.07 ? 79  GLU A N   1 
ATOM   487 C  CA  . GLU A 1 79 ? -3.721  -2.335  7.427   1.00 30.81 ? 79  GLU A CA  1 
ATOM   488 C  C   . GLU A 1 79 ? -2.681  -1.320  6.929   1.00 29.61 ? 79  GLU A C   1 
ATOM   489 O  O   . GLU A 1 79 ? -2.288  -0.424  7.669   1.00 28.90 ? 79  GLU A O   1 
ATOM   490 C  CB  . GLU A 1 79 ? -3.019  -3.638  7.793   1.00 32.08 ? 79  GLU A CB  1 
ATOM   491 C  CG  . GLU A 1 79 ? -2.857  -3.900  9.260   1.00 37.06 ? 79  GLU A CG  1 
ATOM   492 C  CD  . GLU A 1 79 ? -2.731  -5.395  9.542   1.00 42.90 ? 79  GLU A CD  1 
ATOM   493 O  OE1 . GLU A 1 79 ? -3.308  -5.867  10.553  1.00 47.74 ? 79  GLU A OE1 1 
ATOM   494 O  OE2 . GLU A 1 79 ? -2.076  -6.095  8.734   1.00 47.39 ? 79  GLU A OE2 1 
ATOM   495 N  N   . GLY A 1 80 ? -2.273  -1.460  5.674   1.00 28.24 ? 80  GLY A N   1 
ATOM   496 C  CA  . GLY A 1 80 ? -1.371  -0.536  5.024   1.00 28.67 ? 80  GLY A CA  1 
ATOM   497 C  C   . GLY A 1 80 ? -1.952  0.844   4.892   1.00 29.15 ? 80  GLY A C   1 
ATOM   498 O  O   . GLY A 1 80 ? -1.255  1.833   5.103   1.00 29.87 ? 80  GLY A O   1 
HETATM 499 N  N   . MSE A 1 81 ? -3.242  0.919   4.554   1.00 29.80 ? 81  MSE A N   1 
HETATM 500 C  CA  . MSE A 1 81 ? -3.966  2.186   4.487   1.00 29.79 ? 81  MSE A CA  1 
HETATM 501 C  C   . MSE A 1 81 ? -3.944  2.930   5.834   1.00 29.18 ? 81  MSE A C   1 
HETATM 502 O  O   . MSE A 1 81 ? -3.687  4.129   5.883   1.00 28.45 ? 81  MSE A O   1 
HETATM 503 C  CB  . MSE A 1 81 ? -5.419  1.951   4.048   1.00 30.37 ? 81  MSE A CB  1 
HETATM 504 C  CG  . MSE A 1 81 ? -6.264  3.227   4.055   1.00 31.93 ? 81  MSE A CG  1 
HETATM 505 SE SE  . MSE A 1 81 ? -8.121  2.901   3.562   1.00 39.09 ? 81  MSE A SE  1 
HETATM 506 C  CE  . MSE A 1 81 ? -8.734  2.110   5.222   1.00 30.19 ? 81  MSE A CE  1 
ATOM   507 N  N   . ALA A 1 82 ? -4.218  2.206   6.915   1.00 28.88 ? 82  ALA A N   1 
ATOM   508 C  CA  . ALA A 1 82 ? -4.245  2.784   8.263   1.00 28.89 ? 82  ALA A CA  1 
ATOM   509 C  C   . ALA A 1 82 ? -2.858  3.287   8.686   1.00 28.91 ? 82  ALA A C   1 
ATOM   510 O  O   . ALA A 1 82 ? -2.710  4.372   9.223   1.00 29.08 ? 82  ALA A O   1 
ATOM   511 C  CB  . ALA A 1 82 ? -4.785  1.766   9.258   1.00 28.13 ? 82  ALA A CB  1 
ATOM   512 N  N   . ARG A 1 83 ? -1.834  2.495   8.419   1.00 29.82 ? 83  ARG A N   1 
ATOM   513 C  CA  . ARG A 1 83 ? -0.441  2.920   8.638   1.00 29.89 ? 83  ARG A CA  1 
ATOM   514 C  C   . ARG A 1 83 ? -0.041  4.166   7.834   1.00 29.29 ? 83  ARG A C   1 
ATOM   515 O  O   . ARG A 1 83 ? 0.557   5.089   8.381   1.00 29.55 ? 83  ARG A O   1 
ATOM   516 C  CB  . ARG A 1 83 ? 0.487   1.784   8.294   1.00 30.66 ? 83  ARG A CB  1 
ATOM   517 C  CG  . ARG A 1 83 ? 0.303   0.563   9.163   1.00 34.46 ? 83  ARG A CG  1 
ATOM   518 C  CD  . ARG A 1 83 ? 1.384   -0.471  8.860   1.00 40.35 ? 83  ARG A CD  1 
ATOM   519 N  NE  . ARG A 1 83 ? 1.041   -1.747  9.469   1.00 43.82 ? 83  ARG A NE  1 
ATOM   520 C  CZ  . ARG A 1 83 ? 1.018   -2.925  8.847   1.00 47.66 ? 83  ARG A CZ  1 
ATOM   521 N  NH1 . ARG A 1 83 ? 1.335   -3.054  7.558   1.00 47.87 ? 83  ARG A NH1 1 
ATOM   522 N  NH2 . ARG A 1 83 ? 0.669   -4.007  9.541   1.00 50.58 ? 83  ARG A NH2 1 
ATOM   523 N  N   . THR A 1 84 ? -0.393  4.186   6.555   1.00 28.63 ? 84  THR A N   1 
ATOM   524 C  CA  . THR A 1 84 ? -0.211  5.352   5.682   1.00 28.08 ? 84  THR A CA  1 
ATOM   525 C  C   . THR A 1 84 ? -0.880  6.620   6.176   1.00 28.84 ? 84  THR A C   1 
ATOM   526 O  O   . THR A 1 84 ? -0.265  7.678   6.197   1.00 28.84 ? 84  THR A O   1 
ATOM   527 C  CB  . THR A 1 84 ? -0.757  5.048   4.296   1.00 27.85 ? 84  THR A CB  1 
ATOM   528 O  OG1 . THR A 1 84 ? -0.122  3.851   3.810   1.00 26.57 ? 84  THR A OG1 1 
ATOM   529 C  CG2 . THR A 1 84 ? -0.522  6.206   3.337   1.00 25.37 ? 84  THR A CG2 1 
ATOM   530 N  N   . GLN A 1 85 ? -2.146  6.526   6.557   1.00 29.60 ? 85  GLN A N   1 
ATOM   531 C  CA  . GLN A 1 85 ? -2.867  7.670   7.117   1.00 30.11 ? 85  GLN A CA  1 
ATOM   532 C  C   . GLN A 1 85 ? -2.213  8.099   8.407   1.00 30.33 ? 85  GLN A C   1 
ATOM   533 O  O   . GLN A 1 85 ? -2.114  9.286   8.691   1.00 29.98 ? 85  GLN A O   1 
ATOM   534 C  CB  . GLN A 1 85 ? -4.344  7.333   7.341   1.00 30.29 ? 85  GLN A CB  1 
ATOM   535 C  CG  . GLN A 1 85 ? -5.133  7.067   6.022   1.00 30.85 ? 85  GLN A CG  1 
ATOM   536 C  CD  . GLN A 1 85 ? -6.564  6.595   6.250   1.00 31.02 ? 85  GLN A CD  1 
ATOM   537 O  OE1 . GLN A 1 85 ? -7.051  6.550   7.380   1.00 34.12 ? 85  GLN A OE1 1 
ATOM   538 N  NE2 . GLN A 1 85 ? -7.256  6.286   5.173   1.00 31.03 ? 85  GLN A NE2 1 
ATOM   539 N  N   . VAL A 1 86 ? -1.732  7.137   9.184   1.00 31.09 ? 86  VAL A N   1 
ATOM   540 C  CA  . VAL A 1 86 ? -1.042  7.476   10.413  1.00 31.85 ? 86  VAL A CA  1 
ATOM   541 C  C   . VAL A 1 86 ? 0.269   8.219   10.113  1.00 32.85 ? 86  VAL A C   1 
ATOM   542 O  O   . VAL A 1 86 ? 0.623   9.158   10.818  1.00 32.70 ? 86  VAL A O   1 
ATOM   543 C  CB  . VAL A 1 86 ? -0.750  6.249   11.283  1.00 32.07 ? 86  VAL A CB  1 
ATOM   544 C  CG1 . VAL A 1 86 ? 0.353   6.593   12.305  1.00 31.82 ? 86  VAL A CG1 1 
ATOM   545 C  CG2 . VAL A 1 86 ? -2.018  5.761   11.977  1.00 30.54 ? 86  VAL A CG2 1 
ATOM   546 N  N   . ILE A 1 87 ? 0.974   7.800   9.070   1.00 33.43 ? 87  ILE A N   1 
ATOM   547 C  CA  . ILE A 1 87 ? 2.147   8.541   8.590   1.00 34.47 ? 87  ILE A CA  1 
ATOM   548 C  C   . ILE A 1 87 ? 1.776   9.979   8.174   1.00 36.07 ? 87  ILE A C   1 
ATOM   549 O  O   . ILE A 1 87 ? 2.471   10.930  8.553   1.00 35.34 ? 87  ILE A O   1 
ATOM   550 C  CB  . ILE A 1 87 ? 2.802   7.842   7.395   1.00 33.99 ? 87  ILE A CB  1 
ATOM   551 C  CG1 . ILE A 1 87 ? 3.532   6.582   7.840   1.00 32.93 ? 87  ILE A CG1 1 
ATOM   552 C  CG2 . ILE A 1 87 ? 3.744   8.777   6.682   1.00 34.95 ? 87  ILE A CG2 1 
ATOM   553 C  CD1 . ILE A 1 87 ? 3.952   5.700   6.664   1.00 32.76 ? 87  ILE A CD1 1 
ATOM   554 N  N   . TRP A 1 88 ? 0.693   10.124  7.401   1.00 37.80 ? 88  TRP A N   1 
ATOM   555 C  CA  . TRP A 1 88 ? 0.217   11.440  6.943   1.00 39.58 ? 88  TRP A CA  1 
ATOM   556 C  C   . TRP A 1 88 ? -0.100  12.351  8.106   1.00 41.36 ? 88  TRP A C   1 
ATOM   557 O  O   . TRP A 1 88 ? 0.129   13.557  8.042   1.00 41.02 ? 88  TRP A O   1 
ATOM   558 C  CB  . TRP A 1 88 ? -1.061  11.326  6.104   1.00 39.56 ? 88  TRP A CB  1 
ATOM   559 C  CG  . TRP A 1 88 ? -0.959  10.585  4.819   1.00 41.16 ? 88  TRP A CG  1 
ATOM   560 C  CD1 . TRP A 1 88 ? -1.998  10.075  4.093   1.00 42.36 ? 88  TRP A CD1 1 
ATOM   561 C  CD2 . TRP A 1 88 ? 0.234   10.252  4.093   1.00 43.10 ? 88  TRP A CD2 1 
ATOM   562 N  NE1 . TRP A 1 88 ? -1.535  9.453   2.963   1.00 42.91 ? 88  TRP A NE1 1 
ATOM   563 C  CE2 . TRP A 1 88 ? -0.169  9.544   2.938   1.00 43.49 ? 88  TRP A CE2 1 
ATOM   564 C  CE3 . TRP A 1 88 ? 1.603   10.481  4.303   1.00 43.64 ? 88  TRP A CE3 1 
ATOM   565 C  CZ2 . TRP A 1 88 ? 0.749   9.062   1.999   1.00 43.76 ? 88  TRP A CZ2 1 
ATOM   566 C  CZ3 . TRP A 1 88 ? 2.515   9.988   3.365   1.00 43.70 ? 88  TRP A CZ3 1 
ATOM   567 C  CH2 . TRP A 1 88 ? 2.079   9.294   2.228   1.00 43.77 ? 88  TRP A CH2 1 
ATOM   568 N  N   . LEU A 1 89 ? -0.681  11.767  9.149   1.00 43.93 ? 89  LEU A N   1 
ATOM   569 C  CA  . LEU A 1 89 ? -1.018  12.509  10.364  1.00 46.07 ? 89  LEU A CA  1 
ATOM   570 C  C   . LEU A 1 89 ? 0.256   13.074  10.984  1.00 47.86 ? 89  LEU A C   1 
ATOM   571 O  O   . LEU A 1 89 ? 0.398   14.287  11.081  1.00 47.83 ? 89  LEU A O   1 
ATOM   572 C  CB  . LEU A 1 89 ? -1.766  11.617  11.373  1.00 46.07 ? 89  LEU A CB  1 
ATOM   573 C  CG  . LEU A 1 89 ? -3.306  11.525  11.377  1.00 46.73 ? 89  LEU A CG  1 
ATOM   574 C  CD1 . LEU A 1 89 ? -3.998  12.217  10.205  1.00 47.17 ? 89  LEU A CD1 1 
ATOM   575 C  CD2 . LEU A 1 89 ? -3.746  10.059  11.440  1.00 46.83 ? 89  LEU A CD2 1 
ATOM   576 N  N   . LYS A 1 90 ? 1.178   12.187  11.364  1.00 50.36 ? 90  LYS A N   1 
ATOM   577 C  CA  . LYS A 1 90 ? 2.465   12.572  11.964  1.00 52.60 ? 90  LYS A CA  1 
ATOM   578 C  C   . LYS A 1 90 ? 3.235   13.612  11.126  1.00 54.54 ? 90  LYS A C   1 
ATOM   579 O  O   . LYS A 1 90 ? 3.697   14.619  11.664  1.00 54.61 ? 90  LYS A O   1 
ATOM   580 C  CB  . LYS A 1 90 ? 3.363   11.339  12.199  1.00 52.68 ? 90  LYS A CB  1 
ATOM   581 C  CG  . LYS A 1 90 ? 2.798   10.236  13.128  1.00 53.27 ? 90  LYS A CG  1 
ATOM   582 C  CD  . LYS A 1 90 ? 2.439   10.707  14.546  1.00 54.72 ? 90  LYS A CD  1 
ATOM   583 C  CE  . LYS A 1 90 ? 3.689   11.047  15.411  1.00 55.89 ? 90  LYS A CE  1 
ATOM   584 N  NZ  . LYS A 1 90 ? 3.331   11.606  16.765  1.00 55.35 ? 90  LYS A NZ  1 
ATOM   585 N  N   . GLU A 1 91 ? 3.341   13.376  9.820   1.00 57.15 ? 91  GLU A N   1 
ATOM   586 C  CA  . GLU A 1 91 ? 4.114   14.239  8.920   1.00 59.39 ? 91  GLU A CA  1 
ATOM   587 C  C   . GLU A 1 91 ? 3.441   15.583  8.555   1.00 61.73 ? 91  GLU A C   1 
ATOM   588 O  O   . GLU A 1 91 ? 4.039   16.391  7.848   1.00 62.21 ? 91  GLU A O   1 
ATOM   589 C  CB  . GLU A 1 91 ? 4.483   13.477  7.636   1.00 59.20 ? 91  GLU A CB  1 
ATOM   590 N  N   . GLY A 1 92 ? 2.214   15.829  9.026   1.00 64.61 ? 92  GLY A N   1 
ATOM   591 C  CA  . GLY A 1 92 ? 1.473   17.071  8.696   1.00 66.45 ? 92  GLY A CA  1 
ATOM   592 C  C   . GLY A 1 92 ? 0.824   17.102  7.306   1.00 68.47 ? 92  GLY A C   1 
ATOM   593 O  O   . GLY A 1 92 ? 0.268   18.137  6.882   1.00 69.42 ? 92  GLY A O   1 
ATOM   594 N  N   . VAL A 1 93 ? 0.878   15.959  6.610   1.00 70.28 ? 93  VAL A N   1 
ATOM   595 C  CA  . VAL A 1 93 ? 0.318   15.798  5.267   1.00 71.31 ? 93  VAL A CA  1 
ATOM   596 C  C   . VAL A 1 93 ? -1.211  15.949  5.335   1.00 72.18 ? 93  VAL A C   1 
ATOM   597 O  O   . VAL A 1 93 ? -1.827  16.613  4.493   1.00 72.56 ? 93  VAL A O   1 
ATOM   598 C  CB  . VAL A 1 93 ? 0.696   14.395  4.658   1.00 71.54 ? 93  VAL A CB  1 
ATOM   599 C  CG1 . VAL A 1 93 ? 0.459   14.365  3.134   1.00 71.18 ? 93  VAL A CG1 1 
ATOM   600 C  CG2 . VAL A 1 93 ? 2.140   14.007  5.003   1.00 70.92 ? 93  VAL A CG2 1 
ATOM   601 N  N   . ILE A 1 94 ? -1.817  15.325  6.344   1.00 73.16 ? 94  ILE A N   1 
ATOM   602 C  CA  . ILE A 1 94 ? -3.239  15.532  6.624   1.00 73.87 ? 94  ILE A CA  1 
ATOM   603 C  C   . ILE A 1 94 ? -3.422  15.943  8.097   1.00 74.29 ? 94  ILE A C   1 
ATOM   604 O  O   . ILE A 1 94 ? -2.440  16.126  8.843   1.00 74.59 ? 94  ILE A O   1 
ATOM   605 C  CB  . ILE A 1 94 ? -4.134  14.280  6.215   1.00 74.02 ? 94  ILE A CB  1 
ATOM   606 C  CG1 . ILE A 1 94 ? -4.097  13.166  7.253   1.00 74.53 ? 94  ILE A CG1 1 
ATOM   607 C  CG2 . ILE A 1 94 ? -3.723  13.711  4.857   1.00 73.95 ? 94  ILE A CG2 1 
ATOM   608 C  CD1 . ILE A 1 94 ? -4.899  11.951  6.854   1.00 74.37 ? 94  ILE A CD1 1 
HETATM 609 ZN ZN  . ZN  B 2 .  ? 5.321   -4.419  -0.438  1.00 38.54 ? 97  ZN  A ZN  1 
HETATM 610 CA CA  . CA  C 3 .  ? 9.925   -10.669 -2.115  1.00 38.85 ? 98  CA  A CA  1 
HETATM 611 C  C1  . EDO D 4 .  ? 0.485   -16.685 -10.265 1.00 49.81 ? 99  EDO A C1  1 
HETATM 612 O  O1  . EDO D 4 .  ? 0.230   -17.150 -8.923  1.00 56.36 ? 99  EDO A O1  1 
HETATM 613 C  C2  . EDO D 4 .  ? 0.570   -15.158 -10.335 1.00 47.43 ? 99  EDO A C2  1 
HETATM 614 O  O2  . EDO D 4 .  ? -0.534  -14.513 -9.703  1.00 41.89 ? 99  EDO A O2  1 
HETATM 615 O  O   . HOH E 5 .  ? 2.988   0.054   -9.156  1.00 22.96 ? 100 HOH A O   1 
HETATM 616 O  O   . HOH E 5 .  ? -2.462  -9.448  -14.427 1.00 21.59 ? 101 HOH A O   1 
HETATM 617 O  O   . HOH E 5 .  ? -8.107  -8.937  -2.038  1.00 34.52 ? 102 HOH A O   1 
HETATM 618 O  O   . HOH E 5 .  ? 9.567   -0.899  1.218   1.00 30.29 ? 103 HOH A O   1 
HETATM 619 O  O   . HOH E 5 .  ? 4.447   -8.754  -8.988  1.00 31.25 ? 104 HOH A O   1 
HETATM 620 O  O   . HOH E 5 .  ? 9.034   -11.013 2.926   1.00 36.03 ? 105 HOH A O   1 
HETATM 621 O  O   . HOH E 5 .  ? 1.071   -7.934  -12.327 1.00 23.30 ? 106 HOH A O   1 
HETATM 622 O  O   . HOH E 5 .  ? 2.735   -9.192  -6.989  1.00 28.59 ? 107 HOH A O   1 
HETATM 623 O  O   . HOH E 5 .  ? 8.861   -9.491  -4.141  1.00 30.91 ? 108 HOH A O   1 
HETATM 624 O  O   . HOH E 5 .  ? -4.038  0.416   -10.325 1.00 38.76 ? 109 HOH A O   1 
HETATM 625 O  O   . HOH E 5 .  ? 9.691   -10.673 0.497   1.00 29.39 ? 110 HOH A O   1 
HETATM 626 O  O   . HOH E 5 .  ? 8.889   -6.672  -7.405  1.00 28.45 ? 111 HOH A O   1 
HETATM 627 O  O   . HOH E 5 .  ? 3.739   -8.064  -11.315 1.00 32.26 ? 112 HOH A O   1 
HETATM 628 O  O   . HOH E 5 .  ? -4.595  0.259   -6.025  1.00 37.70 ? 113 HOH A O   1 
HETATM 629 O  O   . HOH E 5 .  ? 11.611  -7.837  0.862   1.00 44.02 ? 114 HOH A O   1 
HETATM 630 O  O   . HOH E 5 .  ? 13.716  -6.675  -3.368  1.00 32.14 ? 115 HOH A O   1 
HETATM 631 O  O   . HOH E 5 .  ? -4.793  -12.386 -11.018 1.00 25.03 ? 116 HOH A O   1 
HETATM 632 O  O   . HOH E 5 .  ? -8.829  12.103  -0.899  1.00 37.60 ? 117 HOH A O   1 
HETATM 633 O  O   . HOH E 5 .  ? 11.742  -9.275  -1.502  1.00 26.03 ? 118 HOH A O   1 
HETATM 634 O  O   . HOH E 5 .  ? 13.094  -4.560  -6.494  1.00 39.47 ? 119 HOH A O   1 
HETATM 635 O  O   . HOH E 5 .  ? -2.771  -17.050 1.307   1.00 37.47 ? 120 HOH A O   1 
HETATM 636 O  O   . HOH E 5 .  ? 2.162   7.552   -6.234  1.00 36.69 ? 121 HOH A O   1 
HETATM 637 O  O   . HOH E 5 .  ? 6.571   1.428   -8.908  1.00 48.61 ? 122 HOH A O   1 
HETATM 638 O  O   . HOH E 5 .  ? -2.396  -9.162  8.469   1.00 56.44 ? 123 HOH A O   1 
HETATM 639 O  O   . HOH E 5 .  ? 1.196   -7.736  6.910   1.00 54.81 ? 124 HOH A O   1 
HETATM 640 O  O   . HOH E 5 .  ? 2.532   -14.661 2.272   1.00 53.23 ? 125 HOH A O   1 
HETATM 641 O  O   . HOH E 5 .  ? -1.764  -13.105 -12.408 1.00 32.33 ? 126 HOH A O   1 
HETATM 642 O  O   . HOH E 5 .  ? 0.320   -7.557  10.162  1.00 53.76 ? 127 HOH A O   1 
HETATM 643 O  O   . HOH E 5 .  ? 8.678   5.481   5.177   1.00 52.30 ? 128 HOH A O   1 
HETATM 644 O  O   . HOH E 5 .  ? -8.130  -15.709 -2.910  1.00 36.41 ? 129 HOH A O   1 
HETATM 645 O  O   . HOH E 5 .  ? -10.709 -9.410  -3.578  1.00 48.80 ? 130 HOH A O   1 
HETATM 646 O  O   . HOH E 5 .  ? -3.954  3.009   -7.392  1.00 42.16 ? 131 HOH A O   1 
HETATM 647 O  O   . HOH E 5 .  ? 13.330  -5.947  -8.461  1.00 31.35 ? 132 HOH A O   1 
HETATM 648 O  O   . HOH E 5 .  ? -0.321  16.499  -1.961  1.00 66.02 ? 133 HOH A O   1 
HETATM 649 O  O   . HOH E 5 .  ? -8.135  -19.839 0.172   1.00 63.06 ? 134 HOH A O   1 
HETATM 650 O  O   . HOH E 5 .  ? -5.057  -17.466 -4.715  1.00 46.84 ? 135 HOH A O   1 
HETATM 651 O  O   . HOH E 5 .  ? 6.715   11.121  8.124   1.00 36.92 ? 136 HOH A O   1 
HETATM 652 O  O   . HOH E 5 .  ? 3.253   -2.506  -9.977  1.00 33.16 ? 137 HOH A O   1 
HETATM 653 O  O   . HOH E 5 .  ? -8.013  12.921  -3.468  1.00 46.90 ? 138 HOH A O   1 
HETATM 654 O  O   . HOH E 5 .  ? 8.946   -3.454  -9.991  1.00 36.29 ? 139 HOH A O   1 
HETATM 655 O  O   . HOH E 5 .  ? -6.937  -6.371  -1.962  1.00 34.26 ? 140 HOH A O   1 
HETATM 656 O  O   . HOH E 5 .  ? 11.215  -1.155  8.945   1.00 68.72 ? 141 HOH A O   1 
HETATM 657 O  O   . HOH E 5 .  ? -15.568 6.173   -11.707 1.00 74.42 ? 142 HOH A O   1 
HETATM 658 O  O   . HOH E 5 .  ? 0.013   -5.062  6.381   1.00 41.77 ? 143 HOH A O   1 
# 
